data_8ATJ
# 
_entry.id   8ATJ 
# 
_audit_conform.dict_name       mmcif_pdbx.dic 
_audit_conform.dict_version    5.384 
_audit_conform.dict_location   http://mmcif.pdb.org/dictionaries/ascii/mmcif_pdbx.dic 
# 
loop_
_database_2.database_id 
_database_2.database_code 
_database_2.pdbx_database_accession 
_database_2.pdbx_DOI 
PDB   8ATJ         pdb_00008atj 10.2210/pdb8atj/pdb 
WWPDB D_1292124141 ?            ?                   
# 
loop_
_pdbx_audit_revision_history.ordinal 
_pdbx_audit_revision_history.data_content_type 
_pdbx_audit_revision_history.major_revision 
_pdbx_audit_revision_history.minor_revision 
_pdbx_audit_revision_history.revision_date 
1 'Structure model' 1 0 2022-11-30 
2 'Structure model' 1 1 2022-12-14 
3 'Structure model' 1 2 2024-01-31 
# 
_pdbx_audit_revision_details.ordinal             1 
_pdbx_audit_revision_details.revision_ordinal    1 
_pdbx_audit_revision_details.data_content_type   'Structure model' 
_pdbx_audit_revision_details.provider            repository 
_pdbx_audit_revision_details.type                'Initial release' 
_pdbx_audit_revision_details.description         ? 
_pdbx_audit_revision_details.details             ? 
# 
loop_
_pdbx_audit_revision_group.ordinal 
_pdbx_audit_revision_group.revision_ordinal 
_pdbx_audit_revision_group.data_content_type 
_pdbx_audit_revision_group.group 
1 2 'Structure model' 'Database references'    
2 3 'Structure model' 'Data collection'        
3 3 'Structure model' 'Database references'    
4 3 'Structure model' 'Refinement description' 
# 
loop_
_pdbx_audit_revision_category.ordinal 
_pdbx_audit_revision_category.revision_ordinal 
_pdbx_audit_revision_category.data_content_type 
_pdbx_audit_revision_category.category 
1 2 'Structure model' citation                      
2 2 'Structure model' citation_author               
3 3 'Structure model' chem_comp_atom                
4 3 'Structure model' chem_comp_bond                
5 3 'Structure model' citation                      
6 3 'Structure model' pdbx_initial_refinement_model 
# 
loop_
_pdbx_audit_revision_item.ordinal 
_pdbx_audit_revision_item.revision_ordinal 
_pdbx_audit_revision_item.data_content_type 
_pdbx_audit_revision_item.item 
1 2 'Structure model' '_citation.journal_abbrev'          
2 2 'Structure model' '_citation.journal_id_ISSN'         
3 2 'Structure model' '_citation.pdbx_database_id_DOI'    
4 2 'Structure model' '_citation.pdbx_database_id_PubMed' 
5 2 'Structure model' '_citation.title'                   
6 2 'Structure model' '_citation_author.identifier_ORCID' 
7 2 'Structure model' '_citation_author.name'             
8 3 'Structure model' '_citation.country'                 
# 
_pdbx_database_status.status_code                     REL 
_pdbx_database_status.status_code_sf                  REL 
_pdbx_database_status.status_code_mr                  ? 
_pdbx_database_status.entry_id                        8ATJ 
_pdbx_database_status.recvd_initial_deposition_date   2022-08-23 
_pdbx_database_status.SG_entry                        N 
_pdbx_database_status.deposit_site                    PDBE 
_pdbx_database_status.process_site                    PDBE 
_pdbx_database_status.status_code_cs                  ? 
_pdbx_database_status.status_code_nmr_data            ? 
_pdbx_database_status.methods_development_category    ? 
_pdbx_database_status.pdb_format_compatible           N 
# 
_pdbx_contact_author.id                 2 
_pdbx_contact_author.email              ibento@embl-hamburg.de 
_pdbx_contact_author.name_first         Isabel 
_pdbx_contact_author.name_last          Bento 
_pdbx_contact_author.name_mi            ? 
_pdbx_contact_author.role               'principal investigator/group leader' 
_pdbx_contact_author.identifier_ORCID   0000-0003-3801-4929 
# 
loop_
_audit_author.name 
_audit_author.pdbx_ordinal 
_audit_author.identifier_ORCID 
'Bento, I.'         1 0000-0003-3801-4929 
'Gracia Alai, M.'   2 0000-0003-3788-3399 
'Kreienkamp, J.-H.' 3 0000-0002-8871-9970 
# 
_citation.abstract                  ? 
_citation.abstract_id_CAS           ? 
_citation.book_id_ISBN              ? 
_citation.book_publisher            ? 
_citation.book_publisher_city       ? 
_citation.book_title                ? 
_citation.coordinate_linkage        ? 
_citation.country                   UK 
_citation.database_id_Medline       ? 
_citation.details                   ? 
_citation.id                        primary 
_citation.journal_abbrev            'Mol Psychiatry' 
_citation.journal_id_ASTM           ? 
_citation.journal_id_CSD            ? 
_citation.journal_id_ISSN           1476-5578 
_citation.journal_full              ? 
_citation.journal_issue             ? 
_citation.journal_volume            ? 
_citation.language                  ? 
_citation.page_first                ? 
_citation.page_last                 ? 
_citation.title                     
;Structural deficits in key domains of Shank2 lead to alterations in postsynaptic nanoclusters and to a neurodevelopmental disorder in humans.
;
_citation.year                      2022 
_citation.database_id_CSD           ? 
_citation.pdbx_database_id_DOI      10.1038/s41380-022-01882-3 
_citation.pdbx_database_id_PubMed   36450866 
_citation.pdbx_database_id_patent   ? 
_citation.unpublished_flag          ? 
# 
loop_
_citation_author.citation_id 
_citation_author.name 
_citation_author.ordinal 
_citation_author.identifier_ORCID 
primary 'Hassani Nia, F.'  1  ?                   
primary 'Woike, D.'        2  ?                   
primary 'Bento, I.'        3  ?                   
primary 'Niebling, S.'     4  ?                   
primary 'Tibbe, D.'        5  ?                   
primary 'Schulz, K.'       6  ?                   
primary 'Hirnet, D.'       7  ?                   
primary 'Skiba, M.'        8  ?                   
primary 'Honck, H.H.'      9  ?                   
primary 'Veith, K.'        10 ?                   
primary 'Gunther, C.'      11 ?                   
primary 'Scholz, T.'       12 ?                   
primary 'Bierhals, T.'     13 ?                   
primary 'Driemeyer, J.'    14 ?                   
primary 'Bend, R.'         15 ?                   
primary 'Failla, A.V.'     16 ?                   
primary 'Lohr, C.'         17 0000-0001-6518-6422 
primary 'Alai, M.G.'       18 ?                   
primary 'Kreienkamp, H.J.' 19 0000-0002-8871-9970 
# 
loop_
_entity.id 
_entity.type 
_entity.src_method 
_entity.pdbx_description 
_entity.formula_weight 
_entity.pdbx_number_of_molecules 
_entity.pdbx_ec 
_entity.pdbx_mutation 
_entity.pdbx_fragment 
_entity.details 
1 polymer     man 'Isoform 4 of SH3 and multiple ankyrin repeat domains protein 2' 8111.210 1  ? ? ? ? 
2 non-polymer syn 'FORMIC ACID'                                                    46.025   1  ? ? ? ? 
3 non-polymer syn 'CHLORIDE ION'                                                   35.453   1  ? ? ? ? 
4 non-polymer syn 'ZINC ION'                                                       65.409   1  ? ? ? ? 
5 water       nat water                                                            18.015   51 ? ? ? ? 
# 
_entity_name_com.entity_id   1 
_entity_name_com.name        'Shank2,Cortactin-binding protein 1,CortBP1,Proline-rich synapse-associated protein 1' 
# 
_entity_poly.entity_id                      1 
_entity_poly.type                           'polypeptide(L)' 
_entity_poly.nstd_linkage                   no 
_entity_poly.nstd_monomer                   no 
_entity_poly.pdbx_seq_one_letter_code       TKPVHLWTKPDVADWLESLNLGEHKEAFMDNEIDGSHLPNLQKEDLIDLGVTRVGHRMNIERALKQLLDR 
_entity_poly.pdbx_seq_one_letter_code_can   TKPVHLWTKPDVADWLESLNLGEHKEAFMDNEIDGSHLPNLQKEDLIDLGVTRVGHRMNIERALKQLLDR 
_entity_poly.pdbx_strand_id                 AAA 
_entity_poly.pdbx_target_identifier         ? 
# 
loop_
_pdbx_entity_nonpoly.entity_id 
_pdbx_entity_nonpoly.name 
_pdbx_entity_nonpoly.comp_id 
2 'FORMIC ACID'  FMT 
3 'CHLORIDE ION' CL  
4 'ZINC ION'     ZN  
5 water          HOH 
# 
loop_
_entity_poly_seq.entity_id 
_entity_poly_seq.num 
_entity_poly_seq.mon_id 
_entity_poly_seq.hetero 
1 1  THR n 
1 2  LYS n 
1 3  PRO n 
1 4  VAL n 
1 5  HIS n 
1 6  LEU n 
1 7  TRP n 
1 8  THR n 
1 9  LYS n 
1 10 PRO n 
1 11 ASP n 
1 12 VAL n 
1 13 ALA n 
1 14 ASP n 
1 15 TRP n 
1 16 LEU n 
1 17 GLU n 
1 18 SER n 
1 19 LEU n 
1 20 ASN n 
1 21 LEU n 
1 22 GLY n 
1 23 GLU n 
1 24 HIS n 
1 25 LYS n 
1 26 GLU n 
1 27 ALA n 
1 28 PHE n 
1 29 MET n 
1 30 ASP n 
1 31 ASN n 
1 32 GLU n 
1 33 ILE n 
1 34 ASP n 
1 35 GLY n 
1 36 SER n 
1 37 HIS n 
1 38 LEU n 
1 39 PRO n 
1 40 ASN n 
1 41 LEU n 
1 42 GLN n 
1 43 LYS n 
1 44 GLU n 
1 45 ASP n 
1 46 LEU n 
1 47 ILE n 
1 48 ASP n 
1 49 LEU n 
1 50 GLY n 
1 51 VAL n 
1 52 THR n 
1 53 ARG n 
1 54 VAL n 
1 55 GLY n 
1 56 HIS n 
1 57 ARG n 
1 58 MET n 
1 59 ASN n 
1 60 ILE n 
1 61 GLU n 
1 62 ARG n 
1 63 ALA n 
1 64 LEU n 
1 65 LYS n 
1 66 GLN n 
1 67 LEU n 
1 68 LEU n 
1 69 ASP n 
1 70 ARG n 
# 
_entity_src_gen.entity_id                          1 
_entity_src_gen.pdbx_src_id                        1 
_entity_src_gen.pdbx_alt_source_flag               sample 
_entity_src_gen.pdbx_seq_type                      'Biological sequence' 
_entity_src_gen.pdbx_beg_seq_num                   1 
_entity_src_gen.pdbx_end_seq_num                   70 
_entity_src_gen.gene_src_common_name               human 
_entity_src_gen.gene_src_genus                     ? 
_entity_src_gen.pdbx_gene_src_gene                 'SHANK2, CORTBP1, KIAA1022, PROSAP1' 
_entity_src_gen.gene_src_species                   ? 
_entity_src_gen.gene_src_strain                    ? 
_entity_src_gen.gene_src_tissue                    ? 
_entity_src_gen.gene_src_tissue_fraction           ? 
_entity_src_gen.gene_src_details                   ? 
_entity_src_gen.pdbx_gene_src_fragment             ? 
_entity_src_gen.pdbx_gene_src_scientific_name      'Homo sapiens' 
_entity_src_gen.pdbx_gene_src_ncbi_taxonomy_id     9606 
_entity_src_gen.pdbx_gene_src_variant              ? 
_entity_src_gen.pdbx_gene_src_cell_line            'HEK 193T' 
_entity_src_gen.pdbx_gene_src_atcc                 ? 
_entity_src_gen.pdbx_gene_src_organ                ? 
_entity_src_gen.pdbx_gene_src_organelle            ? 
_entity_src_gen.pdbx_gene_src_cell                 ? 
_entity_src_gen.pdbx_gene_src_cellular_location    ? 
_entity_src_gen.host_org_common_name               ? 
_entity_src_gen.pdbx_host_org_scientific_name      'Escherichia coli' 
_entity_src_gen.pdbx_host_org_ncbi_taxonomy_id     562 
_entity_src_gen.host_org_genus                     ? 
_entity_src_gen.pdbx_host_org_gene                 ? 
_entity_src_gen.pdbx_host_org_organ                ? 
_entity_src_gen.host_org_species                   ? 
_entity_src_gen.pdbx_host_org_tissue               ? 
_entity_src_gen.pdbx_host_org_tissue_fraction      ? 
_entity_src_gen.pdbx_host_org_strain               ? 
_entity_src_gen.pdbx_host_org_variant              ? 
_entity_src_gen.pdbx_host_org_cell_line            ? 
_entity_src_gen.pdbx_host_org_atcc                 ? 
_entity_src_gen.pdbx_host_org_culture_collection   ? 
_entity_src_gen.pdbx_host_org_cell                 ? 
_entity_src_gen.pdbx_host_org_organelle            ? 
_entity_src_gen.pdbx_host_org_cellular_location    ? 
_entity_src_gen.pdbx_host_org_vector_type          ? 
_entity_src_gen.pdbx_host_org_vector               ? 
_entity_src_gen.host_org_details                   ? 
_entity_src_gen.expression_system_id               ? 
_entity_src_gen.plasmid_name                       ? 
_entity_src_gen.plasmid_details                    ? 
_entity_src_gen.pdbx_description                   ? 
# 
loop_
_chem_comp.id 
_chem_comp.type 
_chem_comp.mon_nstd_flag 
_chem_comp.name 
_chem_comp.pdbx_synonyms 
_chem_comp.formula 
_chem_comp.formula_weight 
ALA 'L-peptide linking' y ALANINE         ? 'C3 H7 N O2'     89.093  
ARG 'L-peptide linking' y ARGININE        ? 'C6 H15 N4 O2 1' 175.209 
ASN 'L-peptide linking' y ASPARAGINE      ? 'C4 H8 N2 O3'    132.118 
ASP 'L-peptide linking' y 'ASPARTIC ACID' ? 'C4 H7 N O4'     133.103 
CL  non-polymer         . 'CHLORIDE ION'  ? 'Cl -1'          35.453  
FMT non-polymer         . 'FORMIC ACID'   ? 'C H2 O2'        46.025  
GLN 'L-peptide linking' y GLUTAMINE       ? 'C5 H10 N2 O3'   146.144 
GLU 'L-peptide linking' y 'GLUTAMIC ACID' ? 'C5 H9 N O4'     147.129 
GLY 'peptide linking'   y GLYCINE         ? 'C2 H5 N O2'     75.067  
HIS 'L-peptide linking' y HISTIDINE       ? 'C6 H10 N3 O2 1' 156.162 
HOH non-polymer         . WATER           ? 'H2 O'           18.015  
ILE 'L-peptide linking' y ISOLEUCINE      ? 'C6 H13 N O2'    131.173 
LEU 'L-peptide linking' y LEUCINE         ? 'C6 H13 N O2'    131.173 
LYS 'L-peptide linking' y LYSINE          ? 'C6 H15 N2 O2 1' 147.195 
MET 'L-peptide linking' y METHIONINE      ? 'C5 H11 N O2 S'  149.211 
PHE 'L-peptide linking' y PHENYLALANINE   ? 'C9 H11 N O2'    165.189 
PRO 'L-peptide linking' y PROLINE         ? 'C5 H9 N O2'     115.130 
SER 'L-peptide linking' y SERINE          ? 'C3 H7 N O3'     105.093 
THR 'L-peptide linking' y THREONINE       ? 'C4 H9 N O3'     119.119 
TRP 'L-peptide linking' y TRYPTOPHAN      ? 'C11 H12 N2 O2'  204.225 
VAL 'L-peptide linking' y VALINE          ? 'C5 H11 N O2'    117.146 
ZN  non-polymer         . 'ZINC ION'      ? 'Zn 2'           65.409  
# 
loop_
_pdbx_poly_seq_scheme.asym_id 
_pdbx_poly_seq_scheme.entity_id 
_pdbx_poly_seq_scheme.seq_id 
_pdbx_poly_seq_scheme.mon_id 
_pdbx_poly_seq_scheme.ndb_seq_num 
_pdbx_poly_seq_scheme.pdb_seq_num 
_pdbx_poly_seq_scheme.auth_seq_num 
_pdbx_poly_seq_scheme.pdb_mon_id 
_pdbx_poly_seq_scheme.auth_mon_id 
_pdbx_poly_seq_scheme.pdb_strand_id 
_pdbx_poly_seq_scheme.pdb_ins_code 
_pdbx_poly_seq_scheme.hetero 
A 1 1  THR 1  1780 1780 THR THR AAA . n 
A 1 2  LYS 2  1781 1781 LYS LYS AAA . n 
A 1 3  PRO 3  1782 1782 PRO PRO AAA . n 
A 1 4  VAL 4  1783 1783 VAL VAL AAA . n 
A 1 5  HIS 5  1784 1784 HIS HIS AAA . n 
A 1 6  LEU 6  1785 1785 LEU LEU AAA . n 
A 1 7  TRP 7  1786 1786 TRP TRP AAA . n 
A 1 8  THR 8  1787 1787 THR THR AAA . n 
A 1 9  LYS 9  1788 1788 LYS LYS AAA . n 
A 1 10 PRO 10 1789 1789 PRO PRO AAA . n 
A 1 11 ASP 11 1790 1790 ASP ASP AAA . n 
A 1 12 VAL 12 1791 1791 VAL VAL AAA . n 
A 1 13 ALA 13 1792 1792 ALA ALA AAA . n 
A 1 14 ASP 14 1793 1793 ASP ASP AAA . n 
A 1 15 TRP 15 1794 1794 TRP TRP AAA . n 
A 1 16 LEU 16 1795 1795 LEU LEU AAA . n 
A 1 17 GLU 17 1796 1796 GLU GLU AAA . n 
A 1 18 SER 18 1797 1797 SER SER AAA . n 
A 1 19 LEU 19 1798 1798 LEU LEU AAA . n 
A 1 20 ASN 20 1799 1799 ASN ASN AAA . n 
A 1 21 LEU 21 1800 1800 LEU LEU AAA . n 
A 1 22 GLY 22 1801 1801 GLY GLY AAA . n 
A 1 23 GLU 23 1802 1802 GLU GLU AAA . n 
A 1 24 HIS 24 1803 1803 HIS HIS AAA . n 
A 1 25 LYS 25 1804 1804 LYS LYS AAA . n 
A 1 26 GLU 26 1805 1805 GLU GLU AAA . n 
A 1 27 ALA 27 1806 1806 ALA ALA AAA . n 
A 1 28 PHE 28 1807 1807 PHE PHE AAA . n 
A 1 29 MET 29 1808 1808 MET MET AAA . n 
A 1 30 ASP 30 1809 1809 ASP ASP AAA . n 
A 1 31 ASN 31 1810 1810 ASN ASN AAA . n 
A 1 32 GLU 32 1811 1811 GLU GLU AAA . n 
A 1 33 ILE 33 1812 1812 ILE ILE AAA . n 
A 1 34 ASP 34 1813 1813 ASP ASP AAA . n 
A 1 35 GLY 35 1814 1814 GLY GLY AAA . n 
A 1 36 SER 36 1815 1815 SER SER AAA . n 
A 1 37 HIS 37 1816 1816 HIS HIS AAA . n 
A 1 38 LEU 38 1817 1817 LEU LEU AAA . n 
A 1 39 PRO 39 1818 1818 PRO PRO AAA . n 
A 1 40 ASN 40 1819 1819 ASN ASN AAA . n 
A 1 41 LEU 41 1820 1820 LEU LEU AAA . n 
A 1 42 GLN 42 1821 1821 GLN GLN AAA . n 
A 1 43 LYS 43 1822 1822 LYS LYS AAA . n 
A 1 44 GLU 44 1823 1823 GLU GLU AAA . n 
A 1 45 ASP 45 1824 1824 ASP ASP AAA . n 
A 1 46 LEU 46 1825 1825 LEU LEU AAA . n 
A 1 47 ILE 47 1826 1826 ILE ILE AAA . n 
A 1 48 ASP 48 1827 1827 ASP ASP AAA . n 
A 1 49 LEU 49 1828 1828 LEU LEU AAA . n 
A 1 50 GLY 50 1829 1829 GLY GLY AAA . n 
A 1 51 VAL 51 1830 1830 VAL VAL AAA . n 
A 1 52 THR 52 1831 1831 THR THR AAA . n 
A 1 53 ARG 53 1832 1832 ARG ARG AAA . n 
A 1 54 VAL 54 1833 1833 VAL VAL AAA . n 
A 1 55 GLY 55 1834 1834 GLY GLY AAA . n 
A 1 56 HIS 56 1835 1835 HIS HIS AAA . n 
A 1 57 ARG 57 1836 1836 ARG ARG AAA . n 
A 1 58 MET 58 1837 1837 MET MET AAA . n 
A 1 59 ASN 59 1838 1838 ASN ASN AAA . n 
A 1 60 ILE 60 1839 1839 ILE ILE AAA . n 
A 1 61 GLU 61 1840 1840 GLU GLU AAA . n 
A 1 62 ARG 62 1841 1841 ARG ARG AAA . n 
A 1 63 ALA 63 1842 1842 ALA ALA AAA . n 
A 1 64 LEU 64 1843 1843 LEU LEU AAA . n 
A 1 65 LYS 65 1844 1844 LYS LYS AAA . n 
A 1 66 GLN 66 1845 1845 GLN GLN AAA . n 
A 1 67 LEU 67 1846 1846 LEU LEU AAA . n 
A 1 68 LEU 68 1847 1847 LEU LEU AAA . n 
A 1 69 ASP 69 1848 1848 ASP ASP AAA . n 
A 1 70 ARG 70 1849 1849 ARG ARG AAA . n 
# 
loop_
_pdbx_nonpoly_scheme.asym_id 
_pdbx_nonpoly_scheme.entity_id 
_pdbx_nonpoly_scheme.mon_id 
_pdbx_nonpoly_scheme.ndb_seq_num 
_pdbx_nonpoly_scheme.pdb_seq_num 
_pdbx_nonpoly_scheme.auth_seq_num 
_pdbx_nonpoly_scheme.pdb_mon_id 
_pdbx_nonpoly_scheme.auth_mon_id 
_pdbx_nonpoly_scheme.pdb_strand_id 
_pdbx_nonpoly_scheme.pdb_ins_code 
B 2 FMT 1  1901 1880 FMT FMT AAA . 
C 3 CL  1  1902 1    CL  CL  AAA . 
D 4 ZN  1  1903 1    ZN  ZN  AAA . 
E 5 HOH 1  2001 44   HOH HOH AAA . 
E 5 HOH 2  2002 39   HOH HOH AAA . 
E 5 HOH 3  2003 41   HOH HOH AAA . 
E 5 HOH 4  2004 1    HOH HOH AAA . 
E 5 HOH 5  2005 40   HOH HOH AAA . 
E 5 HOH 6  2006 23   HOH HOH AAA . 
E 5 HOH 7  2007 14   HOH HOH AAA . 
E 5 HOH 8  2008 26   HOH HOH AAA . 
E 5 HOH 9  2009 34   HOH HOH AAA . 
E 5 HOH 10 2010 25   HOH HOH AAA . 
E 5 HOH 11 2011 29   HOH HOH AAA . 
E 5 HOH 12 2012 7    HOH HOH AAA . 
E 5 HOH 13 2013 11   HOH HOH AAA . 
E 5 HOH 14 2014 46   HOH HOH AAA . 
E 5 HOH 15 2015 16   HOH HOH AAA . 
E 5 HOH 16 2016 4    HOH HOH AAA . 
E 5 HOH 17 2017 6    HOH HOH AAA . 
E 5 HOH 18 2018 9    HOH HOH AAA . 
E 5 HOH 19 2019 8    HOH HOH AAA . 
E 5 HOH 20 2020 3    HOH HOH AAA . 
E 5 HOH 21 2021 33   HOH HOH AAA . 
E 5 HOH 22 2022 12   HOH HOH AAA . 
E 5 HOH 23 2023 5    HOH HOH AAA . 
E 5 HOH 24 2024 36   HOH HOH AAA . 
E 5 HOH 25 2025 21   HOH HOH AAA . 
E 5 HOH 26 2026 18   HOH HOH AAA . 
E 5 HOH 27 2027 15   HOH HOH AAA . 
E 5 HOH 28 2028 13   HOH HOH AAA . 
E 5 HOH 29 2029 2    HOH HOH AAA . 
E 5 HOH 30 2030 10   HOH HOH AAA . 
E 5 HOH 31 2031 50   HOH HOH AAA . 
E 5 HOH 32 2032 28   HOH HOH AAA . 
E 5 HOH 33 2033 51   HOH HOH AAA . 
E 5 HOH 34 2034 37   HOH HOH AAA . 
E 5 HOH 35 2035 47   HOH HOH AAA . 
E 5 HOH 36 2036 32   HOH HOH AAA . 
E 5 HOH 37 2037 38   HOH HOH AAA . 
E 5 HOH 38 2038 31   HOH HOH AAA . 
E 5 HOH 39 2039 22   HOH HOH AAA . 
E 5 HOH 40 2040 43   HOH HOH AAA . 
E 5 HOH 41 2041 48   HOH HOH AAA . 
E 5 HOH 42 2042 30   HOH HOH AAA . 
E 5 HOH 43 2043 27   HOH HOH AAA . 
E 5 HOH 44 2044 49   HOH HOH AAA . 
E 5 HOH 45 2045 24   HOH HOH AAA . 
E 5 HOH 46 2046 17   HOH HOH AAA . 
E 5 HOH 47 2047 35   HOH HOH AAA . 
E 5 HOH 48 2048 45   HOH HOH AAA . 
E 5 HOH 49 2049 42   HOH HOH AAA . 
E 5 HOH 50 2050 19   HOH HOH AAA . 
E 5 HOH 51 2051 20   HOH HOH AAA . 
# 
loop_
_software.citation_id 
_software.classification 
_software.compiler_name 
_software.compiler_version 
_software.contact_author 
_software.contact_author_email 
_software.date 
_software.description 
_software.dependencies 
_software.hardware 
_software.language 
_software.location 
_software.mods 
_software.name 
_software.os 
_software.os_version 
_software.type 
_software.version 
_software.pdbx_ordinal 
? refinement       ? ? ? ? ? ? ? ? ? ? ? REFMAC  ? ? ? 5.8.0267 1 
? 'data reduction' ? ? ? ? ? ? ? ? ? ? ? XDS     ? ? ? .        2 
? 'data scaling'   ? ? ? ? ? ? ? ? ? ? ? Aimless ? ? ? .        3 
? phasing          ? ? ? ? ? ? ? ? ? ? ? MOLREP  ? ? ? .        4 
# 
_cell.angle_alpha                  90.000 
_cell.angle_alpha_esd              ? 
_cell.angle_beta                   90.000 
_cell.angle_beta_esd               ? 
_cell.angle_gamma                  120.000 
_cell.angle_gamma_esd              ? 
_cell.entry_id                     8ATJ 
_cell.details                      ? 
_cell.formula_units_Z              ? 
_cell.length_a                     57.490 
_cell.length_a_esd                 ? 
_cell.length_b                     57.490 
_cell.length_b_esd                 ? 
_cell.length_c                     48.033 
_cell.length_c_esd                 ? 
_cell.volume                       ? 
_cell.volume_esd                   ? 
_cell.Z_PDB                        6 
_cell.reciprocal_angle_alpha       ? 
_cell.reciprocal_angle_beta        ? 
_cell.reciprocal_angle_gamma       ? 
_cell.reciprocal_angle_alpha_esd   ? 
_cell.reciprocal_angle_beta_esd    ? 
_cell.reciprocal_angle_gamma_esd   ? 
_cell.reciprocal_length_a          ? 
_cell.reciprocal_length_b          ? 
_cell.reciprocal_length_c          ? 
_cell.reciprocal_length_a_esd      ? 
_cell.reciprocal_length_b_esd      ? 
_cell.reciprocal_length_c_esd      ? 
_cell.pdbx_unique_axis             ? 
_cell.pdbx_esd_method              ? 
# 
_symmetry.entry_id                         8ATJ 
_symmetry.cell_setting                     ? 
_symmetry.Int_Tables_number                170 
_symmetry.space_group_name_Hall            ? 
_symmetry.space_group_name_H-M             'P 65' 
_symmetry.pdbx_full_space_group_name_H-M   ? 
# 
_exptl.absorpt_coefficient_mu     ? 
_exptl.absorpt_correction_T_max   ? 
_exptl.absorpt_correction_T_min   ? 
_exptl.absorpt_correction_type    ? 
_exptl.absorpt_process_details    ? 
_exptl.entry_id                   8ATJ 
_exptl.crystals_number            1 
_exptl.details                    ? 
_exptl.method                     'X-RAY DIFFRACTION' 
_exptl.method_details             ? 
# 
_exptl_crystal.colour                       ? 
_exptl_crystal.density_diffrn               ? 
_exptl_crystal.density_Matthews             2.82 
_exptl_crystal.density_method               ? 
_exptl_crystal.density_percent_sol          56.46 
_exptl_crystal.description                  ? 
_exptl_crystal.F_000                        ? 
_exptl_crystal.id                           1 
_exptl_crystal.preparation                  ? 
_exptl_crystal.size_max                     ? 
_exptl_crystal.size_mid                     ? 
_exptl_crystal.size_min                     ? 
_exptl_crystal.size_rad                     ? 
_exptl_crystal.colour_lustre                ? 
_exptl_crystal.colour_modifier              ? 
_exptl_crystal.colour_primary               ? 
_exptl_crystal.density_meas                 ? 
_exptl_crystal.density_meas_esd             ? 
_exptl_crystal.density_meas_gt              ? 
_exptl_crystal.density_meas_lt              ? 
_exptl_crystal.density_meas_temp            ? 
_exptl_crystal.density_meas_temp_esd        ? 
_exptl_crystal.density_meas_temp_gt         ? 
_exptl_crystal.density_meas_temp_lt         ? 
_exptl_crystal.pdbx_crystal_image_url       ? 
_exptl_crystal.pdbx_crystal_image_format    ? 
_exptl_crystal.pdbx_mosaicity               ? 
_exptl_crystal.pdbx_mosaicity_esd           ? 
_exptl_crystal.pdbx_mosaic_method           ? 
_exptl_crystal.pdbx_mosaic_block_size       ? 
_exptl_crystal.pdbx_mosaic_block_size_esd   ? 
# 
_exptl_crystal_grow.apparatus       ? 
_exptl_crystal_grow.atmosphere      ? 
_exptl_crystal_grow.crystal_id      1 
_exptl_crystal_grow.details         ? 
_exptl_crystal_grow.method          'VAPOR DIFFUSION, SITTING DROP' 
_exptl_crystal_grow.method_ref      ? 
_exptl_crystal_grow.pH              ? 
_exptl_crystal_grow.pressure        ? 
_exptl_crystal_grow.pressure_esd    ? 
_exptl_crystal_grow.seeding         ? 
_exptl_crystal_grow.seeding_ref     ? 
_exptl_crystal_grow.temp            292 
_exptl_crystal_grow.temp_details    ? 
_exptl_crystal_grow.temp_esd        ? 
_exptl_crystal_grow.time            ? 
_exptl_crystal_grow.pdbx_details    '0.1M Bis Tris pH5.5, 0.3M of Magnesium formate' 
_exptl_crystal_grow.pdbx_pH_range   ? 
# 
_diffrn.ambient_environment              ? 
_diffrn.ambient_temp                     100 
_diffrn.ambient_temp_details             ? 
_diffrn.ambient_temp_esd                 ? 
_diffrn.crystal_id                       1 
_diffrn.crystal_support                  ? 
_diffrn.crystal_treatment                ? 
_diffrn.details                          ? 
_diffrn.id                               1 
_diffrn.ambient_pressure                 ? 
_diffrn.ambient_pressure_esd             ? 
_diffrn.ambient_pressure_gt              ? 
_diffrn.ambient_pressure_lt              ? 
_diffrn.ambient_temp_gt                  ? 
_diffrn.ambient_temp_lt                  ? 
_diffrn.pdbx_serial_crystal_experiment   N 
# 
_diffrn_detector.details                      ? 
_diffrn_detector.detector                     PIXEL 
_diffrn_detector.diffrn_id                    1 
_diffrn_detector.type                         'DECTRIS EIGER X 16M' 
_diffrn_detector.area_resol_mean              ? 
_diffrn_detector.dtime                        ? 
_diffrn_detector.pdbx_frames_total            ? 
_diffrn_detector.pdbx_collection_time_total   ? 
_diffrn_detector.pdbx_collection_date         2021-03-11 
_diffrn_detector.pdbx_frequency               ? 
# 
_diffrn_radiation.collimation                      ? 
_diffrn_radiation.diffrn_id                        1 
_diffrn_radiation.filter_edge                      ? 
_diffrn_radiation.inhomogeneity                    ? 
_diffrn_radiation.monochromator                    ? 
_diffrn_radiation.polarisn_norm                    ? 
_diffrn_radiation.polarisn_ratio                   ? 
_diffrn_radiation.probe                            ? 
_diffrn_radiation.type                             ? 
_diffrn_radiation.xray_symbol                      ? 
_diffrn_radiation.wavelength_id                    1 
_diffrn_radiation.pdbx_monochromatic_or_laue_m_l   M 
_diffrn_radiation.pdbx_wavelength_list             ? 
_diffrn_radiation.pdbx_wavelength                  ? 
_diffrn_radiation.pdbx_diffrn_protocol             'SINGLE WAVELENGTH' 
_diffrn_radiation.pdbx_analyzer                    ? 
_diffrn_radiation.pdbx_scattering_type             x-ray 
# 
_diffrn_radiation_wavelength.id           1 
_diffrn_radiation_wavelength.wavelength   0.9762 
_diffrn_radiation_wavelength.wt           1.0 
# 
_diffrn_source.current                     ? 
_diffrn_source.details                     ? 
_diffrn_source.diffrn_id                   1 
_diffrn_source.power                       ? 
_diffrn_source.size                        ? 
_diffrn_source.source                      SYNCHROTRON 
_diffrn_source.target                      ? 
_diffrn_source.type                        'PETRA III, EMBL c/o DESY BEAMLINE P14 (MX2)' 
_diffrn_source.voltage                     ? 
_diffrn_source.take-off_angle              ? 
_diffrn_source.pdbx_wavelength_list        0.9762 
_diffrn_source.pdbx_wavelength             ? 
_diffrn_source.pdbx_synchrotron_beamline   'P14 (MX2)' 
_diffrn_source.pdbx_synchrotron_site       'PETRA III, EMBL c/o DESY' 
# 
_reflns.B_iso_Wilson_estimate                          ? 
_reflns.entry_id                                       8ATJ 
_reflns.data_reduction_details                         ? 
_reflns.data_reduction_method                          ? 
_reflns.d_resolution_high                              2.1 
_reflns.d_resolution_low                               49.8 
_reflns.details                                        ? 
_reflns.limit_h_max                                    ? 
_reflns.limit_h_min                                    ? 
_reflns.limit_k_max                                    ? 
_reflns.limit_k_min                                    ? 
_reflns.limit_l_max                                    ? 
_reflns.limit_l_min                                    ? 
_reflns.number_all                                     ? 
_reflns.number_obs                                     5201 
_reflns.observed_criterion                             ? 
_reflns.observed_criterion_F_max                       ? 
_reflns.observed_criterion_F_min                       ? 
_reflns.observed_criterion_I_max                       ? 
_reflns.observed_criterion_I_min                       ? 
_reflns.observed_criterion_sigma_F                     ? 
_reflns.observed_criterion_sigma_I                     ? 
_reflns.percent_possible_obs                           99.92 
_reflns.R_free_details                                 ? 
_reflns.Rmerge_F_all                                   ? 
_reflns.Rmerge_F_obs                                   ? 
_reflns.Friedel_coverage                               ? 
_reflns.number_gt                                      ? 
_reflns.threshold_expression                           ? 
_reflns.pdbx_redundancy                                19.8 
_reflns.pdbx_Rmerge_I_obs                              0.2587 
_reflns.pdbx_Rmerge_I_all                              ? 
_reflns.pdbx_Rsym_value                                ? 
_reflns.pdbx_netI_over_av_sigmaI                       ? 
_reflns.pdbx_netI_over_sigmaI                          10.07 
_reflns.pdbx_res_netI_over_av_sigmaI_2                 ? 
_reflns.pdbx_res_netI_over_sigmaI_2                    ? 
_reflns.pdbx_chi_squared                               ? 
_reflns.pdbx_scaling_rejects                           ? 
_reflns.pdbx_d_res_high_opt                            ? 
_reflns.pdbx_d_res_low_opt                             ? 
_reflns.pdbx_d_res_opt_method                          ? 
_reflns.phase_calculation_details                      ? 
_reflns.pdbx_Rrim_I_all                                ? 
_reflns.pdbx_Rpim_I_all                                0.05916 
_reflns.pdbx_d_opt                                     ? 
_reflns.pdbx_number_measured_all                       ? 
_reflns.pdbx_diffrn_id                                 1 
_reflns.pdbx_ordinal                                   1 
_reflns.pdbx_CC_half                                   0.996 
_reflns.pdbx_CC_star                                   ? 
_reflns.pdbx_R_split                                   ? 
_reflns.pdbx_aniso_diffraction_limit_axis_1_ortho[1]   ? 
_reflns.pdbx_aniso_diffraction_limit_axis_1_ortho[2]   ? 
_reflns.pdbx_aniso_diffraction_limit_axis_1_ortho[3]   ? 
_reflns.pdbx_aniso_diffraction_limit_axis_2_ortho[1]   ? 
_reflns.pdbx_aniso_diffraction_limit_axis_2_ortho[2]   ? 
_reflns.pdbx_aniso_diffraction_limit_axis_2_ortho[3]   ? 
_reflns.pdbx_aniso_diffraction_limit_axis_3_ortho[1]   ? 
_reflns.pdbx_aniso_diffraction_limit_axis_3_ortho[2]   ? 
_reflns.pdbx_aniso_diffraction_limit_axis_3_ortho[3]   ? 
_reflns.pdbx_aniso_diffraction_limit_1                 ? 
_reflns.pdbx_aniso_diffraction_limit_2                 ? 
_reflns.pdbx_aniso_diffraction_limit_3                 ? 
_reflns.pdbx_aniso_B_tensor_eigenvector_1_ortho[1]     ? 
_reflns.pdbx_aniso_B_tensor_eigenvector_1_ortho[2]     ? 
_reflns.pdbx_aniso_B_tensor_eigenvector_1_ortho[3]     ? 
_reflns.pdbx_aniso_B_tensor_eigenvector_2_ortho[1]     ? 
_reflns.pdbx_aniso_B_tensor_eigenvector_2_ortho[2]     ? 
_reflns.pdbx_aniso_B_tensor_eigenvector_2_ortho[3]     ? 
_reflns.pdbx_aniso_B_tensor_eigenvector_3_ortho[1]     ? 
_reflns.pdbx_aniso_B_tensor_eigenvector_3_ortho[2]     ? 
_reflns.pdbx_aniso_B_tensor_eigenvector_3_ortho[3]     ? 
_reflns.pdbx_aniso_B_tensor_eigenvalue_1               ? 
_reflns.pdbx_aniso_B_tensor_eigenvalue_2               ? 
_reflns.pdbx_aniso_B_tensor_eigenvalue_3               ? 
_reflns.pdbx_orthogonalization_convention              ? 
_reflns.pdbx_percent_possible_ellipsoidal              ? 
_reflns.pdbx_percent_possible_spherical                ? 
_reflns.pdbx_percent_possible_ellipsoidal_anomalous    ? 
_reflns.pdbx_percent_possible_spherical_anomalous      ? 
_reflns.pdbx_redundancy_anomalous                      ? 
_reflns.pdbx_CC_half_anomalous                         ? 
_reflns.pdbx_absDiff_over_sigma_anomalous              ? 
_reflns.pdbx_percent_possible_anomalous                ? 
_reflns.pdbx_observed_signal_threshold                 ? 
_reflns.pdbx_signal_type                               ? 
_reflns.pdbx_signal_details                            ? 
_reflns.pdbx_signal_software_id                        ? 
_reflns.pdbx_CC_split_method                           ? 
# 
_reflns_shell.d_res_high                                    2.10 
_reflns_shell.d_res_low                                     2.16 
_reflns_shell.meanI_over_sigI_all                           ? 
_reflns_shell.meanI_over_sigI_obs                           1.61 
_reflns_shell.number_measured_all                           ? 
_reflns_shell.number_measured_obs                           ? 
_reflns_shell.number_possible                               ? 
_reflns_shell.number_unique_all                             ? 
_reflns_shell.number_unique_obs                             516 
_reflns_shell.percent_possible_all                          100 
_reflns_shell.percent_possible_obs                          ? 
_reflns_shell.Rmerge_F_all                                  ? 
_reflns_shell.Rmerge_F_obs                                  ? 
_reflns_shell.Rmerge_I_all                                  ? 
_reflns_shell.Rmerge_I_obs                                  1.42 
_reflns_shell.meanI_over_sigI_gt                            ? 
_reflns_shell.meanI_over_uI_all                             ? 
_reflns_shell.meanI_over_uI_gt                              ? 
_reflns_shell.number_measured_gt                            ? 
_reflns_shell.number_unique_gt                              ? 
_reflns_shell.percent_possible_gt                           ? 
_reflns_shell.Rmerge_F_gt                                   ? 
_reflns_shell.Rmerge_I_gt                                   ? 
_reflns_shell.pdbx_redundancy                               19.7 
_reflns_shell.pdbx_Rsym_value                               ? 
_reflns_shell.pdbx_chi_squared                              ? 
_reflns_shell.pdbx_netI_over_sigmaI_all                     ? 
_reflns_shell.pdbx_netI_over_sigmaI_obs                     ? 
_reflns_shell.pdbx_Rrim_I_all                               ? 
_reflns_shell.pdbx_Rpim_I_all                               0.3268 
_reflns_shell.pdbx_rejects                                  ? 
_reflns_shell.pdbx_ordinal                                  1 
_reflns_shell.pdbx_diffrn_id                                1 
_reflns_shell.pdbx_CC_half                                  0.568 
_reflns_shell.pdbx_CC_star                                  ? 
_reflns_shell.pdbx_R_split                                  ? 
_reflns_shell.pdbx_percent_possible_ellipsoidal             ? 
_reflns_shell.pdbx_percent_possible_spherical               ? 
_reflns_shell.pdbx_percent_possible_ellipsoidal_anomalous   ? 
_reflns_shell.pdbx_percent_possible_spherical_anomalous     ? 
_reflns_shell.pdbx_redundancy_anomalous                     ? 
_reflns_shell.pdbx_CC_half_anomalous                        ? 
_reflns_shell.pdbx_absDiff_over_sigma_anomalous             ? 
_reflns_shell.pdbx_percent_possible_anomalous               ? 
# 
_refine.aniso_B[1][1]                            0.269 
_refine.aniso_B[1][2]                            0.135 
_refine.aniso_B[1][3]                            0.000 
_refine.aniso_B[2][2]                            0.269 
_refine.aniso_B[2][3]                            -0.000 
_refine.aniso_B[3][3]                            -0.873 
_refine.B_iso_max                                ? 
_refine.B_iso_mean                               38.747 
_refine.B_iso_min                                ? 
_refine.correlation_coeff_Fo_to_Fc               0.957 
_refine.correlation_coeff_Fo_to_Fc_free          0.926 
_refine.details                                  'Hydrogens have been added in their riding positions' 
_refine.diff_density_max                         ? 
_refine.diff_density_max_esd                     ? 
_refine.diff_density_min                         ? 
_refine.diff_density_min_esd                     ? 
_refine.diff_density_rms                         ? 
_refine.diff_density_rms_esd                     ? 
_refine.entry_id                                 8ATJ 
_refine.pdbx_refine_id                           'X-RAY DIFFRACTION' 
_refine.ls_abs_structure_details                 ? 
_refine.ls_abs_structure_Flack                   ? 
_refine.ls_abs_structure_Flack_esd               ? 
_refine.ls_abs_structure_Rogers                  ? 
_refine.ls_abs_structure_Rogers_esd              ? 
_refine.ls_d_res_high                            2.117 
_refine.ls_d_res_low                             49.788 
_refine.ls_extinction_coef                       ? 
_refine.ls_extinction_coef_esd                   ? 
_refine.ls_extinction_expression                 ? 
_refine.ls_extinction_method                     ? 
_refine.ls_goodness_of_fit_all                   ? 
_refine.ls_goodness_of_fit_all_esd               ? 
_refine.ls_goodness_of_fit_obs                   ? 
_refine.ls_goodness_of_fit_obs_esd               ? 
_refine.ls_hydrogen_treatment                    ? 
_refine.ls_matrix_type                           ? 
_refine.ls_number_constraints                    ? 
_refine.ls_number_parameters                     ? 
_refine.ls_number_reflns_all                     ? 
_refine.ls_number_reflns_obs                     5122 
_refine.ls_number_reflns_R_free                  247 
_refine.ls_number_reflns_R_work                  4875 
_refine.ls_number_restraints                     ? 
_refine.ls_percent_reflns_obs                    98.085 
_refine.ls_percent_reflns_R_free                 4.822 
_refine.ls_R_factor_all                          0.198 
_refine.ls_R_factor_obs                          ? 
_refine.ls_R_factor_R_free                       0.2517 
_refine.ls_R_factor_R_free_error                 ? 
_refine.ls_R_factor_R_free_error_details         ? 
_refine.ls_R_factor_R_work                       0.1956 
_refine.ls_R_Fsqd_factor_obs                     ? 
_refine.ls_R_I_factor_obs                        ? 
_refine.ls_redundancy_reflns_all                 ? 
_refine.ls_redundancy_reflns_obs                 ? 
_refine.ls_restrained_S_all                      ? 
_refine.ls_restrained_S_obs                      ? 
_refine.ls_shift_over_esd_max                    ? 
_refine.ls_shift_over_esd_mean                   ? 
_refine.ls_structure_factor_coef                 ? 
_refine.ls_weighting_details                     ? 
_refine.ls_weighting_scheme                      ? 
_refine.ls_wR_factor_all                         ? 
_refine.ls_wR_factor_obs                         ? 
_refine.ls_wR_factor_R_free                      ? 
_refine.ls_wR_factor_R_work                      ? 
_refine.occupancy_max                            ? 
_refine.occupancy_min                            ? 
_refine.solvent_model_details                    'MASK BULK SOLVENT' 
_refine.solvent_model_param_bsol                 ? 
_refine.solvent_model_param_ksol                 ? 
_refine.pdbx_R_complete                          ? 
_refine.ls_R_factor_gt                           ? 
_refine.ls_goodness_of_fit_gt                    ? 
_refine.ls_goodness_of_fit_ref                   ? 
_refine.ls_shift_over_su_max                     ? 
_refine.ls_shift_over_su_max_lt                  ? 
_refine.ls_shift_over_su_mean                    ? 
_refine.ls_shift_over_su_mean_lt                 ? 
_refine.pdbx_ls_sigma_I                          ? 
_refine.pdbx_ls_sigma_F                          ? 
_refine.pdbx_ls_sigma_Fsqd                       ? 
_refine.pdbx_data_cutoff_high_absF               ? 
_refine.pdbx_data_cutoff_high_rms_absF           ? 
_refine.pdbx_data_cutoff_low_absF                ? 
_refine.pdbx_isotropic_thermal_model             ? 
_refine.pdbx_ls_cross_valid_method               'FREE R-VALUE' 
_refine.pdbx_method_to_determine_struct          'MOLECULAR REPLACEMENT' 
_refine.pdbx_starting_model                      2F44 
_refine.pdbx_stereochemistry_target_values       ? 
_refine.pdbx_R_Free_selection_details            ? 
_refine.pdbx_stereochem_target_val_spec_case     ? 
_refine.pdbx_overall_ESU_R                       0.218 
_refine.pdbx_overall_ESU_R_Free                  0.196 
_refine.pdbx_solvent_vdw_probe_radii             1.200 
_refine.pdbx_solvent_ion_probe_radii             0.800 
_refine.pdbx_solvent_shrinkage_radii             0.800 
_refine.pdbx_real_space_R                        ? 
_refine.pdbx_density_correlation                 ? 
_refine.pdbx_pd_number_of_powder_patterns        ? 
_refine.pdbx_pd_number_of_points                 ? 
_refine.pdbx_pd_meas_number_of_points            ? 
_refine.pdbx_pd_proc_ls_prof_R_factor            ? 
_refine.pdbx_pd_proc_ls_prof_wR_factor           ? 
_refine.pdbx_pd_Marquardt_correlation_coeff      ? 
_refine.pdbx_pd_Fsqrd_R_factor                   ? 
_refine.pdbx_pd_ls_matrix_band_width             ? 
_refine.pdbx_overall_phase_error                 ? 
_refine.pdbx_overall_SU_R_free_Cruickshank_DPI   ? 
_refine.pdbx_overall_SU_R_free_Blow_DPI          ? 
_refine.pdbx_overall_SU_R_Blow_DPI               ? 
_refine.pdbx_TLS_residual_ADP_flag               ? 
_refine.pdbx_diffrn_id                           1 
_refine.overall_SU_B                             8.048 
_refine.overall_SU_ML                            0.186 
_refine.overall_SU_R_Cruickshank_DPI             ? 
_refine.overall_SU_R_free                        ? 
_refine.overall_FOM_free_R_set                   ? 
_refine.overall_FOM_work_R_set                   ? 
_refine.pdbx_average_fsc_overall                 ? 
_refine.pdbx_average_fsc_work                    ? 
_refine.pdbx_average_fsc_free                    ? 
# 
_refine_hist.pdbx_refine_id                   'X-RAY DIFFRACTION' 
_refine_hist.cycle_id                         LAST 
_refine_hist.details                          ? 
_refine_hist.d_res_high                       2.117 
_refine_hist.d_res_low                        49.788 
_refine_hist.number_atoms_solvent             51 
_refine_hist.number_atoms_total               626 
_refine_hist.number_reflns_all                ? 
_refine_hist.number_reflns_obs                ? 
_refine_hist.number_reflns_R_free             ? 
_refine_hist.number_reflns_R_work             ? 
_refine_hist.R_factor_all                     ? 
_refine_hist.R_factor_obs                     ? 
_refine_hist.R_factor_R_free                  ? 
_refine_hist.R_factor_R_work                  ? 
_refine_hist.pdbx_number_residues_total       ? 
_refine_hist.pdbx_B_iso_mean_ligand           ? 
_refine_hist.pdbx_B_iso_mean_solvent          ? 
_refine_hist.pdbx_number_atoms_protein        570 
_refine_hist.pdbx_number_atoms_nucleic_acid   0 
_refine_hist.pdbx_number_atoms_ligand         5 
_refine_hist.pdbx_number_atoms_lipid          ? 
_refine_hist.pdbx_number_atoms_carb           ? 
_refine_hist.pdbx_pseudo_atom_details         ? 
# 
loop_
_refine_ls_restr.pdbx_refine_id 
_refine_ls_restr.criterion 
_refine_ls_restr.dev_ideal 
_refine_ls_restr.dev_ideal_target 
_refine_ls_restr.number 
_refine_ls_restr.rejects 
_refine_ls_restr.type 
_refine_ls_restr.weight 
_refine_ls_restr.pdbx_restraint_function 
'X-RAY DIFFRACTION' ? 0.008  0.013  583  ? r_bond_refined_d               ? ? 
'X-RAY DIFFRACTION' ? 0.001  0.017  559  ? r_bond_other_d                 ? ? 
'X-RAY DIFFRACTION' ? 1.488  1.637  787  ? r_angle_refined_deg            ? ? 
'X-RAY DIFFRACTION' ? 1.220  1.598  1290 ? r_angle_other_deg              ? ? 
'X-RAY DIFFRACTION' ? 5.684  5.000  69   ? r_dihedral_angle_1_deg         ? ? 
'X-RAY DIFFRACTION' ? 42.586 23.235 34   ? r_dihedral_angle_2_deg         ? ? 
'X-RAY DIFFRACTION' ? 14.627 15.000 109  ? r_dihedral_angle_3_deg         ? ? 
'X-RAY DIFFRACTION' ? 22.922 15.000 4    ? r_dihedral_angle_4_deg         ? ? 
'X-RAY DIFFRACTION' ? 0.075  0.200  72   ? r_chiral_restr                 ? ? 
'X-RAY DIFFRACTION' ? 0.007  0.020  656  ? r_gen_planes_refined           ? ? 
'X-RAY DIFFRACTION' ? 0.001  0.020  124  ? r_gen_planes_other             ? ? 
'X-RAY DIFFRACTION' ? 0.214  0.200  136  ? r_nbd_refined                  ? ? 
'X-RAY DIFFRACTION' ? 0.177  0.200  522  ? r_symmetry_nbd_other           ? ? 
'X-RAY DIFFRACTION' ? 0.150  0.200  273  ? r_nbtor_refined                ? ? 
'X-RAY DIFFRACTION' ? 0.078  0.200  256  ? r_symmetry_nbtor_other         ? ? 
'X-RAY DIFFRACTION' ? 0.249  0.200  35   ? r_xyhbond_nbd_refined          ? ? 
'X-RAY DIFFRACTION' ? 0.075  0.200  1    ? r_symmetry_xyhbond_nbd_other   ? ? 
'X-RAY DIFFRACTION' ? 0.249  0.200  2    ? r_metal_ion_refined            ? ? 
'X-RAY DIFFRACTION' ? 0.248  0.200  6    ? r_symmetry_nbd_refined         ? ? 
'X-RAY DIFFRACTION' ? 0.125  0.200  28   ? r_nbd_other                    ? ? 
'X-RAY DIFFRACTION' ? 0.164  0.200  7    ? r_symmetry_xyhbond_nbd_refined ? ? 
'X-RAY DIFFRACTION' ? 2.641  3.793  279  ? r_mcbond_it                    ? ? 
'X-RAY DIFFRACTION' ? 2.640  3.792  280  ? r_mcbond_other                 ? ? 
'X-RAY DIFFRACTION' ? 3.774  5.662  347  ? r_mcangle_it                   ? ? 
'X-RAY DIFFRACTION' ? 3.769  5.680  348  ? r_mcangle_other                ? ? 
'X-RAY DIFFRACTION' ? 3.546  4.297  304  ? r_scbond_it                    ? ? 
'X-RAY DIFFRACTION' ? 3.521  4.305  302  ? r_scbond_other                 ? ? 
'X-RAY DIFFRACTION' ? 5.495  6.276  440  ? r_scangle_it                   ? ? 
'X-RAY DIFFRACTION' ? 5.497  6.272  441  ? r_scangle_other                ? ? 
'X-RAY DIFFRACTION' ? 7.996  45.479 665  ? r_lrange_it                    ? ? 
'X-RAY DIFFRACTION' ? 7.996  45.153 657  ? r_lrange_other                 ? ? 
# 
loop_
_refine_ls_shell.pdbx_refine_id 
_refine_ls_shell.d_res_high 
_refine_ls_shell.d_res_low 
_refine_ls_shell.number_reflns_all 
_refine_ls_shell.number_reflns_obs 
_refine_ls_shell.number_reflns_R_free 
_refine_ls_shell.number_reflns_R_work 
_refine_ls_shell.percent_reflns_obs 
_refine_ls_shell.percent_reflns_R_free 
_refine_ls_shell.R_factor_all 
_refine_ls_shell.R_factor_obs 
_refine_ls_shell.R_factor_R_free 
_refine_ls_shell.R_factor_R_free_error 
_refine_ls_shell.R_factor_R_work 
_refine_ls_shell.redundancy_reflns_all 
_refine_ls_shell.redundancy_reflns_obs 
_refine_ls_shell.wR_factor_all 
_refine_ls_shell.wR_factor_obs 
_refine_ls_shell.wR_factor_R_free 
_refine_ls_shell.wR_factor_R_work 
_refine_ls_shell.pdbx_R_complete 
_refine_ls_shell.pdbx_total_number_of_bins_used 
_refine_ls_shell.pdbx_phase_error 
_refine_ls_shell.pdbx_fsc_work 
_refine_ls_shell.pdbx_fsc_free 
'X-RAY DIFFRACTION' 2.117 2.172  378 . 13 267 74.0741  . 1.393 . 1.637 . 1.379 . . . . . 1.460 . 20 . 0.294 0.416 
'X-RAY DIFFRACTION' 2.172 2.231  367 . 14 353 100.0000 . 0.425 . 0.328 . 0.430 . . . . . 0.440 . 20 . 0.626 0.655 
'X-RAY DIFFRACTION' 2.231 2.296  370 . 24 346 100.0000 . 0.293 . 0.339 . 0.290 . . . . . 0.290 . 20 . 0.795 0.734 
'X-RAY DIFFRACTION' 2.296 2.366  349 . 21 328 100.0000 . 0.242 . 0.271 . 0.240 . . . . . 0.240 . 20 . 0.846 0.818 
'X-RAY DIFFRACTION' 2.366 2.444  336 . 23 313 100.0000 . 0.198 . 0.246 . 0.195 . . . . . 0.191 . 20 . 0.895 0.859 
'X-RAY DIFFRACTION' 2.444 2.529  344 . 14 330 100.0000 . 0.210 . 0.317 . 0.206 . . . . . 0.205 . 20 . 0.896 0.874 
'X-RAY DIFFRACTION' 2.529 2.625  317 . 16 301 100.0000 . 0.210 . 0.210 . 0.210 . . . . . 0.197 . 20 . 0.885 0.907 
'X-RAY DIFFRACTION' 2.625 2.732  303 . 8  295 100.0000 . 0.241 . 0.202 . 0.242 . . . . . 0.227 . 20 . 0.865 0.817 
'X-RAY DIFFRACTION' 2.732 2.853  302 . 9  293 100.0000 . 0.235 . 0.449 . 0.227 . . . . . 0.211 . 20 . 0.872 0.824 
'X-RAY DIFFRACTION' 2.853 2.991  283 . 9  274 100.0000 . 0.213 . 0.195 . 0.213 . . . . . 0.200 . 20 . 0.879 0.895 
'X-RAY DIFFRACTION' 2.991 3.153  265 . 13 252 100.0000 . 0.185 . 0.207 . 0.184 . . . . . 0.175 . 20 . 0.899 0.891 
'X-RAY DIFFRACTION' 3.153 3.343  248 . 13 235 100.0000 . 0.214 . 0.376 . 0.206 . . . . . 0.189 . 20 . 0.915 0.852 
'X-RAY DIFFRACTION' 3.343 3.573  251 . 14 237 100.0000 . 0.197 . 0.269 . 0.192 . . . . . 0.183 . 20 . 0.946 0.943 
'X-RAY DIFFRACTION' 3.573 3.857  223 . 3  218 99.1031  . 0.147 . 0.381 . 0.144 . . . . . 0.136 . 20 . 0.969 0.926 
'X-RAY DIFFRACTION' 3.857 4.223  200 . 10 190 100.0000 . 0.120 . 0.087 . 0.122 . . . . . 0.115 . 20 . 0.978 0.980 
'X-RAY DIFFRACTION' 4.223 4.717  199 . 11 188 100.0000 . 0.115 . 0.168 . 0.112 . . . . . 0.107 . 20 . 0.982 0.963 
'X-RAY DIFFRACTION' 4.717 5.439  164 . 16 148 100.0000 . 0.146 . 0.200 . 0.140 . . . . . 0.129 . 20 . 0.970 0.965 
'X-RAY DIFFRACTION' 5.439 6.641  143 . 4  139 100.0000 . 0.185 . 0.260 . 0.183 . . . . . 0.174 . 20 . 0.949 0.956 
'X-RAY DIFFRACTION' 6.641 9.309  115 . 9  106 100.0000 . 0.161 . 0.098 . 0.168 . . . . . 0.156 . 20 . 0.962 0.981 
'X-RAY DIFFRACTION' 9.309 49.788 65  . 3  62  100.0000 . 0.219 . 0.681 . 0.200 . . . . . 0.182 . 20 . 0.935 0.995 
# 
_struct.entry_id                     8ATJ 
_struct.title                        'Crystal Structure of Shank2-SAM domain' 
_struct.pdbx_model_details           ? 
_struct.pdbx_formula_weight          ? 
_struct.pdbx_formula_weight_method   ? 
_struct.pdbx_model_type_details      ? 
_struct.pdbx_CASP_flag               N 
# 
_struct_keywords.entry_id        8ATJ 
_struct_keywords.text            'synaptic scaffold protein; Zn2+ binding; Zn-dependent polymerization;, METAL BINDING PROTEIN' 
_struct_keywords.pdbx_keywords   'METAL BINDING PROTEIN' 
# 
loop_
_struct_asym.id 
_struct_asym.pdbx_blank_PDB_chainid_flag 
_struct_asym.pdbx_modified 
_struct_asym.entity_id 
_struct_asym.details 
A N N 1 ? 
B N N 2 ? 
C N N 3 ? 
D N N 4 ? 
E N N 5 ? 
# 
_struct_ref.id                         1 
_struct_ref.db_name                    UNP 
_struct_ref.db_code                    SHAN2_HUMAN 
_struct_ref.pdbx_db_accession          Q9UPX8 
_struct_ref.pdbx_db_isoform            Q9UPX8-4 
_struct_ref.entity_id                  1 
_struct_ref.pdbx_seq_one_letter_code   TKPVHLWTKPDVADWLESLNLGEHKEAFMDNEIDGSHLPNLQKEDLIDLGVTRVGHRMNIERALKQLLDR 
_struct_ref.pdbx_align_begin           1185 
# 
_struct_ref_seq.align_id                      1 
_struct_ref_seq.ref_id                        1 
_struct_ref_seq.pdbx_PDB_id_code              8ATJ 
_struct_ref_seq.pdbx_strand_id                AAA 
_struct_ref_seq.seq_align_beg                 1 
_struct_ref_seq.pdbx_seq_align_beg_ins_code   ? 
_struct_ref_seq.seq_align_end                 70 
_struct_ref_seq.pdbx_seq_align_end_ins_code   ? 
_struct_ref_seq.pdbx_db_accession             Q9UPX8 
_struct_ref_seq.db_align_beg                  1185 
_struct_ref_seq.pdbx_db_align_beg_ins_code    ? 
_struct_ref_seq.db_align_end                  1254 
_struct_ref_seq.pdbx_db_align_end_ins_code    ? 
_struct_ref_seq.pdbx_auth_seq_align_beg       1780 
_struct_ref_seq.pdbx_auth_seq_align_end       1849 
# 
_pdbx_struct_assembly.id                   1 
_pdbx_struct_assembly.details              author_defined_assembly 
_pdbx_struct_assembly.method_details       ? 
_pdbx_struct_assembly.oligomeric_details   monomeric 
_pdbx_struct_assembly.oligomeric_count     1 
# 
loop_
_pdbx_struct_assembly_prop.biol_id 
_pdbx_struct_assembly_prop.type 
_pdbx_struct_assembly_prop.value 
_pdbx_struct_assembly_prop.details 
1 'ABSA (A^2)' 340  ? 
1 MORE         -43  ? 
1 'SSA (A^2)'  4560 ? 
# 
_pdbx_struct_assembly_gen.assembly_id       1 
_pdbx_struct_assembly_gen.oper_expression   1 
_pdbx_struct_assembly_gen.asym_id_list      A,B,C,D,E 
# 
_pdbx_struct_assembly_auth_evidence.id                     1 
_pdbx_struct_assembly_auth_evidence.assembly_id            1 
_pdbx_struct_assembly_auth_evidence.experimental_support   none 
_pdbx_struct_assembly_auth_evidence.details                ? 
# 
_pdbx_struct_oper_list.id                   1 
_pdbx_struct_oper_list.type                 'identity operation' 
_pdbx_struct_oper_list.name                 1_555 
_pdbx_struct_oper_list.symmetry_operation   x,y,z 
_pdbx_struct_oper_list.matrix[1][1]         1.0000000000 
_pdbx_struct_oper_list.matrix[1][2]         0.0000000000 
_pdbx_struct_oper_list.matrix[1][3]         0.0000000000 
_pdbx_struct_oper_list.vector[1]            0.0000000000 
_pdbx_struct_oper_list.matrix[2][1]         0.0000000000 
_pdbx_struct_oper_list.matrix[2][2]         1.0000000000 
_pdbx_struct_oper_list.matrix[2][3]         0.0000000000 
_pdbx_struct_oper_list.vector[2]            0.0000000000 
_pdbx_struct_oper_list.matrix[3][1]         0.0000000000 
_pdbx_struct_oper_list.matrix[3][2]         0.0000000000 
_pdbx_struct_oper_list.matrix[3][3]         1.0000000000 
_pdbx_struct_oper_list.vector[3]            0.0000000000 
# 
loop_
_struct_conf.conf_type_id 
_struct_conf.id 
_struct_conf.pdbx_PDB_helix_id 
_struct_conf.beg_label_comp_id 
_struct_conf.beg_label_asym_id 
_struct_conf.beg_label_seq_id 
_struct_conf.pdbx_beg_PDB_ins_code 
_struct_conf.end_label_comp_id 
_struct_conf.end_label_asym_id 
_struct_conf.end_label_seq_id 
_struct_conf.pdbx_end_PDB_ins_code 
_struct_conf.beg_auth_comp_id 
_struct_conf.beg_auth_asym_id 
_struct_conf.beg_auth_seq_id 
_struct_conf.end_auth_comp_id 
_struct_conf.end_auth_asym_id 
_struct_conf.end_auth_seq_id 
_struct_conf.pdbx_PDB_helix_class 
_struct_conf.details 
_struct_conf.pdbx_PDB_helix_length 
HELX_P HELX_P1 AA1 PRO A 3  ? TRP A 7  ? PRO AAA 1782 TRP AAA 1786 5 ? 5  
HELX_P HELX_P2 AA2 THR A 8  ? LEU A 19 ? THR AAA 1787 LEU AAA 1798 1 ? 12 
HELX_P HELX_P3 AA3 LEU A 21 ? GLU A 23 ? LEU AAA 1800 GLU AAA 1802 5 ? 3  
HELX_P HELX_P4 AA4 HIS A 24 ? ASN A 31 ? HIS AAA 1803 ASN AAA 1810 1 ? 8  
HELX_P HELX_P5 AA5 ASP A 34 ? LEU A 41 ? ASP AAA 1813 LEU AAA 1820 5 ? 8  
HELX_P HELX_P6 AA6 GLN A 42 ? LEU A 49 ? GLN AAA 1821 LEU AAA 1828 1 ? 8  
HELX_P HELX_P7 AA7 ARG A 53 ? LEU A 68 ? ARG AAA 1832 LEU AAA 1847 1 ? 16 
# 
_struct_conf_type.id          HELX_P 
_struct_conf_type.criteria    ? 
_struct_conf_type.reference   ? 
# 
loop_
_struct_conn.id 
_struct_conn.conn_type_id 
_struct_conn.pdbx_leaving_atom_flag 
_struct_conn.pdbx_PDB_id 
_struct_conn.ptnr1_label_asym_id 
_struct_conn.ptnr1_label_comp_id 
_struct_conn.ptnr1_label_seq_id 
_struct_conn.ptnr1_label_atom_id 
_struct_conn.pdbx_ptnr1_label_alt_id 
_struct_conn.pdbx_ptnr1_PDB_ins_code 
_struct_conn.pdbx_ptnr1_standard_comp_id 
_struct_conn.ptnr1_symmetry 
_struct_conn.ptnr2_label_asym_id 
_struct_conn.ptnr2_label_comp_id 
_struct_conn.ptnr2_label_seq_id 
_struct_conn.ptnr2_label_atom_id 
_struct_conn.pdbx_ptnr2_label_alt_id 
_struct_conn.pdbx_ptnr2_PDB_ins_code 
_struct_conn.ptnr1_auth_asym_id 
_struct_conn.ptnr1_auth_comp_id 
_struct_conn.ptnr1_auth_seq_id 
_struct_conn.ptnr2_auth_asym_id 
_struct_conn.ptnr2_auth_comp_id 
_struct_conn.ptnr2_auth_seq_id 
_struct_conn.ptnr2_symmetry 
_struct_conn.pdbx_ptnr3_label_atom_id 
_struct_conn.pdbx_ptnr3_label_seq_id 
_struct_conn.pdbx_ptnr3_label_comp_id 
_struct_conn.pdbx_ptnr3_label_asym_id 
_struct_conn.pdbx_ptnr3_label_alt_id 
_struct_conn.pdbx_ptnr3_PDB_ins_code 
_struct_conn.details 
_struct_conn.pdbx_dist_value 
_struct_conn.pdbx_value_order 
_struct_conn.pdbx_role 
metalc1 metalc ? ? A HIS 24 NE2 ? ? ? 1_555 D ZN . ZN ? ? AAA HIS 1803 AAA ZN 1903 1_555 ? ? ? ? ? ? ? 1.870 ? ? 
metalc2 metalc ? ? A HIS 56 ND1 ? ? ? 1_555 D ZN . ZN ? ? AAA HIS 1835 AAA ZN 1903 1_555 ? ? ? ? ? ? ? 1.764 ? ? 
# 
_struct_conn_type.id          metalc 
_struct_conn_type.criteria    ? 
_struct_conn_type.reference   ? 
# 
_pdbx_struct_conn_angle.id                    1 
_pdbx_struct_conn_angle.ptnr1_label_atom_id   NE2 
_pdbx_struct_conn_angle.ptnr1_label_alt_id    ? 
_pdbx_struct_conn_angle.ptnr1_label_asym_id   A 
_pdbx_struct_conn_angle.ptnr1_label_comp_id   HIS 
_pdbx_struct_conn_angle.ptnr1_label_seq_id    24 
_pdbx_struct_conn_angle.ptnr1_auth_atom_id    ? 
_pdbx_struct_conn_angle.ptnr1_auth_asym_id    AAA 
_pdbx_struct_conn_angle.ptnr1_auth_comp_id    HIS 
_pdbx_struct_conn_angle.ptnr1_auth_seq_id     1803 
_pdbx_struct_conn_angle.ptnr1_PDB_ins_code    ? 
_pdbx_struct_conn_angle.ptnr1_symmetry        1_555 
_pdbx_struct_conn_angle.ptnr2_label_atom_id   ZN 
_pdbx_struct_conn_angle.ptnr2_label_alt_id    ? 
_pdbx_struct_conn_angle.ptnr2_label_asym_id   D 
_pdbx_struct_conn_angle.ptnr2_label_comp_id   ZN 
_pdbx_struct_conn_angle.ptnr2_label_seq_id    . 
_pdbx_struct_conn_angle.ptnr2_auth_atom_id    ? 
_pdbx_struct_conn_angle.ptnr2_auth_asym_id    AAA 
_pdbx_struct_conn_angle.ptnr2_auth_comp_id    ZN 
_pdbx_struct_conn_angle.ptnr2_auth_seq_id     1903 
_pdbx_struct_conn_angle.ptnr2_PDB_ins_code    ? 
_pdbx_struct_conn_angle.ptnr2_symmetry        1_555 
_pdbx_struct_conn_angle.ptnr3_label_atom_id   ND1 
_pdbx_struct_conn_angle.ptnr3_label_alt_id    ? 
_pdbx_struct_conn_angle.ptnr3_label_asym_id   A 
_pdbx_struct_conn_angle.ptnr3_label_comp_id   HIS 
_pdbx_struct_conn_angle.ptnr3_label_seq_id    56 
_pdbx_struct_conn_angle.ptnr3_auth_atom_id    ? 
_pdbx_struct_conn_angle.ptnr3_auth_asym_id    AAA 
_pdbx_struct_conn_angle.ptnr3_auth_comp_id    HIS 
_pdbx_struct_conn_angle.ptnr3_auth_seq_id     1835 
_pdbx_struct_conn_angle.ptnr3_PDB_ins_code    ? 
_pdbx_struct_conn_angle.ptnr3_symmetry        1_555 
_pdbx_struct_conn_angle.value                 127.1 
_pdbx_struct_conn_angle.value_esd             ? 
# 
loop_
_pdbx_validate_close_contact.id 
_pdbx_validate_close_contact.PDB_model_num 
_pdbx_validate_close_contact.auth_atom_id_1 
_pdbx_validate_close_contact.auth_asym_id_1 
_pdbx_validate_close_contact.auth_comp_id_1 
_pdbx_validate_close_contact.auth_seq_id_1 
_pdbx_validate_close_contact.PDB_ins_code_1 
_pdbx_validate_close_contact.label_alt_id_1 
_pdbx_validate_close_contact.auth_atom_id_2 
_pdbx_validate_close_contact.auth_asym_id_2 
_pdbx_validate_close_contact.auth_comp_id_2 
_pdbx_validate_close_contact.auth_seq_id_2 
_pdbx_validate_close_contact.PDB_ins_code_2 
_pdbx_validate_close_contact.label_alt_id_2 
_pdbx_validate_close_contact.dist 
1 1 HD22 AAA ASN 1819 ? ? O AAA HOH 2004 ? ? 1.54 
2 1 OD2  AAA ASP 1809 ? ? O AAA HOH 2001 ? ? 2.13 
3 1 OE2  AAA GLU 1811 ? ? O AAA HOH 2002 ? ? 2.15 
4 1 OE2  AAA GLU 1840 ? ? O AAA HOH 2003 ? ? 2.17 
# 
_pdbx_validate_torsion.id              1 
_pdbx_validate_torsion.PDB_model_num   1 
_pdbx_validate_torsion.auth_comp_id    ASP 
_pdbx_validate_torsion.auth_asym_id    AAA 
_pdbx_validate_torsion.auth_seq_id     1848 
_pdbx_validate_torsion.PDB_ins_code    ? 
_pdbx_validate_torsion.label_alt_id    ? 
_pdbx_validate_torsion.phi             37.70 
_pdbx_validate_torsion.psi             58.56 
# 
_pdbx_entry_details.entry_id                 8ATJ 
_pdbx_entry_details.has_ligand_of_interest   Y 
_pdbx_entry_details.compound_details         ? 
_pdbx_entry_details.source_details           ? 
_pdbx_entry_details.nonpolymer_details       ? 
_pdbx_entry_details.sequence_details         ? 
# 
loop_
_chem_comp_atom.comp_id 
_chem_comp_atom.atom_id 
_chem_comp_atom.type_symbol 
_chem_comp_atom.pdbx_aromatic_flag 
_chem_comp_atom.pdbx_stereo_config 
_chem_comp_atom.pdbx_ordinal 
ALA N    N  N N 1   
ALA CA   C  N S 2   
ALA C    C  N N 3   
ALA O    O  N N 4   
ALA CB   C  N N 5   
ALA OXT  O  N N 6   
ALA H    H  N N 7   
ALA H2   H  N N 8   
ALA HA   H  N N 9   
ALA HB1  H  N N 10  
ALA HB2  H  N N 11  
ALA HB3  H  N N 12  
ALA HXT  H  N N 13  
ARG N    N  N N 14  
ARG CA   C  N S 15  
ARG C    C  N N 16  
ARG O    O  N N 17  
ARG CB   C  N N 18  
ARG CG   C  N N 19  
ARG CD   C  N N 20  
ARG NE   N  N N 21  
ARG CZ   C  N N 22  
ARG NH1  N  N N 23  
ARG NH2  N  N N 24  
ARG OXT  O  N N 25  
ARG H    H  N N 26  
ARG H2   H  N N 27  
ARG HA   H  N N 28  
ARG HB2  H  N N 29  
ARG HB3  H  N N 30  
ARG HG2  H  N N 31  
ARG HG3  H  N N 32  
ARG HD2  H  N N 33  
ARG HD3  H  N N 34  
ARG HE   H  N N 35  
ARG HH11 H  N N 36  
ARG HH12 H  N N 37  
ARG HH21 H  N N 38  
ARG HH22 H  N N 39  
ARG HXT  H  N N 40  
ASN N    N  N N 41  
ASN CA   C  N S 42  
ASN C    C  N N 43  
ASN O    O  N N 44  
ASN CB   C  N N 45  
ASN CG   C  N N 46  
ASN OD1  O  N N 47  
ASN ND2  N  N N 48  
ASN OXT  O  N N 49  
ASN H    H  N N 50  
ASN H2   H  N N 51  
ASN HA   H  N N 52  
ASN HB2  H  N N 53  
ASN HB3  H  N N 54  
ASN HD21 H  N N 55  
ASN HD22 H  N N 56  
ASN HXT  H  N N 57  
ASP N    N  N N 58  
ASP CA   C  N S 59  
ASP C    C  N N 60  
ASP O    O  N N 61  
ASP CB   C  N N 62  
ASP CG   C  N N 63  
ASP OD1  O  N N 64  
ASP OD2  O  N N 65  
ASP OXT  O  N N 66  
ASP H    H  N N 67  
ASP H2   H  N N 68  
ASP HA   H  N N 69  
ASP HB2  H  N N 70  
ASP HB3  H  N N 71  
ASP HD2  H  N N 72  
ASP HXT  H  N N 73  
CL  CL   CL N N 74  
FMT C    C  N N 75  
FMT O1   O  N N 76  
FMT O2   O  N N 77  
FMT H    H  N N 78  
FMT HO2  H  N N 79  
GLN N    N  N N 80  
GLN CA   C  N S 81  
GLN C    C  N N 82  
GLN O    O  N N 83  
GLN CB   C  N N 84  
GLN CG   C  N N 85  
GLN CD   C  N N 86  
GLN OE1  O  N N 87  
GLN NE2  N  N N 88  
GLN OXT  O  N N 89  
GLN H    H  N N 90  
GLN H2   H  N N 91  
GLN HA   H  N N 92  
GLN HB2  H  N N 93  
GLN HB3  H  N N 94  
GLN HG2  H  N N 95  
GLN HG3  H  N N 96  
GLN HE21 H  N N 97  
GLN HE22 H  N N 98  
GLN HXT  H  N N 99  
GLU N    N  N N 100 
GLU CA   C  N S 101 
GLU C    C  N N 102 
GLU O    O  N N 103 
GLU CB   C  N N 104 
GLU CG   C  N N 105 
GLU CD   C  N N 106 
GLU OE1  O  N N 107 
GLU OE2  O  N N 108 
GLU OXT  O  N N 109 
GLU H    H  N N 110 
GLU H2   H  N N 111 
GLU HA   H  N N 112 
GLU HB2  H  N N 113 
GLU HB3  H  N N 114 
GLU HG2  H  N N 115 
GLU HG3  H  N N 116 
GLU HE2  H  N N 117 
GLU HXT  H  N N 118 
GLY N    N  N N 119 
GLY CA   C  N N 120 
GLY C    C  N N 121 
GLY O    O  N N 122 
GLY OXT  O  N N 123 
GLY H    H  N N 124 
GLY H2   H  N N 125 
GLY HA2  H  N N 126 
GLY HA3  H  N N 127 
GLY HXT  H  N N 128 
HIS N    N  N N 129 
HIS CA   C  N S 130 
HIS C    C  N N 131 
HIS O    O  N N 132 
HIS CB   C  N N 133 
HIS CG   C  Y N 134 
HIS ND1  N  Y N 135 
HIS CD2  C  Y N 136 
HIS CE1  C  Y N 137 
HIS NE2  N  Y N 138 
HIS OXT  O  N N 139 
HIS H    H  N N 140 
HIS H2   H  N N 141 
HIS HA   H  N N 142 
HIS HB2  H  N N 143 
HIS HB3  H  N N 144 
HIS HD1  H  N N 145 
HIS HD2  H  N N 146 
HIS HE1  H  N N 147 
HIS HE2  H  N N 148 
HIS HXT  H  N N 149 
HOH O    O  N N 150 
HOH H1   H  N N 151 
HOH H2   H  N N 152 
ILE N    N  N N 153 
ILE CA   C  N S 154 
ILE C    C  N N 155 
ILE O    O  N N 156 
ILE CB   C  N S 157 
ILE CG1  C  N N 158 
ILE CG2  C  N N 159 
ILE CD1  C  N N 160 
ILE OXT  O  N N 161 
ILE H    H  N N 162 
ILE H2   H  N N 163 
ILE HA   H  N N 164 
ILE HB   H  N N 165 
ILE HG12 H  N N 166 
ILE HG13 H  N N 167 
ILE HG21 H  N N 168 
ILE HG22 H  N N 169 
ILE HG23 H  N N 170 
ILE HD11 H  N N 171 
ILE HD12 H  N N 172 
ILE HD13 H  N N 173 
ILE HXT  H  N N 174 
LEU N    N  N N 175 
LEU CA   C  N S 176 
LEU C    C  N N 177 
LEU O    O  N N 178 
LEU CB   C  N N 179 
LEU CG   C  N N 180 
LEU CD1  C  N N 181 
LEU CD2  C  N N 182 
LEU OXT  O  N N 183 
LEU H    H  N N 184 
LEU H2   H  N N 185 
LEU HA   H  N N 186 
LEU HB2  H  N N 187 
LEU HB3  H  N N 188 
LEU HG   H  N N 189 
LEU HD11 H  N N 190 
LEU HD12 H  N N 191 
LEU HD13 H  N N 192 
LEU HD21 H  N N 193 
LEU HD22 H  N N 194 
LEU HD23 H  N N 195 
LEU HXT  H  N N 196 
LYS N    N  N N 197 
LYS CA   C  N S 198 
LYS C    C  N N 199 
LYS O    O  N N 200 
LYS CB   C  N N 201 
LYS CG   C  N N 202 
LYS CD   C  N N 203 
LYS CE   C  N N 204 
LYS NZ   N  N N 205 
LYS OXT  O  N N 206 
LYS H    H  N N 207 
LYS H2   H  N N 208 
LYS HA   H  N N 209 
LYS HB2  H  N N 210 
LYS HB3  H  N N 211 
LYS HG2  H  N N 212 
LYS HG3  H  N N 213 
LYS HD2  H  N N 214 
LYS HD3  H  N N 215 
LYS HE2  H  N N 216 
LYS HE3  H  N N 217 
LYS HZ1  H  N N 218 
LYS HZ2  H  N N 219 
LYS HZ3  H  N N 220 
LYS HXT  H  N N 221 
MET N    N  N N 222 
MET CA   C  N S 223 
MET C    C  N N 224 
MET O    O  N N 225 
MET CB   C  N N 226 
MET CG   C  N N 227 
MET SD   S  N N 228 
MET CE   C  N N 229 
MET OXT  O  N N 230 
MET H    H  N N 231 
MET H2   H  N N 232 
MET HA   H  N N 233 
MET HB2  H  N N 234 
MET HB3  H  N N 235 
MET HG2  H  N N 236 
MET HG3  H  N N 237 
MET HE1  H  N N 238 
MET HE2  H  N N 239 
MET HE3  H  N N 240 
MET HXT  H  N N 241 
PHE N    N  N N 242 
PHE CA   C  N S 243 
PHE C    C  N N 244 
PHE O    O  N N 245 
PHE CB   C  N N 246 
PHE CG   C  Y N 247 
PHE CD1  C  Y N 248 
PHE CD2  C  Y N 249 
PHE CE1  C  Y N 250 
PHE CE2  C  Y N 251 
PHE CZ   C  Y N 252 
PHE OXT  O  N N 253 
PHE H    H  N N 254 
PHE H2   H  N N 255 
PHE HA   H  N N 256 
PHE HB2  H  N N 257 
PHE HB3  H  N N 258 
PHE HD1  H  N N 259 
PHE HD2  H  N N 260 
PHE HE1  H  N N 261 
PHE HE2  H  N N 262 
PHE HZ   H  N N 263 
PHE HXT  H  N N 264 
PRO N    N  N N 265 
PRO CA   C  N S 266 
PRO C    C  N N 267 
PRO O    O  N N 268 
PRO CB   C  N N 269 
PRO CG   C  N N 270 
PRO CD   C  N N 271 
PRO OXT  O  N N 272 
PRO H    H  N N 273 
PRO HA   H  N N 274 
PRO HB2  H  N N 275 
PRO HB3  H  N N 276 
PRO HG2  H  N N 277 
PRO HG3  H  N N 278 
PRO HD2  H  N N 279 
PRO HD3  H  N N 280 
PRO HXT  H  N N 281 
SER N    N  N N 282 
SER CA   C  N S 283 
SER C    C  N N 284 
SER O    O  N N 285 
SER CB   C  N N 286 
SER OG   O  N N 287 
SER OXT  O  N N 288 
SER H    H  N N 289 
SER H2   H  N N 290 
SER HA   H  N N 291 
SER HB2  H  N N 292 
SER HB3  H  N N 293 
SER HG   H  N N 294 
SER HXT  H  N N 295 
THR N    N  N N 296 
THR CA   C  N S 297 
THR C    C  N N 298 
THR O    O  N N 299 
THR CB   C  N R 300 
THR OG1  O  N N 301 
THR CG2  C  N N 302 
THR OXT  O  N N 303 
THR H    H  N N 304 
THR H2   H  N N 305 
THR HA   H  N N 306 
THR HB   H  N N 307 
THR HG1  H  N N 308 
THR HG21 H  N N 309 
THR HG22 H  N N 310 
THR HG23 H  N N 311 
THR HXT  H  N N 312 
TRP N    N  N N 313 
TRP CA   C  N S 314 
TRP C    C  N N 315 
TRP O    O  N N 316 
TRP CB   C  N N 317 
TRP CG   C  Y N 318 
TRP CD1  C  Y N 319 
TRP CD2  C  Y N 320 
TRP NE1  N  Y N 321 
TRP CE2  C  Y N 322 
TRP CE3  C  Y N 323 
TRP CZ2  C  Y N 324 
TRP CZ3  C  Y N 325 
TRP CH2  C  Y N 326 
TRP OXT  O  N N 327 
TRP H    H  N N 328 
TRP H2   H  N N 329 
TRP HA   H  N N 330 
TRP HB2  H  N N 331 
TRP HB3  H  N N 332 
TRP HD1  H  N N 333 
TRP HE1  H  N N 334 
TRP HE3  H  N N 335 
TRP HZ2  H  N N 336 
TRP HZ3  H  N N 337 
TRP HH2  H  N N 338 
TRP HXT  H  N N 339 
VAL N    N  N N 340 
VAL CA   C  N S 341 
VAL C    C  N N 342 
VAL O    O  N N 343 
VAL CB   C  N N 344 
VAL CG1  C  N N 345 
VAL CG2  C  N N 346 
VAL OXT  O  N N 347 
VAL H    H  N N 348 
VAL H2   H  N N 349 
VAL HA   H  N N 350 
VAL HB   H  N N 351 
VAL HG11 H  N N 352 
VAL HG12 H  N N 353 
VAL HG13 H  N N 354 
VAL HG21 H  N N 355 
VAL HG22 H  N N 356 
VAL HG23 H  N N 357 
VAL HXT  H  N N 358 
ZN  ZN   ZN N N 359 
# 
loop_
_chem_comp_bond.comp_id 
_chem_comp_bond.atom_id_1 
_chem_comp_bond.atom_id_2 
_chem_comp_bond.value_order 
_chem_comp_bond.pdbx_aromatic_flag 
_chem_comp_bond.pdbx_stereo_config 
_chem_comp_bond.pdbx_ordinal 
ALA N   CA   sing N N 1   
ALA N   H    sing N N 2   
ALA N   H2   sing N N 3   
ALA CA  C    sing N N 4   
ALA CA  CB   sing N N 5   
ALA CA  HA   sing N N 6   
ALA C   O    doub N N 7   
ALA C   OXT  sing N N 8   
ALA CB  HB1  sing N N 9   
ALA CB  HB2  sing N N 10  
ALA CB  HB3  sing N N 11  
ALA OXT HXT  sing N N 12  
ARG N   CA   sing N N 13  
ARG N   H    sing N N 14  
ARG N   H2   sing N N 15  
ARG CA  C    sing N N 16  
ARG CA  CB   sing N N 17  
ARG CA  HA   sing N N 18  
ARG C   O    doub N N 19  
ARG C   OXT  sing N N 20  
ARG CB  CG   sing N N 21  
ARG CB  HB2  sing N N 22  
ARG CB  HB3  sing N N 23  
ARG CG  CD   sing N N 24  
ARG CG  HG2  sing N N 25  
ARG CG  HG3  sing N N 26  
ARG CD  NE   sing N N 27  
ARG CD  HD2  sing N N 28  
ARG CD  HD3  sing N N 29  
ARG NE  CZ   sing N N 30  
ARG NE  HE   sing N N 31  
ARG CZ  NH1  sing N N 32  
ARG CZ  NH2  doub N N 33  
ARG NH1 HH11 sing N N 34  
ARG NH1 HH12 sing N N 35  
ARG NH2 HH21 sing N N 36  
ARG NH2 HH22 sing N N 37  
ARG OXT HXT  sing N N 38  
ASN N   CA   sing N N 39  
ASN N   H    sing N N 40  
ASN N   H2   sing N N 41  
ASN CA  C    sing N N 42  
ASN CA  CB   sing N N 43  
ASN CA  HA   sing N N 44  
ASN C   O    doub N N 45  
ASN C   OXT  sing N N 46  
ASN CB  CG   sing N N 47  
ASN CB  HB2  sing N N 48  
ASN CB  HB3  sing N N 49  
ASN CG  OD1  doub N N 50  
ASN CG  ND2  sing N N 51  
ASN ND2 HD21 sing N N 52  
ASN ND2 HD22 sing N N 53  
ASN OXT HXT  sing N N 54  
ASP N   CA   sing N N 55  
ASP N   H    sing N N 56  
ASP N   H2   sing N N 57  
ASP CA  C    sing N N 58  
ASP CA  CB   sing N N 59  
ASP CA  HA   sing N N 60  
ASP C   O    doub N N 61  
ASP C   OXT  sing N N 62  
ASP CB  CG   sing N N 63  
ASP CB  HB2  sing N N 64  
ASP CB  HB3  sing N N 65  
ASP CG  OD1  doub N N 66  
ASP CG  OD2  sing N N 67  
ASP OD2 HD2  sing N N 68  
ASP OXT HXT  sing N N 69  
FMT C   O1   doub N N 70  
FMT C   O2   sing N N 71  
FMT C   H    sing N N 72  
FMT O2  HO2  sing N N 73  
GLN N   CA   sing N N 74  
GLN N   H    sing N N 75  
GLN N   H2   sing N N 76  
GLN CA  C    sing N N 77  
GLN CA  CB   sing N N 78  
GLN CA  HA   sing N N 79  
GLN C   O    doub N N 80  
GLN C   OXT  sing N N 81  
GLN CB  CG   sing N N 82  
GLN CB  HB2  sing N N 83  
GLN CB  HB3  sing N N 84  
GLN CG  CD   sing N N 85  
GLN CG  HG2  sing N N 86  
GLN CG  HG3  sing N N 87  
GLN CD  OE1  doub N N 88  
GLN CD  NE2  sing N N 89  
GLN NE2 HE21 sing N N 90  
GLN NE2 HE22 sing N N 91  
GLN OXT HXT  sing N N 92  
GLU N   CA   sing N N 93  
GLU N   H    sing N N 94  
GLU N   H2   sing N N 95  
GLU CA  C    sing N N 96  
GLU CA  CB   sing N N 97  
GLU CA  HA   sing N N 98  
GLU C   O    doub N N 99  
GLU C   OXT  sing N N 100 
GLU CB  CG   sing N N 101 
GLU CB  HB2  sing N N 102 
GLU CB  HB3  sing N N 103 
GLU CG  CD   sing N N 104 
GLU CG  HG2  sing N N 105 
GLU CG  HG3  sing N N 106 
GLU CD  OE1  doub N N 107 
GLU CD  OE2  sing N N 108 
GLU OE2 HE2  sing N N 109 
GLU OXT HXT  sing N N 110 
GLY N   CA   sing N N 111 
GLY N   H    sing N N 112 
GLY N   H2   sing N N 113 
GLY CA  C    sing N N 114 
GLY CA  HA2  sing N N 115 
GLY CA  HA3  sing N N 116 
GLY C   O    doub N N 117 
GLY C   OXT  sing N N 118 
GLY OXT HXT  sing N N 119 
HIS N   CA   sing N N 120 
HIS N   H    sing N N 121 
HIS N   H2   sing N N 122 
HIS CA  C    sing N N 123 
HIS CA  CB   sing N N 124 
HIS CA  HA   sing N N 125 
HIS C   O    doub N N 126 
HIS C   OXT  sing N N 127 
HIS CB  CG   sing N N 128 
HIS CB  HB2  sing N N 129 
HIS CB  HB3  sing N N 130 
HIS CG  ND1  sing Y N 131 
HIS CG  CD2  doub Y N 132 
HIS ND1 CE1  doub Y N 133 
HIS ND1 HD1  sing N N 134 
HIS CD2 NE2  sing Y N 135 
HIS CD2 HD2  sing N N 136 
HIS CE1 NE2  sing Y N 137 
HIS CE1 HE1  sing N N 138 
HIS NE2 HE2  sing N N 139 
HIS OXT HXT  sing N N 140 
HOH O   H1   sing N N 141 
HOH O   H2   sing N N 142 
ILE N   CA   sing N N 143 
ILE N   H    sing N N 144 
ILE N   H2   sing N N 145 
ILE CA  C    sing N N 146 
ILE CA  CB   sing N N 147 
ILE CA  HA   sing N N 148 
ILE C   O    doub N N 149 
ILE C   OXT  sing N N 150 
ILE CB  CG1  sing N N 151 
ILE CB  CG2  sing N N 152 
ILE CB  HB   sing N N 153 
ILE CG1 CD1  sing N N 154 
ILE CG1 HG12 sing N N 155 
ILE CG1 HG13 sing N N 156 
ILE CG2 HG21 sing N N 157 
ILE CG2 HG22 sing N N 158 
ILE CG2 HG23 sing N N 159 
ILE CD1 HD11 sing N N 160 
ILE CD1 HD12 sing N N 161 
ILE CD1 HD13 sing N N 162 
ILE OXT HXT  sing N N 163 
LEU N   CA   sing N N 164 
LEU N   H    sing N N 165 
LEU N   H2   sing N N 166 
LEU CA  C    sing N N 167 
LEU CA  CB   sing N N 168 
LEU CA  HA   sing N N 169 
LEU C   O    doub N N 170 
LEU C   OXT  sing N N 171 
LEU CB  CG   sing N N 172 
LEU CB  HB2  sing N N 173 
LEU CB  HB3  sing N N 174 
LEU CG  CD1  sing N N 175 
LEU CG  CD2  sing N N 176 
LEU CG  HG   sing N N 177 
LEU CD1 HD11 sing N N 178 
LEU CD1 HD12 sing N N 179 
LEU CD1 HD13 sing N N 180 
LEU CD2 HD21 sing N N 181 
LEU CD2 HD22 sing N N 182 
LEU CD2 HD23 sing N N 183 
LEU OXT HXT  sing N N 184 
LYS N   CA   sing N N 185 
LYS N   H    sing N N 186 
LYS N   H2   sing N N 187 
LYS CA  C    sing N N 188 
LYS CA  CB   sing N N 189 
LYS CA  HA   sing N N 190 
LYS C   O    doub N N 191 
LYS C   OXT  sing N N 192 
LYS CB  CG   sing N N 193 
LYS CB  HB2  sing N N 194 
LYS CB  HB3  sing N N 195 
LYS CG  CD   sing N N 196 
LYS CG  HG2  sing N N 197 
LYS CG  HG3  sing N N 198 
LYS CD  CE   sing N N 199 
LYS CD  HD2  sing N N 200 
LYS CD  HD3  sing N N 201 
LYS CE  NZ   sing N N 202 
LYS CE  HE2  sing N N 203 
LYS CE  HE3  sing N N 204 
LYS NZ  HZ1  sing N N 205 
LYS NZ  HZ2  sing N N 206 
LYS NZ  HZ3  sing N N 207 
LYS OXT HXT  sing N N 208 
MET N   CA   sing N N 209 
MET N   H    sing N N 210 
MET N   H2   sing N N 211 
MET CA  C    sing N N 212 
MET CA  CB   sing N N 213 
MET CA  HA   sing N N 214 
MET C   O    doub N N 215 
MET C   OXT  sing N N 216 
MET CB  CG   sing N N 217 
MET CB  HB2  sing N N 218 
MET CB  HB3  sing N N 219 
MET CG  SD   sing N N 220 
MET CG  HG2  sing N N 221 
MET CG  HG3  sing N N 222 
MET SD  CE   sing N N 223 
MET CE  HE1  sing N N 224 
MET CE  HE2  sing N N 225 
MET CE  HE3  sing N N 226 
MET OXT HXT  sing N N 227 
PHE N   CA   sing N N 228 
PHE N   H    sing N N 229 
PHE N   H2   sing N N 230 
PHE CA  C    sing N N 231 
PHE CA  CB   sing N N 232 
PHE CA  HA   sing N N 233 
PHE C   O    doub N N 234 
PHE C   OXT  sing N N 235 
PHE CB  CG   sing N N 236 
PHE CB  HB2  sing N N 237 
PHE CB  HB3  sing N N 238 
PHE CG  CD1  doub Y N 239 
PHE CG  CD2  sing Y N 240 
PHE CD1 CE1  sing Y N 241 
PHE CD1 HD1  sing N N 242 
PHE CD2 CE2  doub Y N 243 
PHE CD2 HD2  sing N N 244 
PHE CE1 CZ   doub Y N 245 
PHE CE1 HE1  sing N N 246 
PHE CE2 CZ   sing Y N 247 
PHE CE2 HE2  sing N N 248 
PHE CZ  HZ   sing N N 249 
PHE OXT HXT  sing N N 250 
PRO N   CA   sing N N 251 
PRO N   CD   sing N N 252 
PRO N   H    sing N N 253 
PRO CA  C    sing N N 254 
PRO CA  CB   sing N N 255 
PRO CA  HA   sing N N 256 
PRO C   O    doub N N 257 
PRO C   OXT  sing N N 258 
PRO CB  CG   sing N N 259 
PRO CB  HB2  sing N N 260 
PRO CB  HB3  sing N N 261 
PRO CG  CD   sing N N 262 
PRO CG  HG2  sing N N 263 
PRO CG  HG3  sing N N 264 
PRO CD  HD2  sing N N 265 
PRO CD  HD3  sing N N 266 
PRO OXT HXT  sing N N 267 
SER N   CA   sing N N 268 
SER N   H    sing N N 269 
SER N   H2   sing N N 270 
SER CA  C    sing N N 271 
SER CA  CB   sing N N 272 
SER CA  HA   sing N N 273 
SER C   O    doub N N 274 
SER C   OXT  sing N N 275 
SER CB  OG   sing N N 276 
SER CB  HB2  sing N N 277 
SER CB  HB3  sing N N 278 
SER OG  HG   sing N N 279 
SER OXT HXT  sing N N 280 
THR N   CA   sing N N 281 
THR N   H    sing N N 282 
THR N   H2   sing N N 283 
THR CA  C    sing N N 284 
THR CA  CB   sing N N 285 
THR CA  HA   sing N N 286 
THR C   O    doub N N 287 
THR C   OXT  sing N N 288 
THR CB  OG1  sing N N 289 
THR CB  CG2  sing N N 290 
THR CB  HB   sing N N 291 
THR OG1 HG1  sing N N 292 
THR CG2 HG21 sing N N 293 
THR CG2 HG22 sing N N 294 
THR CG2 HG23 sing N N 295 
THR OXT HXT  sing N N 296 
TRP N   CA   sing N N 297 
TRP N   H    sing N N 298 
TRP N   H2   sing N N 299 
TRP CA  C    sing N N 300 
TRP CA  CB   sing N N 301 
TRP CA  HA   sing N N 302 
TRP C   O    doub N N 303 
TRP C   OXT  sing N N 304 
TRP CB  CG   sing N N 305 
TRP CB  HB2  sing N N 306 
TRP CB  HB3  sing N N 307 
TRP CG  CD1  doub Y N 308 
TRP CG  CD2  sing Y N 309 
TRP CD1 NE1  sing Y N 310 
TRP CD1 HD1  sing N N 311 
TRP CD2 CE2  doub Y N 312 
TRP CD2 CE3  sing Y N 313 
TRP NE1 CE2  sing Y N 314 
TRP NE1 HE1  sing N N 315 
TRP CE2 CZ2  sing Y N 316 
TRP CE3 CZ3  doub Y N 317 
TRP CE3 HE3  sing N N 318 
TRP CZ2 CH2  doub Y N 319 
TRP CZ2 HZ2  sing N N 320 
TRP CZ3 CH2  sing Y N 321 
TRP CZ3 HZ3  sing N N 322 
TRP CH2 HH2  sing N N 323 
TRP OXT HXT  sing N N 324 
VAL N   CA   sing N N 325 
VAL N   H    sing N N 326 
VAL N   H2   sing N N 327 
VAL CA  C    sing N N 328 
VAL CA  CB   sing N N 329 
VAL CA  HA   sing N N 330 
VAL C   O    doub N N 331 
VAL C   OXT  sing N N 332 
VAL CB  CG1  sing N N 333 
VAL CB  CG2  sing N N 334 
VAL CB  HB   sing N N 335 
VAL CG1 HG11 sing N N 336 
VAL CG1 HG12 sing N N 337 
VAL CG1 HG13 sing N N 338 
VAL CG2 HG21 sing N N 339 
VAL CG2 HG22 sing N N 340 
VAL CG2 HG23 sing N N 341 
VAL OXT HXT  sing N N 342 
# 
_pdbx_audit_support.funding_organization   'German Research Foundation (DFG)' 
_pdbx_audit_support.country                Germany 
_pdbx_audit_support.grant_number           Kr1321/9-1 
_pdbx_audit_support.ordinal                1 
# 
_pdbx_entity_instance_feature.ordinal        1 
_pdbx_entity_instance_feature.comp_id        ZN 
_pdbx_entity_instance_feature.asym_id        ? 
_pdbx_entity_instance_feature.seq_num        ? 
_pdbx_entity_instance_feature.auth_comp_id   ZN 
_pdbx_entity_instance_feature.auth_asym_id   ? 
_pdbx_entity_instance_feature.auth_seq_num   ? 
_pdbx_entity_instance_feature.feature_type   'SUBJECT OF INVESTIGATION' 
_pdbx_entity_instance_feature.details        ? 
# 
_pdbx_initial_refinement_model.id               1 
_pdbx_initial_refinement_model.entity_id_list   ? 
_pdbx_initial_refinement_model.type             'experimental model' 
_pdbx_initial_refinement_model.source_name      PDB 
_pdbx_initial_refinement_model.accession_code   2F44 
_pdbx_initial_refinement_model.details          ? 
# 
_atom_sites.entry_id                    8ATJ 
_atom_sites.Cartn_transf_matrix[1][1]   ? 
_atom_sites.Cartn_transf_matrix[1][2]   ? 
_atom_sites.Cartn_transf_matrix[1][3]   ? 
_atom_sites.Cartn_transf_matrix[2][1]   ? 
_atom_sites.Cartn_transf_matrix[2][2]   ? 
_atom_sites.Cartn_transf_matrix[2][3]   ? 
_atom_sites.Cartn_transf_matrix[3][1]   ? 
_atom_sites.Cartn_transf_matrix[3][2]   ? 
_atom_sites.Cartn_transf_matrix[3][3]   ? 
_atom_sites.Cartn_transf_vector[1]      ? 
_atom_sites.Cartn_transf_vector[2]      ? 
_atom_sites.Cartn_transf_vector[3]      ? 
_atom_sites.fract_transf_matrix[1][1]   -0.01072351 
_atom_sites.fract_transf_matrix[1][2]   0.01591373 
_atom_sites.fract_transf_matrix[1][3]   -0.00593064 
_atom_sites.fract_transf_matrix[2][1]   0.00652790 
_atom_sites.fract_transf_matrix[2][2]   0.01141690 
_atom_sites.fract_transf_matrix[2][3]   -0.01518052 
_atom_sites.fract_transf_matrix[3][1]   -0.01036123 
_atom_sites.fract_transf_matrix[3][2]   -0.01200799 
_atom_sites.fract_transf_matrix[3][3]   -0.01348644 
_atom_sites.fract_transf_vector[1]      0.324595 
_atom_sites.fract_transf_vector[2]      -0.130651 
_atom_sites.fract_transf_vector[3]      0.027745 
_atom_sites.solution_primary            ? 
_atom_sites.solution_secondary          ? 
_atom_sites.solution_hydrogens          ? 
_atom_sites.special_details             ? 
# 
loop_
_atom_type.symbol 
_atom_type.pdbx_scat_Z 
_atom_type.pdbx_N_electrons 
_atom_type.scat_Cromer_Mann_a1 
_atom_type.scat_Cromer_Mann_b1 
_atom_type.scat_Cromer_Mann_a2 
_atom_type.scat_Cromer_Mann_b2 
_atom_type.scat_Cromer_Mann_a3 
_atom_type.scat_Cromer_Mann_b3 
_atom_type.scat_Cromer_Mann_a4 
_atom_type.scat_Cromer_Mann_b4 
_atom_type.scat_Cromer_Mann_c 
C  6  6  2.310  20.844 1.020 10.208 1.589 0.569  0.865 51.651 0.216   
CL 17 17 11.460 0.010  7.196 1.166  6.255 18.519 1.645 47.778 -9.345  
H  1  1  0.493  10.511 0.323 26.126 0.140 3.142  0.041 57.800 0.003   
N  7  7  12.222 0.006  3.135 9.893  2.014 28.997 1.167 0.583  -11.538 
O  8  8  3.049  13.277 2.287 5.701  1.546 0.324  0.867 32.909 0.251   
S  16 16 6.905  1.468  5.203 22.215 1.438 0.254  1.586 56.172 1.049   
ZN 30 30 14.081 3.266  7.035 0.233  5.168 10.316 2.411 58.710 1.004   
# 
loop_
_atom_site.group_PDB 
_atom_site.id 
_atom_site.type_symbol 
_atom_site.label_atom_id 
_atom_site.label_alt_id 
_atom_site.label_comp_id 
_atom_site.label_asym_id 
_atom_site.label_entity_id 
_atom_site.label_seq_id 
_atom_site.pdbx_PDB_ins_code 
_atom_site.Cartn_x 
_atom_site.Cartn_y 
_atom_site.Cartn_z 
_atom_site.occupancy 
_atom_site.B_iso_or_equiv 
_atom_site.pdbx_formal_charge 
_atom_site.auth_seq_id 
_atom_site.auth_comp_id 
_atom_site.auth_asym_id 
_atom_site.auth_atom_id 
_atom_site.pdbx_PDB_model_num 
_atom_site.calc_flag 
ATOM   1    N  N    . THR A 1 1  ? -16.691 5.921   -4.360  1.000 43.584 0 1780 THR AAA N    1 ? 
ATOM   2    C  CA   . THR A 1 1  ? -15.271 5.902   -3.893  1.000 39.483 0 1780 THR AAA CA   1 ? 
ATOM   3    C  C    . THR A 1 1  ? -14.383 6.261   -5.099  1.000 39.399 0 1780 THR AAA C    1 ? 
ATOM   4    O  O    . THR A 1 1  ? -14.880 6.244   -6.257  1.000 38.257 0 1780 THR AAA O    1 ? 
ATOM   5    C  CB   . THR A 1 1  ? -14.958 4.607   -3.115  1.000 40.607 0 1780 THR AAA CB   1 ? 
ATOM   6    O  OG1  . THR A 1 1  ? -14.912 3.443   -3.935  1.000 42.771 0 1780 THR AAA OG1  1 ? 
ATOM   7    C  CG2  . THR A 1 1  ? -15.970 4.323   -2.018  1.000 40.893 0 1780 THR AAA CG2  1 ? 
ATOM   8    H  H1   . THR A 1 1  ? -16.987 5.068   -4.488  1.000 42.268 0 1780 THR AAA H1   1 c 
ATOM   9    H  H2   . THR A 1 1  ? -16.758 6.403   -5.189  1.000 42.271 0 1780 THR AAA H2   1 c 
ATOM   10   H  H3   . THR A 1 1  ? -17.237 6.353   -3.698  1.000 42.275 0 1780 THR AAA H3   1 c 
ATOM   11   H  HA   . THR A 1 1  ? -15.184 6.644   -3.249  1.000 40.438 0 1780 THR AAA HA   1 c 
ATOM   12   H  HB   . THR A 1 1  ? -14.073 4.721   -2.694  1.000 40.850 0 1780 THR AAA HB   1 c 
ATOM   13   H  HG1  . THR A 1 1  ? -14.733 2.773   -3.474  0.000 42.720 0 1780 THR AAA HG1  1 c 
ATOM   14   H  HG21 . THR A 1 1  ? -16.008 5.081   -1.408  1.000 40.812 0 1780 THR AAA HG21 1 c 
ATOM   15   H  HG22 . THR A 1 1  ? -15.700 3.526   -1.527  1.000 40.812 0 1780 THR AAA HG22 1 c 
ATOM   16   H  HG23 . THR A 1 1  ? -16.848 4.178   -2.410  1.000 40.819 0 1780 THR AAA HG23 1 c 
ATOM   17   N  N    . LYS A 1 2  ? -13.156 6.703   -4.844  1.000 37.816 0 1781 LYS AAA N    1 ? 
ATOM   18   C  CA   . LYS A 1 2  ? -12.274 7.276   -5.889  1.000 39.564 0 1781 LYS AAA CA   1 ? 
ATOM   19   C  C    . LYS A 1 2  ? -11.620 6.121   -6.624  1.000 35.682 0 1781 LYS AAA C    1 ? 
ATOM   20   O  O    . LYS A 1 2  ? -11.391 5.083   -6.027  1.000 33.604 0 1781 LYS AAA O    1 ? 
ATOM   21   C  CB   . LYS A 1 2  ? -11.240 8.211   -5.260  1.000 39.837 0 1781 LYS AAA CB   1 ? 
ATOM   22   C  CG   . LYS A 1 2  ? -11.877 9.342   -4.485  1.000 41.234 0 1781 LYS AAA CG   1 ? 
ATOM   23   C  CD   . LYS A 1 2  ? -10.974 10.485  -4.297  1.000 42.654 0 1781 LYS AAA CD   1 ? 
ATOM   24   C  CE   . LYS A 1 2  ? -9.938  10.180  -3.256  1.000 43.882 0 1781 LYS AAA CE   1 ? 
ATOM   25   N  NZ   . LYS A 1 2  ? -9.614  11.423  -2.523  1.000 47.075 0 1781 LYS AAA NZ   1 ? 
ATOM   26   H  H    . LYS A 1 2  ? -12.784 6.674   -4.012  1.000 38.602 0 1781 LYS AAA H    1 c 
ATOM   27   H  HA   . LYS A 1 2  ? -12.827 7.789   -6.519  1.000 38.518 0 1781 LYS AAA HA   1 c 
ATOM   28   H  HB2  . LYS A 1 2  ? -10.668 7.693   -4.656  1.000 40.103 0 1781 LYS AAA HB2  1 c 
ATOM   29   H  HB3  . LYS A 1 2  ? -10.678 8.585   -5.970  1.000 40.112 0 1781 LYS AAA HB3  1 c 
ATOM   30   H  HG2  . LYS A 1 2  ? -12.677 9.642   -4.967  1.000 41.233 0 1781 LYS AAA HG2  1 c 
ATOM   31   H  HG3  . LYS A 1 2  ? -12.164 9.007   -3.609  1.000 41.250 0 1781 LYS AAA HG3  1 c 
ATOM   32   H  HD2  . LYS A 1 2  ? -10.530 10.696  -5.146  1.000 42.596 0 1781 LYS AAA HD2  1 c 
ATOM   33   H  HD3  . LYS A 1 2  ? -11.495 11.269  -4.019  1.000 42.620 0 1781 LYS AAA HD3  1 c 
ATOM   34   H  HE2  . LYS A 1 2  ? -10.273 9.512   -2.629  1.000 44.263 0 1781 LYS AAA HE2  1 c 
ATOM   35   H  HE3  . LYS A 1 2  ? -9.131  9.832   -3.679  1.000 44.288 0 1781 LYS AAA HE3  1 c 
ATOM   36   H  HZ1  . LYS A 1 2  ? -9.344  12.064  -3.106  1.000 46.063 0 1781 LYS AAA HZ1  1 c 
ATOM   37   H  HZ2  . LYS A 1 2  ? -8.946  11.263  -1.929  1.000 46.069 0 1781 LYS AAA HZ2  1 c 
ATOM   38   H  HZ3  . LYS A 1 2  ? -10.345 11.716  -2.074  1.000 46.062 0 1781 LYS AAA HZ3  1 c 
ATOM   39   N  N    . PRO A 1 3  ? -11.327 6.237   -7.932  1.000 37.549 0 1782 PRO AAA N    1 ? 
ATOM   40   C  CA   . PRO A 1 3  ? -10.369 5.321   -8.560  1.000 39.269 0 1782 PRO AAA CA   1 ? 
ATOM   41   C  C    . PRO A 1 3  ? -9.035  5.401   -7.792  1.000 38.506 0 1782 PRO AAA C    1 ? 
ATOM   42   O  O    . PRO A 1 3  ? -8.741  6.446   -7.186  1.000 39.393 0 1782 PRO AAA O    1 ? 
ATOM   43   C  CB   . PRO A 1 3  ? -10.246 5.802   -10.014 1.000 37.619 0 1782 PRO AAA CB   1 ? 
ATOM   44   C  CG   . PRO A 1 3  ? -10.870 7.187   -10.016 1.000 38.883 0 1782 PRO AAA CG   1 ? 
ATOM   45   C  CD   . PRO A 1 3  ? -11.880 7.219   -8.877  1.000 39.536 0 1782 PRO AAA CD   1 ? 
ATOM   46   H  HA   . PRO A 1 3  ? -10.727 4.398   -8.539  1.000 38.467 0 1782 PRO AAA HA   1 c 
ATOM   47   H  HB2  . PRO A 1 3  ? -9.306  5.845   -10.290 1.000 38.323 0 1782 PRO AAA HB2  1 c 
ATOM   48   H  HB3  . PRO A 1 3  ? -10.727 5.205   -10.624 1.000 38.306 0 1782 PRO AAA HB3  1 c 
ATOM   49   H  HG2  . PRO A 1 3  ? -10.182 7.870   -9.880  1.000 38.740 0 1782 PRO AAA HG2  1 c 
ATOM   50   H  HG3  . PRO A 1 3  ? -11.313 7.361   -10.870 1.000 38.737 0 1782 PRO AAA HG3  1 c 
ATOM   51   H  HD2  . PRO A 1 3  ? -11.931 8.107   -8.477  1.000 38.909 0 1782 PRO AAA HD2  1 c 
ATOM   52   H  HD3  . PRO A 1 3  ? -12.768 6.954   -9.183  1.000 38.909 0 1782 PRO AAA HD3  1 c 
ATOM   53   N  N    . VAL A 1 4  ? -8.288  4.297   -7.784  1.000 37.921 0 1783 VAL AAA N    1 ? 
ATOM   54   C  CA   . VAL A 1 4  ? -7.013  4.132   -7.021  1.000 38.003 0 1783 VAL AAA CA   1 ? 
ATOM   55   C  C    . VAL A 1 4  ? -6.026  5.240   -7.421  1.000 38.748 0 1783 VAL AAA C    1 ? 
ATOM   56   O  O    . VAL A 1 4  ? -5.437  5.839   -6.511  1.000 39.171 0 1783 VAL AAA O    1 ? 
ATOM   57   C  CB   . VAL A 1 4  ? -6.415  2.735   -7.248  1.000 37.902 0 1783 VAL AAA CB   1 ? 
ATOM   58   C  CG1  . VAL A 1 4  ? -5.036  2.598   -6.626  1.000 40.108 0 1783 VAL AAA CG1  1 ? 
ATOM   59   C  CG2  . VAL A 1 4  ? -7.335  1.650   -6.733  1.000 39.647 0 1783 VAL AAA CG2  1 ? 
ATOM   60   H  H    . VAL A 1 4  ? -8.511  3.563   -8.274  1.000 38.092 0 1783 VAL AAA H    1 c 
ATOM   61   H  HA   . VAL A 1 4  ? -7.213  4.228   -6.074  1.000 38.112 0 1783 VAL AAA HA   1 c 
ATOM   62   H  HB   . VAL A 1 4  ? -6.319  2.610   -8.224  1.000 38.667 0 1783 VAL AAA HB   1 c 
ATOM   63   H  HG11 . VAL A 1 4  ? -4.410  3.183   -7.085  1.000 39.420 0 1783 VAL AAA HG11 1 c 
ATOM   64   H  HG12 . VAL A 1 4  ? -4.735  1.676   -6.707  1.000 39.420 0 1783 VAL AAA HG12 1 c 
ATOM   65   H  HG13 . VAL A 1 4  ? -5.079  2.843   -5.685  1.000 39.414 0 1783 VAL AAA HG13 1 c 
ATOM   66   H  HG21 . VAL A 1 4  ? -7.486  1.777   -5.780  1.000 39.119 0 1783 VAL AAA HG21 1 c 
ATOM   67   H  HG22 . VAL A 1 4  ? -6.924  0.781   -6.882  1.000 39.143 0 1783 VAL AAA HG22 1 c 
ATOM   68   H  HG23 . VAL A 1 4  ? -8.184  1.689   -7.203  1.000 39.115 0 1783 VAL AAA HG23 1 c 
ATOM   69   N  N    . HIS A 1 5  ? -5.856  5.525   -8.717  1.000 35.658 0 1784 HIS AAA N    1 ? 
ATOM   70   C  CA   . HIS A 1 5  ? -4.866  6.532   -9.193  1.000 38.250 0 1784 HIS AAA CA   1 ? 
ATOM   71   C  C    . HIS A 1 5  ? -5.143  7.894   -8.538  1.000 36.700 0 1784 HIS AAA C    1 ? 
ATOM   72   O  O    . HIS A 1 5  ? -4.220  8.699   -8.453  1.000 33.025 0 1784 HIS AAA O    1 ? 
ATOM   73   C  CB   . HIS A 1 5  ? -4.802  6.570   -10.729 1.000 40.605 0 1784 HIS AAA CB   1 ? 
ATOM   74   C  CG   . HIS A 1 5  ? -5.898  7.335   -11.404 1.000 43.563 0 1784 HIS AAA CG   1 ? 
ATOM   75   N  ND1  . HIS A 1 5  ? -5.747  8.654   -11.784 1.000 43.729 0 1784 HIS AAA ND1  1 ? 
ATOM   76   C  CD2  . HIS A 1 5  ? -7.136  6.962   -11.819 1.000 43.920 0 1784 HIS AAA CD2  1 ? 
ATOM   77   C  CE1  . HIS A 1 5  ? -6.838  9.060   -12.408 1.000 43.426 0 1784 HIS AAA CE1  1 ? 
ATOM   78   N  NE2  . HIS A 1 5  ? -7.709  8.045   -12.434 1.000 44.863 0 1784 HIS AAA NE2  1 ? 
ATOM   79   H  H    . HIS A 1 5  ? -6.324  5.132   -9.392  1.000 36.993 0 1784 HIS AAA H    1 c 
ATOM   80   H  HA   . HIS A 1 5  ? -3.982  6.237   -8.873  1.000 37.886 0 1784 HIS AAA HA   1 c 
ATOM   81   H  HB2  . HIS A 1 5  ? -3.942  6.965   -10.994 1.000 40.737 0 1784 HIS AAA HB2  1 c 
ATOM   82   H  HB3  . HIS A 1 5  ? -4.816  5.647   -11.065 1.000 40.711 0 1784 HIS AAA HB3  1 c 
ATOM   83   H  HD1  . HIS A 1 5  ? -5.022  9.137   -11.662 0.000 43.610 0 1784 HIS AAA HD1  1 c 
ATOM   84   H  HD2  . HIS A 1 5  ? -7.529  6.117   -11.714 1.000 43.990 0 1784 HIS AAA HD2  1 c 
ATOM   85   H  HE1  . HIS A 1 5  ? -6.988  9.926   -12.745 1.000 43.789 0 1784 HIS AAA HE1  1 c 
ATOM   86   H  HE2  . HIS A 1 5  ? -8.507  8.075   -12.788 0.000 44.720 0 1784 HIS AAA HE2  1 c 
ATOM   87   N  N    . LEU A 1 6  ? -6.348  8.134   -8.019  1.000 34.442 0 1785 LEU AAA N    1 ? 
ATOM   88   C  CA   . LEU A 1 6  ? -6.678  9.451   -7.423  1.000 37.676 0 1785 LEU AAA CA   1 ? 
ATOM   89   C  C    . LEU A 1 6  ? -6.586  9.378   -5.895  1.000 34.329 0 1785 LEU AAA C    1 ? 
ATOM   90   O  O    . LEU A 1 6  ? -6.795  10.413  -5.256  1.000 37.900 0 1785 LEU AAA O    1 ? 
ATOM   91   C  CB   . LEU A 1 6  ? -8.062  9.910   -7.899  1.000 37.006 0 1785 LEU AAA CB   1 ? 
ATOM   92   C  CG   . LEU A 1 6  ? -8.201  10.140  -9.400  1.000 38.856 0 1785 LEU AAA CG   1 ? 
ATOM   93   C  CD1  . LEU A 1 6  ? -9.564  10.738  -9.719  1.000 40.717 0 1785 LEU AAA CD1  1 ? 
ATOM   94   C  CD2  . LEU A 1 6  ? -7.107  11.046  -9.930  1.000 40.837 0 1785 LEU AAA CD2  1 ? 
ATOM   95   H  H    . LEU A 1 6  ? -7.032  7.536   -8.023  1.000 35.725 0 1785 LEU AAA H    1 c 
ATOM   96   H  HA   . LEU A 1 6  ? -6.008  10.100  -7.732  1.000 36.277 0 1785 LEU AAA HA   1 c 
ATOM   97   H  HB2  . LEU A 1 6  ? -8.718  9.238   -7.628  1.000 37.596 0 1785 LEU AAA HB2  1 c 
ATOM   98   H  HB3  . LEU A 1 6  ? -8.286  10.743  -7.438  1.000 37.597 0 1785 LEU AAA HB3  1 c 
ATOM   99   H  HG   . LEU A 1 6  ? -8.130  9.266   -9.857  1.000 39.220 0 1785 LEU AAA HG   1 c 
ATOM   100  H  HD11 . LEU A 1 6  ? -10.263 10.141  -9.401  1.000 40.134 0 1785 LEU AAA HD11 1 c 
ATOM   101  H  HD12 . LEU A 1 6  ? -9.651  10.853  -10.681 1.000 40.137 0 1785 LEU AAA HD12 1 c 
ATOM   102  H  HD13 . LEU A 1 6  ? -9.651  11.600  -9.280  1.000 40.137 0 1785 LEU AAA HD13 1 c 
ATOM   103  H  HD21 . LEU A 1 6  ? -7.053  11.846  -9.378  1.000 40.219 0 1785 LEU AAA HD21 1 c 
ATOM   104  H  HD22 . LEU A 1 6  ? -7.311  11.300  -10.847 1.000 40.231 0 1785 LEU AAA HD22 1 c 
ATOM   105  H  HD23 . LEU A 1 6  ? -6.254  10.578  -9.907  1.000 40.207 0 1785 LEU AAA HD23 1 c 
ATOM   106  N  N    . TRP A 1 7  ? -6.258  8.231   -5.310  1.000 34.340 0 1786 TRP AAA N    1 ? 
ATOM   107  C  CA   . TRP A 1 7  ? -6.054  8.134   -3.839  1.000 33.083 0 1786 TRP AAA CA   1 ? 
ATOM   108  C  C    . TRP A 1 7  ? -4.939  9.097   -3.407  1.000 34.052 0 1786 TRP AAA C    1 ? 
ATOM   109  O  O    . TRP A 1 7  ? -3.828  9.088   -4.020  1.000 35.319 0 1786 TRP AAA O    1 ? 
ATOM   110  C  CB   . TRP A 1 7  ? -5.754  6.701   -3.403  1.000 34.934 0 1786 TRP AAA CB   1 ? 
ATOM   111  C  CG   . TRP A 1 7  ? -6.925  5.774   -3.512  1.000 35.922 0 1786 TRP AAA CG   1 ? 
ATOM   112  C  CD1  . TRP A 1 7  ? -8.125  6.019   -4.116  1.000 36.295 0 1786 TRP AAA CD1  1 ? 
ATOM   113  C  CD2  . TRP A 1 7  ? -6.981  4.417   -3.034  1.000 36.909 0 1786 TRP AAA CD2  1 ? 
ATOM   114  N  NE1  . TRP A 1 7  ? -8.921  4.909   -4.047  1.000 37.326 0 1786 TRP AAA NE1  1 ? 
ATOM   115  C  CE2  . TRP A 1 7  ? -8.254  3.909   -3.385  1.000 38.136 0 1786 TRP AAA CE2  1 ? 
ATOM   116  C  CE3  . TRP A 1 7  ? -6.088  3.590   -2.340  1.000 33.949 0 1786 TRP AAA CE3  1 ? 
ATOM   117  C  CZ2  . TRP A 1 7  ? -8.654  2.611   -3.061  1.000 35.477 0 1786 TRP AAA CZ2  1 ? 
ATOM   118  C  CZ3  . TRP A 1 7  ? -6.484  2.310   -2.023  1.000 36.844 0 1786 TRP AAA CZ3  1 ? 
ATOM   119  C  CH2  . TRP A 1 7  ? -7.751  1.828   -2.378  1.000 39.225 0 1786 TRP AAA CH2  1 ? 
ATOM   120  H  H    . TRP A 1 7  ? -6.142  7.448   -5.756  1.000 34.057 0 1786 TRP AAA H    1 c 
ATOM   121  H  HA   . TRP A 1 7  ? -6.893  8.411   -3.404  1.000 33.835 0 1786 TRP AAA HA   1 c 
ATOM   122  H  HB2  . TRP A 1 7  ? -5.024  6.358   -3.949  1.000 34.709 0 1786 TRP AAA HB2  1 c 
ATOM   123  H  HB3  . TRP A 1 7  ? -5.448  6.720   -2.473  1.000 34.716 0 1786 TRP AAA HB3  1 c 
ATOM   124  H  HD1  . TRP A 1 7  ? -8.372  6.829   -4.536  1.000 36.457 0 1786 TRP AAA HD1  1 c 
ATOM   125  H  HE1  . TRP A 1 7  ? -9.735  4.853   -4.360  1.000 37.152 0 1786 TRP AAA HE1  1 c 
ATOM   126  H  HE3  . TRP A 1 7  ? -5.230  3.903   -2.103  1.000 35.472 0 1786 TRP AAA HE3  1 c 
ATOM   127  H  HZ2  . TRP A 1 7  ? -9.510  2.291   -3.294  1.000 36.872 0 1786 TRP AAA HZ2  1 c 
ATOM   128  H  HZ3  . TRP A 1 7  ? -5.888  1.743   -1.562  1.000 36.667 0 1786 TRP AAA HZ3  1 c 
ATOM   129  H  HH2  . TRP A 1 7  ? -7.991  0.949   -2.146  1.000 37.583 0 1786 TRP AAA HH2  1 c 
ATOM   130  N  N    . THR A 1 8  ? -5.235  9.918   -2.404  1.000 30.318 0 1787 THR AAA N    1 ? 
ATOM   131  C  CA   . THR A 1 8  ? -4.255  10.802  -1.727  1.000 30.711 0 1787 THR AAA CA   1 ? 
ATOM   132  C  C    . THR A 1 8  ? -3.419  9.912   -0.807  1.000 31.012 0 1787 THR AAA C    1 ? 
ATOM   133  O  O    . THR A 1 8  ? -3.733  8.701   -0.706  1.000 31.129 0 1787 THR AAA O    1 ? 
ATOM   134  C  CB   . THR A 1 8  ? -4.991  11.939  -1.008  1.000 30.792 0 1787 THR AAA CB   1 ? 
ATOM   135  O  OG1  . THR A 1 8  ? -5.861  11.391  -0.018  1.000 30.349 0 1787 THR AAA OG1  1 ? 
ATOM   136  C  CG2  . THR A 1 8  ? -5.836  12.772  -1.946  1.000 35.531 0 1787 THR AAA CG2  1 ? 
ATOM   137  H  H    . THR A 1 8  ? -6.070  9.987   -2.049  1.000 31.284 0 1787 THR AAA H    1 c 
ATOM   138  H  HA   . THR A 1 8  ? -3.666  11.191  -2.414  1.000 30.726 0 1787 THR AAA HA   1 c 
ATOM   139  H  HB   . THR A 1 8  ? -4.325  12.519  -0.569  1.000 31.564 0 1787 THR AAA HB   1 c 
ATOM   140  H  HG1  . THR A 1 8  ? -6.268  12.022  0.383   0.000 30.340 0 1787 THR AAA HG1  1 c 
ATOM   141  H  HG21 . THR A 1 8  ? -5.275  13.133  -2.655  1.000 34.001 0 1787 THR AAA HG21 1 c 
ATOM   142  H  HG22 . THR A 1 8  ? -6.244  13.506  -1.452  1.000 34.001 0 1787 THR AAA HG22 1 c 
ATOM   143  H  HG23 . THR A 1 8  ? -6.535  12.218  -2.336  1.000 34.005 0 1787 THR AAA HG23 1 c 
ATOM   144  N  N    . LYS A 1 9  ? -2.441  10.481  -0.106  1.000 32.879 0 1788 LYS AAA N    1 ? 
ATOM   145  C  CA   . LYS A 1 9  ? -1.644  9.736   0.908   1.000 33.611 0 1788 LYS AAA CA   1 ? 
ATOM   146  C  C    . LYS A 1 9  ? -2.529  9.231   2.050   1.000 33.136 0 1788 LYS AAA C    1 ? 
ATOM   147  O  O    . LYS A 1 9  ? -2.379  8.086   2.465   1.000 35.180 0 1788 LYS AAA O    1 ? 
ATOM   148  C  CB   . LYS A 1 9  ? -0.512  10.608  1.461   1.000 34.908 0 1788 LYS AAA CB   1 ? 
ATOM   149  C  CG   . LYS A 1 9  ? 0.558   11.016  0.459   1.000 38.247 0 1788 LYS AAA CG   1 ? 
ATOM   150  C  CD   . LYS A 1 9  ? 1.388   12.176  0.940   1.000 42.969 0 1788 LYS AAA CD   1 ? 
ATOM   151  C  CE   . LYS A 1 9  ? 1.879   11.983  2.362   1.000 47.344 0 1788 LYS AAA CE   1 ? 
ATOM   152  N  NZ   . LYS A 1 9  ? 2.328   13.261  2.965   1.000 48.172 0 1788 LYS AAA NZ   1 ? 
ATOM   153  H  H    . LYS A 1 9  ? -2.201  11.354  -0.211  1.000 32.636 0 1788 LYS AAA H    1 c 
ATOM   154  H  HA   . LYS A 1 9  ? -1.244  8.956   0.462   1.000 33.623 0 1788 LYS AAA HA   1 c 
ATOM   155  H  HB2  . LYS A 1 9  ? -0.903  11.419  1.843   1.000 35.458 0 1788 LYS AAA HB2  1 c 
ATOM   156  H  HB3  . LYS A 1 9  ? -0.081  10.113  2.189   1.000 35.461 0 1788 LYS AAA HB3  1 c 
ATOM   157  H  HG2  . LYS A 1 9  ? 1.145   10.248  0.290   1.000 38.472 0 1788 LYS AAA HG2  1 c 
ATOM   158  H  HG3  . LYS A 1 9  ? 0.126   11.258  -0.388  1.000 38.451 0 1788 LYS AAA HG3  1 c 
ATOM   159  H  HD2  . LYS A 1 9  ? 2.161   12.285  0.348   1.000 42.777 0 1788 LYS AAA HD2  1 c 
ATOM   160  H  HD3  . LYS A 1 9  ? 0.852   12.996  0.895   1.000 42.784 0 1788 LYS AAA HD3  1 c 
ATOM   161  H  HE2  . LYS A 1 9  ? 1.168   11.615  2.910   1.000 46.392 0 1788 LYS AAA HE2  1 c 
ATOM   162  H  HE3  . LYS A 1 9  ? 2.620   11.352  2.366   1.000 46.397 0 1788 LYS AAA HE3  1 c 
ATOM   163  H  HZ1  . LYS A 1 9  ? 3.007   13.610  2.475   1.000 47.907 0 1788 LYS AAA HZ1  1 c 
ATOM   164  H  HZ2  . LYS A 1 9  ? 2.617   13.117  3.813   1.000 47.907 0 1788 LYS AAA HZ2  1 c 
ATOM   165  H  HZ3  . LYS A 1 9  ? 1.640   13.852  2.982   1.000 47.897 0 1788 LYS AAA HZ3  1 c 
ATOM   166  N  N    . PRO A 1 10 ? -3.407  10.057  2.670   1.000 32.705 0 1789 PRO AAA N    1 ? 
ATOM   167  C  CA   . PRO A 1 10 ? -4.307  9.558   3.701   1.000 30.700 0 1789 PRO AAA CA   1 ? 
ATOM   168  C  C    . PRO A 1 10 ? -5.269  8.443   3.251   1.000 32.591 0 1789 PRO AAA C    1 ? 
ATOM   169  O  O    . PRO A 1 10 ? -5.619  7.620   4.073   1.000 34.873 0 1789 PRO AAA O    1 ? 
ATOM   170  C  CB   . PRO A 1 10 ? -5.125  10.776  4.161   1.000 32.372 0 1789 PRO AAA CB   1 ? 
ATOM   171  C  CG   . PRO A 1 10 ? -4.767  11.921  3.224   1.000 35.000 0 1789 PRO AAA CG   1 ? 
ATOM   172  C  CD   . PRO A 1 10 ? -3.503  11.516  2.495   1.000 33.825 0 1789 PRO AAA CD   1 ? 
ATOM   173  H  HA   . PRO A 1 10 ? -3.765  9.232   4.463   1.000 31.757 0 1789 PRO AAA HA   1 c 
ATOM   174  H  HB2  . PRO A 1 10 ? -6.086  10.584  4.114   1.000 32.599 0 1789 PRO AAA HB2  1 c 
ATOM   175  H  HB3  . PRO A 1 10 ? -4.901  11.011  5.087   1.000 32.573 0 1789 PRO AAA HB3  1 c 
ATOM   176  H  HG2  . PRO A 1 10 ? -5.492  12.079  2.584   1.000 34.111 0 1789 PRO AAA HG2  1 c 
ATOM   177  H  HG3  . PRO A 1 10 ? -4.618  12.744  3.732   1.000 34.094 0 1789 PRO AAA HG3  1 c 
ATOM   178  H  HD2  . PRO A 1 10 ? -3.564  11.751  1.551   1.000 33.821 0 1789 PRO AAA HD2  1 c 
ATOM   179  H  HD3  . PRO A 1 10 ? -2.727  11.963  2.879   1.000 33.834 0 1789 PRO AAA HD3  1 c 
ATOM   180  N  N    . ASP A 1 11 ? -5.723  8.465   2.000   1.000 32.512 0 1790 ASP AAA N    1 ? 
ATOM   181  C  CA   . ASP A 1 11 ? -6.585  7.414   1.400   1.000 32.458 0 1790 ASP AAA CA   1 ? 
ATOM   182  C  C    . ASP A 1 11 ? -5.852  6.071   1.425   1.000 30.918 0 1790 ASP AAA C    1 ? 
ATOM   183  O  O    . ASP A 1 11 ? -6.497  5.025   1.630   1.000 37.171 0 1790 ASP AAA O    1 ? 
ATOM   184  C  CB   . ASP A 1 11 ? -6.965  7.758   -0.046  1.000 33.427 0 1790 ASP AAA CB   1 ? 
ATOM   185  C  CG   . ASP A 1 11 ? -7.940  8.915   -0.149  1.000 32.132 0 1790 ASP AAA CG   1 ? 
ATOM   186  O  OD1  . ASP A 1 11 ? -8.642  9.131   0.829   1.000 34.573 0 1790 ASP AAA OD1  1 ? 
ATOM   187  O  OD2  . ASP A 1 11 ? -8.012  9.553   -1.217  1.000 27.708 0 1790 ASP AAA OD2  1 ? 
ATOM   188  H  H    . ASP A 1 11 ? -5.529  9.145   1.426   1.000 32.523 0 1790 ASP AAA H    1 c 
ATOM   189  H  HA   . ASP A 1 11 ? -7.407  7.336   1.938   1.000 32.357 0 1790 ASP AAA HA   1 c 
ATOM   190  H  HB2  . ASP A 1 11 ? -6.156  7.988   -0.546  1.000 32.886 0 1790 ASP AAA HB2  1 c 
ATOM   191  H  HB3  . ASP A 1 11 ? -7.372  6.973   -0.466  1.000 32.886 0 1790 ASP AAA HB3  1 c 
ATOM   192  N  N    . VAL A 1 12 ? -4.561  6.093   1.149   1.000 31.007 0 1791 VAL AAA N    1 ? 
ATOM   193  C  CA   . VAL A 1 12 ? -3.691  4.885   1.199   1.000 31.945 0 1791 VAL AAA CA   1 ? 
ATOM   194  C  C    . VAL A 1 12 ? -3.541  4.469   2.673   1.000 32.462 0 1791 VAL AAA C    1 ? 
ATOM   195  O  O    . VAL A 1 12 ? -3.638  3.279   2.953   1.000 36.461 0 1791 VAL AAA O    1 ? 
ATOM   196  C  CB   . VAL A 1 12 ? -2.338  5.163   0.521   1.000 31.527 0 1791 VAL AAA CB   1 ? 
ATOM   197  C  CG1  . VAL A 1 12 ? -1.283  4.127   0.915   1.000 33.934 0 1791 VAL AAA CG1  1 ? 
ATOM   198  C  CG2  . VAL A 1 12 ? -2.484  5.268   -0.992  1.000 32.644 0 1791 VAL AAA CG2  1 ? 
ATOM   199  H  H    . VAL A 1 12 ? -4.122  6.851   0.899   1.000 31.219 0 1791 VAL AAA H    1 c 
ATOM   200  H  HA   . VAL A 1 12 ? -4.137  4.165   0.718   1.000 31.804 0 1791 VAL AAA HA   1 c 
ATOM   201  H  HB   . VAL A 1 12 ? -2.023  6.039   0.849   1.000 32.272 0 1791 VAL AAA HB   1 c 
ATOM   202  H  HG11 . VAL A 1 12 ? -1.068  4.219   1.860   1.000 33.177 0 1791 VAL AAA HG11 1 c 
ATOM   203  H  HG12 . VAL A 1 12 ? -0.477  4.266   0.387   1.000 33.179 0 1791 VAL AAA HG12 1 c 
ATOM   204  H  HG13 . VAL A 1 12 ? -1.628  3.231   0.747   1.000 33.179 0 1791 VAL AAA HG13 1 c 
ATOM   205  H  HG21 . VAL A 1 12 ? -2.847  4.436   -1.342  1.000 32.312 0 1791 VAL AAA HG21 1 c 
ATOM   206  H  HG22 . VAL A 1 12 ? -1.613  5.435   -1.392  1.000 32.305 0 1791 VAL AAA HG22 1 c 
ATOM   207  H  HG23 . VAL A 1 12 ? -3.086  6.001   -1.210  1.000 32.305 0 1791 VAL AAA HG23 1 c 
ATOM   208  N  N    . ALA A 1 13 ? -3.305  5.414   3.587   1.000 32.199 0 1792 ALA AAA N    1 ? 
ATOM   209  C  CA   . ALA A 1 13 ? -3.280  5.151   5.043   1.000 33.844 0 1792 ALA AAA CA   1 ? 
ATOM   210  C  C    . ALA A 1 13 ? -4.591  4.465   5.452   1.000 36.318 0 1792 ALA AAA C    1 ? 
ATOM   211  O  O    . ALA A 1 13 ? -4.504  3.391   6.082   1.000 33.819 0 1792 ALA AAA O    1 ? 
ATOM   212  C  CB   . ALA A 1 13 ? -3.030  6.423   5.793   1.000 33.965 0 1792 ALA AAA CB   1 ? 
ATOM   213  H  H    . ALA A 1 13 ? -3.139  6.286   3.383   1.000 32.647 0 1792 ALA AAA H    1 c 
ATOM   214  H  HA   . ALA A 1 13 ? -2.537  4.529   5.229   1.000 34.004 0 1792 ALA AAA HA   1 c 
ATOM   215  H  HB1  . ALA A 1 13 ? -2.997  6.236   6.746   1.000 33.958 0 1792 ALA AAA HB1  1 c 
ATOM   216  H  HB2  . ALA A 1 13 ? -2.183  6.807   5.510   1.000 33.938 0 1792 ALA AAA HB2  1 c 
ATOM   217  H  HB3  . ALA A 1 13 ? -3.746  7.054   5.613   1.000 33.941 0 1792 ALA AAA HB3  1 c 
ATOM   218  N  N    . ASP A 1 14 ? -5.756  4.984   5.028   1.000 37.262 0 1793 ASP AAA N    1 ? 
ATOM   219  C  CA   . ASP A 1 14 ? -7.091  4.392   5.364   1.000 38.983 0 1793 ASP AAA CA   1 ? 
ATOM   220  C  C    . ASP A 1 14 ? -7.175  2.952   4.850   1.000 36.126 0 1793 ASP AAA C    1 ? 
ATOM   221  O  O    . ASP A 1 14 ? -7.584  2.077   5.612   1.000 41.361 0 1793 ASP AAA O    1 ? 
ATOM   222  C  CB   . ASP A 1 14 ? -8.259  5.208   4.808   1.000 39.004 0 1793 ASP AAA CB   1 ? 
ATOM   223  C  CG   . ASP A 1 14 ? -8.385  6.593   5.419   1.000 41.722 0 1793 ASP AAA CG   1 ? 
ATOM   224  O  OD1  . ASP A 1 14 ? -7.830  6.808   6.514   1.000 44.242 0 1793 ASP AAA OD1  1 ? 
ATOM   225  O  OD2  . ASP A 1 14 ? -8.990  7.455   4.773   1.000 42.515 0 1793 ASP AAA OD2  1 ? 
ATOM   226  H  H    . ASP A 1 14 ? -5.802  5.729   4.506   1.000 37.435 0 1793 ASP AAA H    1 c 
ATOM   227  H  HA   . ASP A 1 14 ? -7.174  4.371   6.346   1.000 38.118 0 1793 ASP AAA HA   1 c 
ATOM   228  H  HB2  . ASP A 1 14 ? -8.147  5.307   3.840   1.000 39.624 0 1793 ASP AAA HB2  1 c 
ATOM   229  H  HB3  . ASP A 1 14 ? -9.095  4.723   4.971   1.000 39.618 0 1793 ASP AAA HB3  1 c 
ATOM   230  N  N    . TRP A 1 15 ? -6.796  2.735   3.595   1.000 39.068 0 1794 TRP AAA N    1 ? 
ATOM   231  C  CA   . TRP A 1 15 ? -6.711  1.404   2.937   1.000 39.467 0 1794 TRP AAA CA   1 ? 
ATOM   232  C  C    . TRP A 1 15 ? -5.824  0.444   3.753   1.000 41.231 0 1794 TRP AAA C    1 ? 
ATOM   233  O  O    . TRP A 1 15 ? -6.301  -0.664  4.070   1.000 43.306 0 1794 TRP AAA O    1 ? 
ATOM   234  C  CB   . TRP A 1 15 ? -6.205  1.583   1.502   1.000 40.171 0 1794 TRP AAA CB   1 ? 
ATOM   235  C  CG   . TRP A 1 15 ? -5.886  0.315   0.773   1.000 38.162 0 1794 TRP AAA CG   1 ? 
ATOM   236  C  CD1  . TRP A 1 15 ? -6.776  -0.601  0.282   1.000 40.115 0 1794 TRP AAA CD1  1 ? 
ATOM   237  C  CD2  . TRP A 1 15 ? -4.586  -0.155  0.388   1.000 38.089 0 1794 TRP AAA CD2  1 ? 
ATOM   238  N  NE1  . TRP A 1 15 ? -6.123  -1.605  -0.379  1.000 39.531 0 1794 TRP AAA NE1  1 ? 
ATOM   239  C  CE2  . TRP A 1 15 ? -4.776  -1.366  -0.314  1.000 40.164 0 1794 TRP AAA CE2  1 ? 
ATOM   240  C  CE3  . TRP A 1 15 ? -3.285  0.319   0.578   1.000 38.817 0 1794 TRP AAA CE3  1 ? 
ATOM   241  C  CZ2  . TRP A 1 15 ? -3.706  -2.104  -0.818  1.000 45.043 0 1794 TRP AAA CZ2  1 ? 
ATOM   242  C  CZ3  . TRP A 1 15 ? -2.232  -0.394  0.053   1.000 39.232 0 1794 TRP AAA CZ3  1 ? 
ATOM   243  C  CH2  . TRP A 1 15 ? -2.440  -1.594  -0.620  1.000 43.220 0 1794 TRP AAA CH2  1 ? 
ATOM   244  H  H    . TRP A 1 15 ? -6.561  3.417   3.037   1.000 38.456 0 1794 TRP AAA H    1 c 
ATOM   245  H  HA   . TRP A 1 15 ? -7.623  1.031   2.893   1.000 39.863 0 1794 TRP AAA HA   1 c 
ATOM   246  H  HB2  . TRP A 1 15 ? -6.885  2.075   1.000   1.000 39.526 0 1794 TRP AAA HB2  1 c 
ATOM   247  H  HB3  . TRP A 1 15 ? -5.401  2.140   1.530   1.000 39.518 0 1794 TRP AAA HB3  1 c 
ATOM   248  H  HD1  . TRP A 1 15 ? -7.715  -0.549  0.376   1.000 39.647 0 1794 TRP AAA HD1  1 c 
ATOM   249  H  HE1  . TRP A 1 15 ? -6.502  -2.306  -0.743  1.000 39.898 0 1794 TRP AAA HE1  1 c 
ATOM   250  H  HE3  . TRP A 1 15 ? -3.134  1.132   1.032   1.000 38.988 0 1794 TRP AAA HE3  1 c 
ATOM   251  H  HZ2  . TRP A 1 15 ? -3.846  -2.907  -1.288  1.000 42.958 0 1794 TRP AAA HZ2  1 c 
ATOM   252  H  HZ3  . TRP A 1 15 ? -1.350  -0.086  0.188   1.000 40.078 0 1794 TRP AAA HZ3  1 c 
ATOM   253  H  HH2  . TRP A 1 15 ? -1.698  -2.069  -0.952  1.000 42.307 0 1794 TRP AAA HH2  1 c 
ATOM   254  N  N    . LEU A 1 16 ? -4.584  0.833   4.089   1.000 39.243 0 1795 LEU AAA N    1 ? 
ATOM   255  C  CA   . LEU A 1 16 ? -3.671  0.023   4.950   1.000 36.450 0 1795 LEU AAA CA   1 ? 
ATOM   256  C  C    . LEU A 1 16 ? -4.346  -0.296  6.290   1.000 41.962 0 1795 LEU AAA C    1 ? 
ATOM   257  O  O    . LEU A 1 16 ? -4.220  -1.452  6.739   1.000 38.218 0 1795 LEU AAA O    1 ? 
ATOM   258  C  CB   . LEU A 1 16 ? -2.373  0.779   5.210   1.000 35.340 0 1795 LEU AAA CB   1 ? 
ATOM   259  C  CG   . LEU A 1 16 ? -1.384  0.839   4.059   1.000 34.531 0 1795 LEU AAA CG   1 ? 
ATOM   260  C  CD1  . LEU A 1 16 ? -0.302  1.864   4.367   1.000 34.733 0 1795 LEU AAA CD1  1 ? 
ATOM   261  C  CD2  . LEU A 1 16 ? -0.770  -0.526  3.816   1.000 33.459 0 1795 LEU AAA CD2  1 ? 
ATOM   262  H  H    . LEU A 1 16 ? -4.223  1.620   3.806   1.000 38.999 0 1795 LEU AAA H    1 c 
ATOM   263  H  HA   . LEU A 1 16 ? -3.475  -0.823  4.485   1.000 37.736 0 1795 LEU AAA HA   1 c 
ATOM   264  H  HB2  . LEU A 1 16 ? -2.601  1.695   5.468   1.000 35.415 0 1795 LEU AAA HB2  1 c 
ATOM   265  H  HB3  . LEU A 1 16 ? -1.927  0.365   5.976   1.000 35.423 0 1795 LEU AAA HB3  1 c 
ATOM   266  H  HG   . LEU A 1 16 ? -1.865  1.121   3.242   1.000 34.519 0 1795 LEU AAA HG   1 c 
ATOM   267  H  HD11 . LEU A 1 16 ? -0.709  2.741   4.484   1.000 34.675 0 1795 LEU AAA HD11 1 c 
ATOM   268  H  HD12 . LEU A 1 16 ? 0.331   1.897   3.631   1.000 34.660 0 1795 LEU AAA HD12 1 c 
ATOM   269  H  HD13 . LEU A 1 16 ? 0.163   1.611   5.182   1.000 34.673 0 1795 LEU AAA HD13 1 c 
ATOM   270  H  HD21 . LEU A 1 16 ? -0.345  -0.841  4.632   1.000 33.797 0 1795 LEU AAA HD21 1 c 
ATOM   271  H  HD22 . LEU A 1 16 ? -0.104  -0.462  3.109   1.000 33.797 0 1795 LEU AAA HD22 1 c 
ATOM   272  H  HD23 . LEU A 1 16 ? -1.463  -1.154  3.549   1.000 33.808 0 1795 LEU AAA HD23 1 c 
ATOM   273  N  N    . GLU A 1 17 ? -4.998  0.688   6.927   1.000 40.589 0 1796 GLU AAA N    1 ? 
ATOM   274  C  CA   . GLU A 1 17 ? -5.729  0.461   8.200   1.000 46.415 0 1796 GLU AAA CA   1 ? 
ATOM   275  C  C    . GLU A 1 17 ? -6.754  -0.656  7.957   1.000 45.617 0 1796 GLU AAA C    1 ? 
ATOM   276  O  O    . GLU A 1 17 ? -6.699  -1.678  8.658   1.000 43.502 0 1796 GLU AAA O    1 ? 
ATOM   277  C  CB   . GLU A 1 17 ? -6.377  1.757   8.688   1.000 49.061 0 1796 GLU AAA CB   1 ? 
ATOM   278  C  CG   . GLU A 1 17 ? -6.831  1.700   10.135  1.000 59.896 0 1796 GLU AAA CG   1 ? 
ATOM   279  C  CD   . GLU A 1 17 ? -5.752  1.302   11.129  1.000 64.186 0 1796 GLU AAA CD   1 ? 
ATOM   280  O  OE1  . GLU A 1 17 ? -5.903  0.255   11.772  1.000 65.169 0 1796 GLU AAA OE1  1 ? 
ATOM   281  O  OE2  . GLU A 1 17 ? -4.760  2.042   11.251  1.000 71.883 0 1796 GLU AAA OE2  1 ? 
ATOM   282  H  H    . GLU A 1 17 ? -5.029  1.544   6.618   1.000 42.257 0 1796 GLU AAA H    1 c 
ATOM   283  H  HA   . GLU A 1 17 ? -5.082  0.153   8.874   1.000 45.601 0 1796 GLU AAA HA   1 c 
ATOM   284  H  HB2  . GLU A 1 17 ? -5.734  2.488   8.585   1.000 50.718 0 1796 GLU AAA HB2  1 c 
ATOM   285  H  HB3  . GLU A 1 17 ? -7.149  1.953   8.120   1.000 50.724 0 1796 GLU AAA HB3  1 c 
ATOM   286  H  HG2  . GLU A 1 17 ? -7.179  2.580   10.392  1.000 58.072 0 1796 GLU AAA HG2  1 c 
ATOM   287  H  HG3  . GLU A 1 17 ? -7.570  1.058   10.209  1.000 58.067 0 1796 GLU AAA HG3  1 c 
ATOM   288  N  N    . SER A 1 18 ? -7.593  -0.491  6.931   1.000 45.788 0 1797 SER AAA N    1 ? 
ATOM   289  C  CA   . SER A 1 18 ? -8.659  -1.438  6.514   1.000 43.929 0 1797 SER AAA CA   1 ? 
ATOM   290  C  C    . SER A 1 18 ? -8.094  -2.864  6.361   1.000 48.880 0 1797 SER AAA C    1 ? 
ATOM   291  O  O    . SER A 1 18 ? -8.820  -3.817  6.627   1.000 57.327 0 1797 SER AAA O    1 ? 
ATOM   292  C  CB   . SER A 1 18 ? -9.323  -0.961  5.239   1.000 42.478 0 1797 SER AAA CB   1 ? 
ATOM   293  O  OG   . SER A 1 18 ? -8.722  -1.557  4.089   1.000 39.137 0 1797 SER AAA OG   1 ? 
ATOM   294  H  H    . SER A 1 18 ? -7.566  0.247   6.398   1.000 45.278 0 1797 SER AAA H    1 c 
ATOM   295  H  HA   . SER A 1 18 ? -9.346  -1.458  7.233   1.000 44.902 0 1797 SER AAA HA   1 c 
ATOM   296  H  HB2  . SER A 1 18 ? -10.278 -1.196  5.265   1.000 42.006 0 1797 SER AAA HB2  1 c 
ATOM   297  H  HB3  . SER A 1 18 ? -9.252  0.017   5.177   1.000 42.018 0 1797 SER AAA HB3  1 c 
ATOM   298  H  HG   . SER A 1 18 ? -9.119  -1.270  3.398   0.000 39.340 0 1797 SER AAA HG   1 c 
ATOM   299  N  N    . LEU A 1 19 ? -6.833  -3.017  5.958   1.000 47.699 0 1798 LEU AAA N    1 ? 
ATOM   300  C  CA   . LEU A 1 19 ? -6.165  -4.335  5.788   1.000 46.410 0 1798 LEU AAA CA   1 ? 
ATOM   301  C  C    . LEU A 1 19 ? -5.536  -4.812  7.109   1.000 43.354 0 1798 LEU AAA C    1 ? 
ATOM   302  O  O    . LEU A 1 19 ? -4.848  -5.865  7.099   1.000 43.562 0 1798 LEU AAA O    1 ? 
ATOM   303  C  CB   . LEU A 1 19 ? -5.095  -4.192  4.693   1.000 44.759 0 1798 LEU AAA CB   1 ? 
ATOM   304  C  CG   . LEU A 1 19 ? -5.599  -3.878  3.283   1.000 43.668 0 1798 LEU AAA CG   1 ? 
ATOM   305  C  CD1  . LEU A 1 19 ? -4.439  -3.829  2.287   1.000 44.048 0 1798 LEU AAA CD1  1 ? 
ATOM   306  C  CD2  . LEU A 1 19 ? -6.629  -4.907  2.845   1.000 43.976 0 1798 LEU AAA CD2  1 ? 
ATOM   307  H  H    . LEU A 1 19 ? -6.302  -2.310  5.743   1.000 47.631 0 1798 LEU AAA H    1 c 
ATOM   308  H  HA   . LEU A 1 19 ? -6.839  -4.995  5.507   1.000 45.754 0 1798 LEU AAA HA   1 c 
ATOM   309  H  HB2  . LEU A 1 19 ? -4.477  -3.484  4.963   1.000 44.867 0 1798 LEU AAA HB2  1 c 
ATOM   310  H  HB3  . LEU A 1 19 ? -4.585  -5.025  4.655   1.000 44.868 0 1798 LEU AAA HB3  1 c 
ATOM   311  H  HG   . LEU A 1 19 ? -6.034  -2.991  3.297   1.000 44.008 0 1798 LEU AAA HG   1 c 
ATOM   312  H  HD11 . LEU A 1 19 ? -3.824  -3.117  2.538   1.000 43.939 0 1798 LEU AAA HD11 1 c 
ATOM   313  H  HD12 . LEU A 1 19 ? -4.785  -3.659  1.395   1.000 43.934 0 1798 LEU AAA HD12 1 c 
ATOM   314  H  HD13 . LEU A 1 19 ? -3.968  -4.681  2.295   1.000 43.939 0 1798 LEU AAA HD13 1 c 
ATOM   315  H  HD21 . LEU A 1 19 ? -6.260  -5.801  2.948   1.000 43.890 0 1798 LEU AAA HD21 1 c 
ATOM   316  H  HD22 . LEU A 1 19 ? -6.859  -4.757  1.911   1.000 43.890 0 1798 LEU AAA HD22 1 c 
ATOM   317  H  HD23 . LEU A 1 19 ? -7.430  -4.821  3.390   1.000 43.898 0 1798 LEU AAA HD23 1 c 
ATOM   318  N  N    . ASN A 1 20 ? -5.725  -4.082  8.208   1.000 43.428 0 1799 ASN AAA N    1 ? 
ATOM   319  C  CA   . ASN A 1 20 ? -5.018  -4.376  9.477   1.000 47.382 0 1799 ASN AAA CA   1 ? 
ATOM   320  C  C    . ASN A 1 20 ? -3.509  -4.402  9.164   1.000 46.525 0 1799 ASN AAA C    1 ? 
ATOM   321  O  O    . ASN A 1 20 ? -2.796  -5.323  9.622   1.000 41.245 0 1799 ASN AAA O    1 ? 
ATOM   322  C  CB   . ASN A 1 20 ? -5.573  -5.656  10.111  1.000 50.590 0 1799 ASN AAA CB   1 ? 
ATOM   323  C  CG   . ASN A 1 20 ? -5.165  -5.820  11.563  1.000 58.991 0 1799 ASN AAA CG   1 ? 
ATOM   324  O  OD1  . ASN A 1 20 ? -5.071  -4.845  12.305  1.000 62.896 0 1799 ASN AAA OD1  1 ? 
ATOM   325  N  ND2  . ASN A 1 20 ? -4.920  -7.051  11.989  1.000 60.292 0 1799 ASN AAA ND2  1 ? 
ATOM   326  H  H    . ASN A 1 20 ? -6.297  -3.380  8.255   1.000 44.336 0 1799 ASN AAA H    1 c 
ATOM   327  H  HA   . ASN A 1 20 ? -5.191  -3.634  10.101  1.000 47.074 0 1799 ASN AAA HA   1 c 
ATOM   328  H  HB2  . ASN A 1 20 ? -6.550  -5.639  10.052  1.000 51.654 0 1799 ASN AAA HB2  1 c 
ATOM   329  H  HB3  . ASN A 1 20 ? -5.252  -6.427  9.600   1.000 51.653 0 1799 ASN AAA HB3  1 c 
ATOM   330  H  HD21 . ASN A 1 20 ? -4.640  -7.184  12.817  1.000 59.874 0 1799 ASN AAA HD21 1 c 
ATOM   331  H  HD22 . ASN A 1 20 ? -5.037  -7.740  11.448  1.000 59.827 0 1799 ASN AAA HD22 1 c 
ATOM   332  N  N    . LEU A 1 21 ? -3.052  -3.433  8.360   1.000 41.766 0 1800 LEU AAA N    1 ? 
ATOM   333  C  CA   . LEU A 1 21 ? -1.616  -3.129  8.125   1.000 41.541 0 1800 LEU AAA CA   1 ? 
ATOM   334  C  C    . LEU A 1 21 ? -1.335  -1.698  8.599   1.000 38.762 0 1800 LEU AAA C    1 ? 
ATOM   335  O  O    . LEU A 1 21 ? -0.529  -1.003  7.963   1.000 38.880 0 1800 LEU AAA O    1 ? 
ATOM   336  C  CB   . LEU A 1 21 ? -1.299  -3.304  6.641   1.000 40.382 0 1800 LEU AAA CB   1 ? 
ATOM   337  C  CG   . LEU A 1 21 ? -1.430  -4.730  6.115   1.000 41.688 0 1800 LEU AAA CG   1 ? 
ATOM   338  C  CD1  . LEU A 1 21 ? -1.580  -4.729  4.607   1.000 41.882 0 1800 LEU AAA CD1  1 ? 
ATOM   339  C  CD2  . LEU A 1 21 ? -0.238  -5.573  6.526   1.000 42.756 0 1800 LEU AAA CD2  1 ? 
ATOM   340  H  H    . LEU A 1 21 ? -3.611  -2.876  7.906   1.000 42.798 0 1800 LEU AAA H    1 c 
ATOM   341  H  HA   . LEU A 1 21 ? -1.068  -3.752  8.657   1.000 40.836 0 1800 LEU AAA HA   1 c 
ATOM   342  H  HB2  . LEU A 1 21 ? -1.898  -2.725  6.129   1.000 40.957 0 1800 LEU AAA HB2  1 c 
ATOM   343  H  HB3  . LEU A 1 21 ? -0.384  -2.999  6.481   1.000 40.944 0 1800 LEU AAA HB3  1 c 
ATOM   344  H  HG   . LEU A 1 21 ? -2.244  -5.133  6.506   1.000 41.676 0 1800 LEU AAA HG   1 c 
ATOM   345  H  HD11 . LEU A 1 21 ? -2.358  -4.204  4.357   1.000 41.843 0 1800 LEU AAA HD11 1 c 
ATOM   346  H  HD12 . LEU A 1 21 ? -1.690  -5.643  4.291   1.000 41.830 0 1800 LEU AAA HD12 1 c 
ATOM   347  H  HD13 . LEU A 1 21 ? -0.785  -4.340  4.203   1.000 41.829 0 1800 LEU AAA HD13 1 c 
ATOM   348  H  HD21 . LEU A 1 21 ? 0.577   -5.177  6.175   1.000 42.427 0 1800 LEU AAA HD21 1 c 
ATOM   349  H  HD22 . LEU A 1 21 ? -0.339  -6.474  6.171   1.000 42.427 0 1800 LEU AAA HD22 1 c 
ATOM   350  H  HD23 . LEU A 1 21 ? -0.187  -5.613  7.497   1.000 42.424 0 1800 LEU AAA HD23 1 c 
ATOM   351  N  N    . GLY A 1 22 ? -1.951  -1.305  9.715   1.000 40.773 0 1801 GLY AAA N    1 ? 
ATOM   352  C  CA   . GLY A 1 22 ? -1.882  0.054   10.283  1.000 38.707 0 1801 GLY AAA CA   1 ? 
ATOM   353  C  C    . GLY A 1 22 ? -0.466  0.450   10.656  1.000 36.402 0 1801 GLY AAA C    1 ? 
ATOM   354  O  O    . GLY A 1 22 ? -0.159  1.649   10.595  1.000 38.886 0 1801 GLY AAA O    1 ? 
ATOM   355  H  H    . GLY A 1 22 ? -2.458  -1.877  10.210  1.000 39.822 0 1801 GLY AAA H    1 c 
ATOM   356  H  HA2  . GLY A 1 22 ? -2.241  0.695   9.621   1.000 38.635 0 1801 GLY AAA HA2  1 c 
ATOM   357  H  HA3  . GLY A 1 22 ? -2.456  0.097   11.089  1.000 38.642 0 1801 GLY AAA HA3  1 c 
ATOM   358  N  N    . GLU A 1 23 ? 0.376   -0.503  11.037  1.000 35.622 0 1802 GLU AAA N    1 ? 
ATOM   359  C  CA   . GLU A 1 23 ? 1.745   -0.184  11.514  1.000 38.829 0 1802 GLU AAA CA   1 ? 
ATOM   360  C  C    . GLU A 1 23 ? 2.613   0.319   10.359  1.000 36.157 0 1802 GLU AAA C    1 ? 
ATOM   361  O  O    . GLU A 1 23 ? 3.753   0.716   10.656  1.000 34.459 0 1802 GLU AAA O    1 ? 
ATOM   362  C  CB   . GLU A 1 23 ? 2.428   -1.380  12.179  1.000 42.614 0 1802 GLU AAA CB   1 ? 
ATOM   363  C  CG   . GLU A 1 23 ? 2.658   -2.568  11.265  1.000 48.028 0 1802 GLU AAA CG   1 ? 
ATOM   364  C  CD   . GLU A 1 23 ? 1.784   -3.741  11.668  1.000 54.908 0 1802 GLU AAA CD   1 ? 
ATOM   365  O  OE1  . GLU A 1 23 ? 0.618   -3.817  11.171  1.000 55.492 0 1802 GLU AAA OE1  1 ? 
ATOM   366  O  OE2  . GLU A 1 23 ? 2.237   -4.512  12.543  1.000 51.868 0 1802 GLU AAA OE2  1 ? 
ATOM   367  H  H    . GLU A 1 23 ? 0.167   -1.388  11.040  1.000 36.619 0 1802 GLU AAA H    1 c 
ATOM   368  H  HA   . GLU A 1 23 ? 1.671   0.539   12.179  1.000 38.357 0 1802 GLU AAA HA   1 c 
ATOM   369  H  HB2  . GLU A 1 23 ? 3.293   -1.084  12.534  1.000 42.872 0 1802 GLU AAA HB2  1 c 
ATOM   370  H  HB3  . GLU A 1 23 ? 1.879   -1.667  12.939  1.000 42.905 0 1802 GLU AAA HB3  1 c 
ATOM   371  H  HG2  . GLU A 1 23 ? 2.453   -2.320  10.339  1.000 48.143 0 1802 GLU AAA HG2  1 c 
ATOM   372  H  HG3  . GLU A 1 23 ? 3.600   -2.839  11.309  1.000 48.181 0 1802 GLU AAA HG3  1 c 
ATOM   373  N  N    . HIS A 1 24 ? 2.127   0.239   9.108   1.000 33.545 0 1803 HIS AAA N    1 ? 
ATOM   374  C  CA   . HIS A 1 24 ? 2.842   0.689   7.883   1.000 33.150 0 1803 HIS AAA CA   1 ? 
ATOM   375  C  C    . HIS A 1 24 ? 2.371   2.081   7.449   1.000 34.140 0 1803 HIS AAA C    1 ? 
ATOM   376  O  O    . HIS A 1 24 ? 2.949   2.615   6.485   1.000 34.897 0 1803 HIS AAA O    1 ? 
ATOM   377  C  CB   . HIS A 1 24 ? 2.680   -0.359  6.765   1.000 35.855 0 1803 HIS AAA CB   1 ? 
ATOM   378  C  CG   . HIS A 1 24 ? 3.287   -1.669  7.137   1.000 34.965 0 1803 HIS AAA CG   1 ? 
ATOM   379  N  ND1  . HIS A 1 24 ? 4.589   -1.757  7.569   1.000 36.042 0 1803 HIS AAA ND1  1 ? 
ATOM   380  C  CD2  . HIS A 1 24 ? 2.773   -2.917  7.219   1.000 34.841 0 1803 HIS AAA CD2  1 ? 
ATOM   381  C  CE1  . HIS A 1 24 ? 4.866   -3.006  7.880   1.000 37.281 0 1803 HIS AAA CE1  1 ? 
ATOM   382  N  NE2  . HIS A 1 24 ? 3.781   -3.746  7.644   1.000 33.093 0 1803 HIS AAA NE2  1 ? 
ATOM   383  H  H    . HIS A 1 24 ? 1.318   -0.126  8.912   1.000 34.068 0 1803 HIS AAA H    1 c 
ATOM   384  H  HA   . HIS A 1 24 ? 3.800   0.753   8.103   1.000 33.923 0 1803 HIS AAA HA   1 c 
ATOM   385  H  HB2  . HIS A 1 24 ? 1.722   -0.487  6.578   1.000 35.004 0 1803 HIS AAA HB2  1 c 
ATOM   386  H  HB3  . HIS A 1 24 ? 3.108   -0.026  5.945   1.000 35.000 0 1803 HIS AAA HB3  1 c 
ATOM   387  H  HD1  . HIS A 1 24 ? 5.140   -1.056  7.633   0.000 36.920 0 1803 HIS AAA HD1  1 c 
ATOM   388  H  HD2  . HIS A 1 24 ? 1.903   -3.180  6.983   1.000 34.548 0 1803 HIS AAA HD2  1 c 
ATOM   389  H  HE1  . HIS A 1 24 ? 5.699   -3.326  8.175   1.000 35.946 0 1803 HIS AAA HE1  1 c 
ATOM   390  H  HE2  . HIS A 1 24 ? 3.764   -4.594  7.792   0.000 35.200 0 1803 HIS AAA HE2  1 c 
ATOM   391  N  N    . LYS A 1 25 ? 1.327   2.634   8.072   1.000 34.247 0 1804 LYS AAA N    1 ? 
ATOM   392  C  CA   . LYS A 1 25 ? 0.719   3.901   7.595   1.000 36.081 0 1804 LYS AAA CA   1 ? 
ATOM   393  C  C    . LYS A 1 25 ? 1.760   5.012   7.652   1.000 35.454 0 1804 LYS AAA C    1 ? 
ATOM   394  O  O    . LYS A 1 25 ? 1.846   5.767   6.690   1.000 36.124 0 1804 LYS AAA O    1 ? 
ATOM   395  C  CB   . LYS A 1 25 ? -0.513  4.299   8.403   1.000 38.201 0 1804 LYS AAA CB   1 ? 
ATOM   396  C  CG   . LYS A 1 25 ? -1.657  3.318   8.262   1.000 41.949 0 1804 LYS AAA CG   1 ? 
ATOM   397  C  CD   . LYS A 1 25 ? -2.947  3.769   8.899   1.000 45.284 0 1804 LYS AAA CD   1 ? 
ATOM   398  C  CE   . LYS A 1 25 ? -2.824  4.159   10.351  1.000 49.427 0 1804 LYS AAA CE   1 ? 
ATOM   399  N  NZ   . LYS A 1 25 ? -4.121  4.690   10.829  1.000 52.089 0 1804 LYS AAA NZ   1 ? 
ATOM   400  H  H    . LYS A 1 25 ? 0.938   2.282   8.815   1.000 34.683 0 1804 LYS AAA H    1 c 
ATOM   401  H  HA   . LYS A 1 25 ? 0.449   3.776   6.655   1.000 35.997 0 1804 LYS AAA HA   1 c 
ATOM   402  H  HB2  . LYS A 1 25 ? -0.261  4.360   9.348   1.000 38.573 0 1804 LYS AAA HB2  1 c 
ATOM   403  H  HB3  . LYS A 1 25 ? -0.815  5.183   8.108   1.000 38.535 0 1804 LYS AAA HB3  1 c 
ATOM   404  H  HG2  . LYS A 1 25 ? -1.816  3.162   7.306   1.000 41.774 0 1804 LYS AAA HG2  1 c 
ATOM   405  H  HG3  . LYS A 1 25 ? -1.389  2.465   8.659   1.000 41.746 0 1804 LYS AAA HG3  1 c 
ATOM   406  H  HD2  . LYS A 1 25 ? -3.295  4.536   8.397   1.000 45.383 0 1804 LYS AAA HD2  1 c 
ATOM   407  H  HD3  . LYS A 1 25 ? -3.602  3.044   8.825   1.000 45.409 0 1804 LYS AAA HD3  1 c 
ATOM   408  H  HE2  . LYS A 1 25 ? -2.571  3.384   10.886  1.000 49.042 0 1804 LYS AAA HE2  1 c 
ATOM   409  H  HE3  . LYS A 1 25 ? -2.139  4.844   10.457  1.000 48.969 0 1804 LYS AAA HE3  1 c 
ATOM   410  H  HZ1  . LYS A 1 25 ? -4.352  5.420   10.343  1.000 51.230 0 1804 LYS AAA HZ1  1 c 
ATOM   411  H  HZ2  . LYS A 1 25 ? -4.055  4.923   11.702  1.000 51.242 0 1804 LYS AAA HZ2  1 c 
ATOM   412  H  HZ3  . LYS A 1 25 ? -4.764  4.057   10.739  1.000 51.242 0 1804 LYS AAA HZ3  1 c 
ATOM   413  N  N    . GLU A 1 26 ? 2.512   5.113   8.741   1.000 36.256 0 1805 GLU AAA N    1 ? 
ATOM   414  C  CA   . GLU A 1 26 ? 3.425   6.257   8.931   1.000 38.527 0 1805 GLU AAA CA   1 ? 
ATOM   415  C  C    . GLU A 1 26 ? 4.525   6.208   7.865   1.000 37.080 0 1805 GLU AAA C    1 ? 
ATOM   416  O  O    . GLU A 1 26 ? 4.846   7.267   7.314   1.000 32.653 0 1805 GLU AAA O    1 ? 
ATOM   417  C  CB   . GLU A 1 26 ? 4.065   6.263   10.312  1.000 43.311 0 1805 GLU AAA CB   1 ? 
ATOM   418  C  CG   . GLU A 1 26 ? 4.958   7.469   10.488  1.000 45.077 0 1805 GLU AAA CG   1 ? 
ATOM   419  C  CD   . GLU A 1 26 ? 5.496   7.669   11.877  1.000 50.890 0 1805 GLU AAA CD   1 ? 
ATOM   420  O  OE1  . GLU A 1 26 ? 5.646   6.666   12.603  1.000 57.026 0 1805 GLU AAA OE1  1 ? 
ATOM   421  O  OE2  . GLU A 1 26 ? 5.775   8.832   12.207  1.000 64.165 0 1805 GLU AAA OE2  1 ? 
ATOM   422  H  H    . GLU A 1 26 ? 2.508   4.505   9.419   1.000 36.597 0 1805 GLU AAA H    1 c 
ATOM   423  H  HA   . GLU A 1 26 ? 2.910   7.088   8.814   1.000 38.642 0 1805 GLU AAA HA   1 c 
ATOM   424  H  HB2  . GLU A 1 26 ? 3.361   6.274   10.993  1.000 42.533 0 1805 GLU AAA HB2  1 c 
ATOM   425  H  HB3  . GLU A 1 26 ? 4.594   5.446   10.426  1.000 42.532 0 1805 GLU AAA HB3  1 c 
ATOM   426  H  HG2  . GLU A 1 26 ? 5.718   7.395   9.874   1.000 45.913 0 1805 GLU AAA HG2  1 c 
ATOM   427  H  HG3  . GLU A 1 26 ? 4.454   8.273   10.235  1.000 45.979 0 1805 GLU AAA HG3  1 c 
ATOM   428  N  N    . ALA A 1 27 ? 5.125   5.040   7.637   1.000 33.101 0 1806 ALA AAA N    1 ? 
ATOM   429  C  CA   . ALA A 1 27 ? 6.182   4.851   6.618   1.000 31.785 0 1806 ALA AAA CA   1 ? 
ATOM   430  C  C    . ALA A 1 27 ? 5.653   5.229   5.223   1.000 30.263 0 1806 ALA AAA C    1 ? 
ATOM   431  O  O    . ALA A 1 27 ? 6.357   5.956   4.510   1.000 29.837 0 1806 ALA AAA O    1 ? 
ATOM   432  C  CB   . ALA A 1 27 ? 6.717   3.441   6.677   1.000 32.242 0 1806 ALA AAA CB   1 ? 
ATOM   433  H  H    . ALA A 1 27 ? 4.931   4.275   8.092   1.000 33.680 0 1806 ALA AAA H    1 c 
ATOM   434  H  HA   . ALA A 1 27 ? 6.918   5.466   6.833   1.000 31.846 0 1806 ALA AAA HA   1 c 
ATOM   435  H  HB1  . ALA A 1 27 ? 7.435   3.341   6.030   1.000 32.112 0 1806 ALA AAA HB1  1 c 
ATOM   436  H  HB2  . ALA A 1 27 ? 7.057   3.259   7.568   1.000 32.108 0 1806 ALA AAA HB2  1 c 
ATOM   437  H  HB3  . ALA A 1 27 ? 6.004   2.813   6.468   1.000 32.110 0 1806 ALA AAA HB3  1 c 
ATOM   438  N  N    . PHE A 1 28 ? 4.450   4.793   4.846   1.000 30.159 0 1807 PHE AAA N    1 ? 
ATOM   439  C  CA   . PHE A 1 28 ? 3.859   5.034   3.502   1.000 29.040 0 1807 PHE AAA CA   1 ? 
ATOM   440  C  C    . PHE A 1 28 ? 3.622   6.530   3.312   1.000 31.441 0 1807 PHE AAA C    1 ? 
ATOM   441  O  O    . PHE A 1 28 ? 3.879   7.055   2.220   1.000 28.562 0 1807 PHE AAA O    1 ? 
ATOM   442  C  CB   . PHE A 1 28 ? 2.562   4.249   3.304   1.000 27.907 0 1807 PHE AAA CB   1 ? 
ATOM   443  C  CG   . PHE A 1 28 ? 2.756   2.849   2.764   1.000 30.137 0 1807 PHE AAA CG   1 ? 
ATOM   444  C  CD1  . PHE A 1 28 ? 3.522   1.916   3.458   1.000 28.607 0 1807 PHE AAA CD1  1 ? 
ATOM   445  C  CD2  . PHE A 1 28 ? 2.159   2.453   1.569   1.000 29.809 0 1807 PHE AAA CD2  1 ? 
ATOM   446  C  CE1  . PHE A 1 28 ? 3.675   0.618   2.987   1.000 31.537 0 1807 PHE AAA CE1  1 ? 
ATOM   447  C  CE2  . PHE A 1 28 ? 2.337   1.162   1.084   1.000 30.375 0 1807 PHE AAA CE2  1 ? 
ATOM   448  C  CZ   . PHE A 1 28 ? 3.089   0.244   1.796   1.000 30.478 0 1807 PHE AAA CZ   1 ? 
ATOM   449  H  H    . PHE A 1 28 ? 3.903   4.309   5.390   1.000 29.917 0 1807 PHE AAA H    1 c 
ATOM   450  H  HA   . PHE A 1 28 ? 4.512   4.737   2.818   1.000 29.474 0 1807 PHE AAA HA   1 c 
ATOM   451  H  HB2  . PHE A 1 28 ? 2.096   4.197   4.165   1.000 28.694 0 1807 PHE AAA HB2  1 c 
ATOM   452  H  HB3  . PHE A 1 28 ? 1.989   4.750   2.686   1.000 28.700 0 1807 PHE AAA HB3  1 c 
ATOM   453  H  HD1  . PHE A 1 28 ? 3.921   2.162   4.275   1.000 29.674 0 1807 PHE AAA HD1  1 c 
ATOM   454  H  HD2  . PHE A 1 28 ? 1.640   3.071   1.079   1.000 30.009 0 1807 PHE AAA HD2  1 c 
ATOM   455  H  HE1  . PHE A 1 28 ? 4.203   0.000   3.468   1.000 30.517 0 1807 PHE AAA HE1  1 c 
ATOM   456  H  HE2  . PHE A 1 28 ? 1.927   0.905   0.274   1.000 30.234 0 1807 PHE AAA HE2  1 c 
ATOM   457  H  HZ   . PHE A 1 28 ? 3.207   -0.631  1.464   1.000 30.613 0 1807 PHE AAA HZ   1 c 
ATOM   458  N  N    . MET A 1 29 ? 3.178   7.206   4.372   1.000 32.672 0 1808 MET AAA N    1 ? 
ATOM   459  C  CA   . MET A 1 29 ? 2.917   8.662   4.355   1.000 34.846 0 1808 MET AAA CA   1 ? 
ATOM   460  C  C    . MET A 1 29 ? 4.237   9.433   4.369   1.000 31.849 0 1808 MET AAA C    1 ? 
ATOM   461  O  O    . MET A 1 29 ? 4.418   10.275  3.473   1.000 28.826 0 1808 MET AAA O    1 ? 
ATOM   462  C  CB   . MET A 1 29 ? 1.987   9.061   5.501   1.000 40.472 0 1808 MET AAA CB   1 ? 
ATOM   463  C  CG   . MET A 1 29 ? 0.568   8.561   5.224   1.000 46.910 0 1808 MET AAA CG   1 ? 
ATOM   464  S  SD   . MET A 1 29 ? -0.751  9.597   5.849   1.000 57.028 0 1808 MET AAA SD   1 ? 
ATOM   465  C  CE   . MET A 1 29 ? -0.368  11.175  5.090   1.000 57.939 0 1808 MET AAA CE   1 ? 
ATOM   466  H  H    . MET A 1 29 ? 3.000   6.808   5.171   1.000 32.896 0 1808 MET AAA H    1 c 
ATOM   467  H  HA   . MET A 1 29 ? 2.466   8.867   3.503   1.000 34.835 0 1808 MET AAA HA   1 c 
ATOM   468  H  HB2  . MET A 1 29 ? 2.315   8.671   6.335   1.000 40.443 0 1808 MET AAA HB2  1 c 
ATOM   469  H  HB3  . MET A 1 29 ? 1.988   10.031  5.594   1.000 40.502 0 1808 MET AAA HB3  1 c 
ATOM   470  H  HG2  . MET A 1 29 ? 0.449   8.474   4.255   1.000 47.329 0 1808 MET AAA HG2  1 c 
ATOM   471  H  HG3  . MET A 1 29 ? 0.468   7.667   5.613   1.000 47.398 0 1808 MET AAA HG3  1 c 
ATOM   472  H  HE1  . MET A 1 29 ? -1.005  11.834  5.388   1.000 57.577 0 1808 MET AAA HE1  1 c 
ATOM   473  H  HE2  . MET A 1 29 ? 0.520   11.451  5.343   1.000 57.499 0 1808 MET AAA HE2  1 c 
ATOM   474  H  HE3  . MET A 1 29 ? -0.420  11.088  4.135   1.000 57.387 0 1808 MET AAA HE3  1 c 
ATOM   475  N  N    . ASP A 1 30 ? 5.164   9.108   5.261   1.000 31.349 0 1809 ASP AAA N    1 ? 
ATOM   476  C  CA   . ASP A 1 30 ? 6.489   9.786   5.317   1.000 33.273 0 1809 ASP AAA CA   1 ? 
ATOM   477  C  C    . ASP A 1 30 ? 7.263   9.603   3.996   1.000 33.802 0 1809 ASP AAA C    1 ? 
ATOM   478  O  O    . ASP A 1 30 ? 8.129   10.472  3.671   1.000 35.197 0 1809 ASP AAA O    1 ? 
ATOM   479  C  CB   . ASP A 1 30 ? 7.292   9.291   6.522   1.000 35.554 0 1809 ASP AAA CB   1 ? 
ATOM   480  C  CG   . ASP A 1 30 ? 6.777   9.829   7.849   1.000 36.991 0 1809 ASP AAA CG   1 ? 
ATOM   481  O  OD1  . ASP A 1 30 ? 5.809   10.601  7.838   1.000 35.412 0 1809 ASP AAA OD1  1 ? 
ATOM   482  O  OD2  . ASP A 1 30 ? 7.351   9.456   8.878   1.000 42.735 0 1809 ASP AAA OD2  1 ? 
ATOM   483  H  H    . ASP A 1 30 ? 5.043   8.458   5.888   1.000 31.935 0 1809 ASP AAA H    1 c 
ATOM   484  H  HA   . ASP A 1 30 ? 6.327   10.751  5.441   1.000 33.428 0 1809 ASP AAA HA   1 c 
ATOM   485  H  HB2  . ASP A 1 30 ? 7.256   8.313   6.551   1.000 35.324 0 1809 ASP AAA HB2  1 c 
ATOM   486  H  HB3  . ASP A 1 30 ? 8.228   9.557   6.418   1.000 35.328 0 1809 ASP AAA HB3  1 c 
ATOM   487  N  N    . ASN A 1 31 ? 6.957   8.542   3.245   1.000 31.044 0 1810 ASN AAA N    1 ? 
ATOM   488  C  CA   . ASN A 1 31 ? 7.557   8.258   1.912   1.000 32.149 0 1810 ASN AAA CA   1 ? 
ATOM   489  C  C    . ASN A 1 31 ? 6.699   8.795   0.753   1.000 28.553 0 1810 ASN AAA C    1 ? 
ATOM   490  O  O    . ASN A 1 31 ? 7.075   8.539   -0.402  1.000 28.077 0 1810 ASN AAA O    1 ? 
ATOM   491  C  CB   . ASN A 1 31 ? 7.818   6.759   1.728   1.000 30.507 0 1810 ASN AAA CB   1 ? 
ATOM   492  C  CG   . ASN A 1 31 ? 9.073   6.338   2.438   1.000 32.506 0 1810 ASN AAA CG   1 ? 
ATOM   493  O  OD1  . ASN A 1 31 ? 10.158  6.366   1.859   1.000 31.467 0 1810 ASN AAA OD1  1 ? 
ATOM   494  N  ND2  . ASN A 1 31 ? 8.935   6.009   3.705   1.000 32.005 0 1810 ASN AAA ND2  1 ? 
ATOM   495  H  H    . ASN A 1 31 ? 6.364   7.906   3.516   1.000 31.929 0 1810 ASN AAA H    1 c 
ATOM   496  H  HA   . ASN A 1 31 ? 8.432   8.710   1.875   1.000 30.931 0 1810 ASN AAA HA   1 c 
ATOM   497  H  HB2  . ASN A 1 31 ? 7.057   6.253   2.079   1.000 31.348 0 1810 ASN AAA HB2  1 c 
ATOM   498  H  HB3  . ASN A 1 31 ? 7.905   6.560   0.774   1.000 31.340 0 1810 ASN AAA HB3  1 c 
ATOM   499  H  HD21 . ASN A 1 31 ? 9.622   5.677   4.154   1.000 32.157 0 1810 ASN AAA HD21 1 c 
ATOM   500  H  HD22 . ASN A 1 31 ? 8.158   6.120   4.111   1.000 32.150 0 1810 ASN AAA HD22 1 c 
ATOM   501  N  N    . GLU A 1 32 ? 5.593   9.490   1.019   1.000 29.559 0 1811 GLU AAA N    1 ? 
ATOM   502  C  CA   . GLU A 1 32 ? 4.802   10.186  -0.036  1.000 30.129 0 1811 GLU AAA CA   1 ? 
ATOM   503  C  C    . GLU A 1 32 ? 4.095   9.163   -0.942  1.000 30.408 0 1811 GLU AAA C    1 ? 
ATOM   504  O  O    . GLU A 1 32 ? 3.994   9.410   -2.183  1.000 32.292 0 1811 GLU AAA O    1 ? 
ATOM   505  C  CB   . GLU A 1 32 ? 5.700   11.078  -0.904  1.000 30.520 0 1811 GLU AAA CB   1 ? 
ATOM   506  C  CG   . GLU A 1 32 ? 6.302   12.263  -0.194  1.000 34.119 0 1811 GLU AAA CG   1 ? 
ATOM   507  C  CD   . GLU A 1 32 ? 5.279   13.171  0.459   1.000 39.260 0 1811 GLU AAA CD   1 ? 
ATOM   508  O  OE1  . GLU A 1 32 ? 4.344   13.628  -0.235  1.000 44.249 0 1811 GLU AAA OE1  1 ? 
ATOM   509  O  OE2  . GLU A 1 32 ? 5.389   13.368  1.663   1.000 41.557 0 1811 GLU AAA OE2  1 ? 
ATOM   510  H  H    . GLU A 1 32 ? 5.254   9.583   1.856   1.000 29.471 0 1811 GLU AAA H    1 c 
ATOM   511  H  HA   . GLU A 1 32 ? 4.120   10.744  0.402   1.000 30.165 0 1811 GLU AAA HA   1 c 
ATOM   512  H  HB2  . GLU A 1 32 ? 6.421   10.534  -1.276  1.000 31.229 0 1811 GLU AAA HB2  1 c 
ATOM   513  H  HB3  . GLU A 1 32 ? 5.165   11.410  -1.655  1.000 31.241 0 1811 GLU AAA HB3  1 c 
ATOM   514  H  HG2  . GLU A 1 32 ? 6.920   11.942  0.497   1.000 34.371 0 1811 GLU AAA HG2  1 c 
ATOM   515  H  HG3  . GLU A 1 32 ? 6.822   12.790  -0.836  1.000 34.359 0 1811 GLU AAA HG3  1 c 
ATOM   516  N  N    . ILE A 1 33 ? 3.609   8.056   -0.382  1.000 31.913 0 1812 ILE AAA N    1 ? 
ATOM   517  C  CA   . ILE A 1 33 ? 2.940   6.993   -1.187  1.000 31.705 0 1812 ILE AAA CA   1 ? 
ATOM   518  C  C    . ILE A 1 33 ? 1.467   7.416   -1.352  1.000 30.733 0 1812 ILE AAA C    1 ? 
ATOM   519  O  O    . ILE A 1 33 ? 0.760   7.553   -0.325  1.000 31.023 0 1812 ILE AAA O    1 ? 
ATOM   520  C  CB   . ILE A 1 33 ? 3.124   5.565   -0.613  1.000 29.636 0 1812 ILE AAA CB   1 ? 
ATOM   521  C  CG1  . ILE A 1 33 ? 4.596   5.162   -0.458  1.000 30.679 0 1812 ILE AAA CG1  1 ? 
ATOM   522  C  CG2  . ILE A 1 33 ? 2.353   4.548   -1.466  1.000 29.543 0 1812 ILE AAA CG2  1 ? 
ATOM   523  C  CD1  . ILE A 1 33 ? 5.429   5.255   -1.726  1.000 30.842 0 1812 ILE AAA CD1  1 ? 
ATOM   524  H  H    . ILE A 1 33 ? 3.647   7.883   0.512   1.000 31.500 0 1812 ILE AAA H    1 c 
ATOM   525  H  HA   . ILE A 1 33 ? 3.345   7.001   -2.071  1.000 31.158 0 1812 ILE AAA HA   1 c 
ATOM   526  H  HB   . ILE A 1 33 ? 2.723   5.558   0.290   1.000 30.201 0 1812 ILE AAA HB   1 c 
ATOM   527  H  HG12 . ILE A 1 33 ? 5.004   5.735   0.224   1.000 30.471 0 1812 ILE AAA HG12 1 c 
ATOM   528  H  HG13 . ILE A 1 33 ? 4.631   4.238   -0.131  1.000 30.474 0 1812 ILE AAA HG13 1 c 
ATOM   529  H  HG21 . ILE A 1 33 ? 1.399   4.731   -1.414  1.000 29.584 0 1812 ILE AAA HG21 1 c 
ATOM   530  H  HG22 . ILE A 1 33 ? 2.526   3.649   -1.136  1.000 29.582 0 1812 ILE AAA HG22 1 c 
ATOM   531  H  HG23 . ILE A 1 33 ? 2.644   4.611   -2.393  1.000 29.591 0 1812 ILE AAA HG23 1 c 
ATOM   532  H  HD11 . ILE A 1 33 ? 5.024   4.711   -2.424  1.000 30.796 0 1812 ILE AAA HD11 1 c 
ATOM   533  H  HD12 . ILE A 1 33 ? 6.328   4.930   -1.548  1.000 30.800 0 1812 ILE AAA HD12 1 c 
ATOM   534  H  HD13 . ILE A 1 33 ? 5.474   6.180   -2.021  1.000 30.802 0 1812 ILE AAA HD13 1 c 
ATOM   535  N  N    . ASP A 1 34 ? 1.058   7.660   -2.602  1.000 30.415 0 1813 ASP AAA N    1 ? 
ATOM   536  C  CA   . ASP A 1 34 ? -0.341  7.934   -3.018  1.000 30.624 0 1813 ASP AAA CA   1 ? 
ATOM   537  C  C    . ASP A 1 34 ? -0.795  6.801   -3.942  1.000 31.636 0 1813 ASP AAA C    1 ? 
ATOM   538  O  O    . ASP A 1 34 ? 0.016   5.847   -4.167  1.000 28.204 0 1813 ASP AAA O    1 ? 
ATOM   539  C  CB   . ASP A 1 34 ? -0.484  9.323   -3.649  1.000 32.737 0 1813 ASP AAA CB   1 ? 
ATOM   540  C  CG   . ASP A 1 34 ? 0.367   9.564   -4.888  1.000 34.541 0 1813 ASP AAA CG   1 ? 
ATOM   541  O  OD1  . ASP A 1 34 ? 0.365   8.724   -5.780  1.000 39.016 0 1813 ASP AAA OD1  1 ? 
ATOM   542  O  OD2  . ASP A 1 34 ? 1.045   10.598  -4.940  1.000 44.779 0 1813 ASP AAA OD2  1 ? 
ATOM   543  H  H    . ASP A 1 34 ? 1.638   7.672   -3.299  1.000 30.564 0 1813 ASP AAA H    1 c 
ATOM   544  H  HA   . ASP A 1 34 ? -0.906  7.913   -2.210  1.000 31.170 0 1813 ASP AAA HA   1 c 
ATOM   545  H  HB2  . ASP A 1 34 ? -1.418  9.469   -3.890  1.000 32.647 0 1813 ASP AAA HB2  1 c 
ATOM   546  H  HB3  . ASP A 1 34 ? -0.239  9.994   -2.979  1.000 32.665 0 1813 ASP AAA HB3  1 c 
ATOM   547  N  N    . GLY A 1 35 ? -2.043  6.884   -4.432  1.000 31.575 0 1814 GLY AAA N    1 ? 
ATOM   548  C  CA   . GLY A 1 35 ? -2.696  5.848   -5.248  1.000 31.353 0 1814 GLY AAA CA   1 ? 
ATOM   549  C  C    . GLY A 1 35 ? -1.920  5.542   -6.520  1.000 32.853 0 1814 GLY AAA C    1 ? 
ATOM   550  O  O    . GLY A 1 35 ? -1.888  4.359   -6.905  1.000 36.560 0 1814 GLY AAA O    1 ? 
ATOM   551  H  H    . GLY A 1 35 ? -2.574  7.606   -4.273  1.000 31.547 0 1814 GLY AAA H    1 c 
ATOM   552  H  HA2  . GLY A 1 35 ? -2.786  5.022   -4.710  1.000 31.772 0 1814 GLY AAA HA2  1 c 
ATOM   553  H  HA3  . GLY A 1 35 ? -3.598  6.158   -5.488  1.000 31.786 0 1814 GLY AAA HA3  1 c 
ATOM   554  N  N    . SER A 1 36 ? -1.293  6.548   -7.136  1.000 32.099 0 1815 SER AAA N    1 ? 
ATOM   555  C  CA   . SER A 1 36 ? -0.509  6.418   -8.402  1.000 35.835 0 1815 SER AAA CA   1 ? 
ATOM   556  C  C    . SER A 1 36 ? 0.707   5.491   -8.230  1.000 33.331 0 1815 SER AAA C    1 ? 
ATOM   557  O  O    . SER A 1 36 ? 1.193   4.982   -9.238  1.000 36.809 0 1815 SER AAA O    1 ? 
ATOM   558  C  CB   . SER A 1 36 ? -0.070  7.777   -8.933  1.000 36.401 0 1815 SER AAA CB   1 ? 
ATOM   559  O  OG   . SER A 1 36 ? 0.954   8.344   -8.139  1.000 31.942 0 1815 SER AAA OG   1 ? 
ATOM   560  H  H    . SER A 1 36 ? -1.303  7.404   -6.824  1.000 33.134 0 1815 SER AAA H    1 c 
ATOM   561  H  HA   . SER A 1 36 ? -1.108  6.006   -9.080  1.000 34.725 0 1815 SER AAA HA   1 c 
ATOM   562  H  HB2  . SER A 1 36 ? 0.257   7.673   -9.854  1.000 35.209 0 1815 SER AAA HB2  1 c 
ATOM   563  H  HB3  . SER A 1 36 ? -0.844  8.385   -8.952  1.000 35.170 0 1815 SER AAA HB3  1 c 
ATOM   564  H  HG   . SER A 1 36 ? 1.169   9.092   -8.465  0.000 32.030 0 1815 SER AAA HG   1 c 
ATOM   565  N  N    . HIS A 1 37 ? 1.179   5.286   -6.998  1.000 34.515 0 1816 HIS AAA N    1 ? 
ATOM   566  C  CA   . HIS A 1 37 ? 2.357   4.448   -6.653  1.000 30.913 0 1816 HIS AAA CA   1 ? 
ATOM   567  C  C    . HIS A 1 37 ? 1.987   2.966   -6.559  1.000 30.385 0 1816 HIS AAA C    1 ? 
ATOM   568  O  O    . HIS A 1 37 ? 2.818   2.148   -6.954  1.000 28.519 0 1816 HIS AAA O    1 ? 
ATOM   569  C  CB   . HIS A 1 37 ? 3.030   4.988   -5.382  1.000 33.572 0 1816 HIS AAA CB   1 ? 
ATOM   570  C  CG   . HIS A 1 37 ? 3.638   6.329   -5.611  1.000 34.239 0 1816 HIS AAA CG   1 ? 
ATOM   571  N  ND1  . HIS A 1 37 ? 3.468   7.364   -4.745  1.000 34.843 0 1816 HIS AAA ND1  1 ? 
ATOM   572  C  CD2  . HIS A 1 37 ? 4.345   6.815   -6.659  1.000 34.875 0 1816 HIS AAA CD2  1 ? 
ATOM   573  C  CE1  . HIS A 1 37 ? 4.078   8.432   -5.221  1.000 35.963 0 1816 HIS AAA CE1  1 ? 
ATOM   574  N  NE2  . HIS A 1 37 ? 4.633   8.114   -6.392  1.000 34.993 0 1816 HIS AAA NE2  1 ? 
ATOM   575  H  H    . HIS A 1 37 ? 0.806   5.669   -6.260  1.000 33.352 0 1816 HIS AAA H    1 c 
ATOM   576  H  HA   . HIS A 1 37 ? 3.005   4.540   -7.392  1.000 31.979 0 1816 HIS AAA HA   1 c 
ATOM   577  H  HB2  . HIS A 1 37 ? 2.364   5.052   -4.663  1.000 33.065 0 1816 HIS AAA HB2  1 c 
ATOM   578  H  HB3  . HIS A 1 37 ? 3.729   4.360   -5.094  1.000 33.080 0 1816 HIS AAA HB3  1 c 
ATOM   579  H  HD1  . HIS A 1 37 ? 3.002   7.334   -4.004  0.000 34.930 0 1816 HIS AAA HD1  1 c 
ATOM   580  H  HD2  . HIS A 1 37 ? 4.617   6.336   -7.418  1.000 34.765 0 1816 HIS AAA HD2  1 c 
ATOM   581  H  HE1  . HIS A 1 37 ? 4.125   9.272   -4.800  1.000 35.416 0 1816 HIS AAA HE1  1 c 
ATOM   582  H  HE2  . HIS A 1 37 ? 5.094   8.662   -6.901  0.000 35.260 0 1816 HIS AAA HE2  1 c 
ATOM   583  N  N    . LEU A 1 38 ? 0.775   2.645   -6.116  1.000 31.617 0 1817 LEU AAA N    1 ? 
ATOM   584  C  CA   . LEU A 1 38 ? 0.355   1.264   -5.737  1.000 37.247 0 1817 LEU AAA CA   1 ? 
ATOM   585  C  C    . LEU A 1 38 ? 0.570   0.260   -6.877  1.000 38.465 0 1817 LEU AAA C    1 ? 
ATOM   586  O  O    . LEU A 1 38 ? 1.166   -0.792  -6.649  1.000 39.713 0 1817 LEU AAA O    1 ? 
ATOM   587  C  CB   . LEU A 1 38 ? -1.096  1.285   -5.223  1.000 36.718 0 1817 LEU AAA CB   1 ? 
ATOM   588  C  CG   . LEU A 1 38 ? -1.377  2.147   -3.981  1.000 35.241 0 1817 LEU AAA CG   1 ? 
ATOM   589  C  CD1  . LEU A 1 38 ? -2.793  1.940   -3.473  1.000 36.514 0 1817 LEU AAA CD1  1 ? 
ATOM   590  C  CD2  . LEU A 1 38 ? -0.404  1.855   -2.856  1.000 35.932 0 1817 LEU AAA CD2  1 ? 
ATOM   591  H  H    . LEU A 1 38 ? 0.112   3.261   -6.030  1.000 32.589 0 1817 LEU AAA H    1 c 
ATOM   592  H  HA   . LEU A 1 38 ? 0.936   0.984   -4.994  1.000 36.234 0 1817 LEU AAA HA   1 c 
ATOM   593  H  HB2  . LEU A 1 38 ? -1.672  1.600   -5.948  1.000 36.517 0 1817 LEU AAA HB2  1 c 
ATOM   594  H  HB3  . LEU A 1 38 ? -1.360  0.365   -5.023  1.000 36.518 0 1817 LEU AAA HB3  1 c 
ATOM   595  H  HG   . LEU A 1 38 ? -1.277  3.097   -4.236  1.000 35.884 0 1817 LEU AAA HG   1 c 
ATOM   596  H  HD11 . LEU A 1 38 ? -3.426  2.180   -4.171  1.000 36.126 0 1817 LEU AAA HD11 1 c 
ATOM   597  H  HD12 . LEU A 1 38 ? -2.944  2.501   -2.692  1.000 36.112 0 1817 LEU AAA HD12 1 c 
ATOM   598  H  HD13 . LEU A 1 38 ? -2.918  1.006   -3.229  1.000 36.120 0 1817 LEU AAA HD13 1 c 
ATOM   599  H  HD21 . LEU A 1 38 ? -0.413  0.902   -2.658  1.000 35.720 0 1817 LEU AAA HD21 1 c 
ATOM   600  H  HD22 . LEU A 1 38 ? -0.668  2.353   -2.062  1.000 35.722 0 1817 LEU AAA HD22 1 c 
ATOM   601  H  HD23 . LEU A 1 38 ? 0.492   2.123   -3.121  1.000 35.723 0 1817 LEU AAA HD23 1 c 
ATOM   602  N  N    . PRO A 1 39 ? 0.142   0.525   -8.138  1.000 42.422 0 1818 PRO AAA N    1 ? 
ATOM   603  C  CA   . PRO A 1 39 ? 0.387   -0.419  -9.232  1.000 41.913 0 1818 PRO AAA CA   1 ? 
ATOM   604  C  C    . PRO A 1 39 ? 1.884   -0.677  -9.511  1.000 42.552 0 1818 PRO AAA C    1 ? 
ATOM   605  O  O    . PRO A 1 39 ? 2.241   -1.693  -10.116 1.000 46.177 0 1818 PRO AAA O    1 ? 
ATOM   606  C  CB   . PRO A 1 39 ? -0.264  0.256   -10.459 1.000 40.436 0 1818 PRO AAA CB   1 ? 
ATOM   607  C  CG   . PRO A 1 39 ? -1.217  1.277   -9.883  1.000 40.642 0 1818 PRO AAA CG   1 ? 
ATOM   608  C  CD   . PRO A 1 39 ? -0.583  1.728   -8.587  1.000 42.390 0 1818 PRO AAA CD   1 ? 
ATOM   609  H  HA   . PRO A 1 39 ? -0.076  -1.273  -9.040  1.000 41.845 0 1818 PRO AAA HA   1 c 
ATOM   610  H  HB2  . PRO A 1 39 ? 0.413   0.691   -11.020 1.000 40.835 0 1818 PRO AAA HB2  1 c 
ATOM   611  H  HB3  . PRO A 1 39 ? -0.748  -0.403  -11.004 1.000 40.832 0 1818 PRO AAA HB3  1 c 
ATOM   612  H  HG2  . PRO A 1 39 ? -1.326  2.033   -10.495 1.000 41.002 0 1818 PRO AAA HG2  1 c 
ATOM   613  H  HG3  . PRO A 1 39 ? -2.095  0.877   -9.717  1.000 41.002 0 1818 PRO AAA HG3  1 c 
ATOM   614  H  HD2  . PRO A 1 39 ? 0.029   2.472   -8.734  1.000 41.953 0 1818 PRO AAA HD2  1 c 
ATOM   615  H  HD3  . PRO A 1 39 ? -1.261  1.995   -7.940  1.000 41.933 0 1818 PRO AAA HD3  1 c 
ATOM   616  N  N    . ASN A 1 40 ? 2.747   0.238   -9.089  1.000 38.610 0 1819 ASN AAA N    1 ? 
ATOM   617  C  CA   . ASN A 1 40 ? 4.180   0.244   -9.476  1.000 37.640 0 1819 ASN AAA CA   1 ? 
ATOM   618  C  C    . ASN A 1 40 ? 5.064   -0.282  -8.342  1.000 36.523 0 1819 ASN AAA C    1 ? 
ATOM   619  O  O    . ASN A 1 40 ? 6.255   -0.456  -8.597  1.000 35.484 0 1819 ASN AAA O    1 ? 
ATOM   620  C  CB   . ASN A 1 40 ? 4.582   1.648   -9.907  1.000 40.923 0 1819 ASN AAA CB   1 ? 
ATOM   621  C  CG   . ASN A 1 40 ? 3.686   2.148   -11.023 1.000 45.999 0 1819 ASN AAA CG   1 ? 
ATOM   622  O  OD1  . ASN A 1 40 ? 3.320   1.368   -11.892 1.000 40.899 0 1819 ASN AAA OD1  1 ? 
ATOM   623  N  ND2  . ASN A 1 40 ? 3.337   3.429   -11.016 1.000 48.437 0 1819 ASN AAA ND2  1 ? 
ATOM   624  H  H    . ASN A 1 40 ? 2.512   0.930   -8.549  1.000 39.249 0 1819 ASN AAA H    1 c 
ATOM   625  H  HA   . ASN A 1 40 ? 4.294   -0.349  -10.255 1.000 38.242 0 1819 ASN AAA HA   1 c 
ATOM   626  H  HB2  . ASN A 1 40 ? 4.515   2.251   -9.141  1.000 41.262 0 1819 ASN AAA HB2  1 c 
ATOM   627  H  HB3  . ASN A 1 40 ? 5.511   1.638   -10.214 1.000 41.251 0 1819 ASN AAA HB3  1 c 
ATOM   628  H  HD21 . ASN A 1 40 ? 2.844   3.756   -11.673 1.000 47.603 0 1819 ASN AAA HD21 1 c 
ATOM   629  H  HD22 . ASN A 1 40 ? 3.596   3.956   -10.356 1.000 47.470 0 1819 ASN AAA HD22 1 c 
ATOM   630  N  N    . LEU A 1 41 ? 4.532   -0.515  -7.136  1.000 34.166 0 1820 LEU AAA N    1 ? 
ATOM   631  C  CA   . LEU A 1 41 ? 5.385   -0.904  -5.979  1.000 34.324 0 1820 LEU AAA CA   1 ? 
ATOM   632  C  C    . LEU A 1 41 ? 5.995   -2.274  -6.273  1.000 32.177 0 1820 LEU AAA C    1 ? 
ATOM   633  O  O    . LEU A 1 41 ? 5.271   -3.114  -6.702  1.000 28.658 0 1820 LEU AAA O    1 ? 
ATOM   634  C  CB   . LEU A 1 41 ? 4.545   -0.940  -4.702  1.000 36.456 0 1820 LEU AAA CB   1 ? 
ATOM   635  C  CG   . LEU A 1 41 ? 4.175   0.426   -4.134  1.000 36.071 0 1820 LEU AAA CG   1 ? 
ATOM   636  C  CD1  . LEU A 1 41 ? 3.102   0.281   -3.076  1.000 39.624 0 1820 LEU AAA CD1  1 ? 
ATOM   637  C  CD2  . LEU A 1 41 ? 5.396   1.129   -3.569  1.000 35.433 0 1820 LEU AAA CD2  1 ? 
ATOM   638  H  H    . LEU A 1 41 ? 3.642   -0.450  -6.955  1.000 34.776 0 1820 LEU AAA H    1 c 
ATOM   639  H  HA   . LEU A 1 41 ? 6.108   -0.244  -5.886  1.000 34.277 0 1820 LEU AAA HA   1 c 
ATOM   640  H  HB2  . LEU A 1 41 ? 3.722   -1.434  -4.887  1.000 35.866 0 1820 LEU AAA HB2  1 c 
ATOM   641  H  HB3  . LEU A 1 41 ? 5.041   -1.435  -4.019  1.000 35.852 0 1820 LEU AAA HB3  1 c 
ATOM   642  H  HG   . LEU A 1 41 ? 3.812   0.979   -4.869  1.000 36.657 0 1820 LEU AAA HG   1 c 
ATOM   643  H  HD11 . LEU A 1 41 ? 2.317   -0.140  -3.466  1.000 38.484 0 1820 LEU AAA HD11 1 c 
ATOM   644  H  HD12 . LEU A 1 41 ? 2.863   1.159   -2.735  1.000 38.494 0 1820 LEU AAA HD12 1 c 
ATOM   645  H  HD13 . LEU A 1 41 ? 3.436   -0.271  -2.348  1.000 38.494 0 1820 LEU AAA HD13 1 c 
ATOM   646  H  HD21 . LEU A 1 41 ? 5.786   0.586   -2.863  1.000 35.633 0 1820 LEU AAA HD21 1 c 
ATOM   647  H  HD22 . LEU A 1 41 ? 5.135   1.993   -3.205  1.000 35.633 0 1820 LEU AAA HD22 1 c 
ATOM   648  H  HD23 . LEU A 1 41 ? 6.053   1.261   -4.273  1.000 35.628 0 1820 LEU AAA HD23 1 c 
ATOM   649  N  N    . GLN A 1 42 ? 7.301   -2.423  -6.121  1.000 34.798 0 1821 GLN AAA N    1 ? 
ATOM   650  C  CA   . GLN A 1 42 ? 8.040   -3.706  -6.207  1.000 37.944 0 1821 GLN AAA CA   1 ? 
ATOM   651  C  C    . GLN A 1 42 ? 8.297   -4.178  -4.774  1.000 37.738 0 1821 GLN AAA C    1 ? 
ATOM   652  O  O    . GLN A 1 42 ? 8.116   -3.372  -3.854  1.000 36.533 0 1821 GLN AAA O    1 ? 
ATOM   653  C  CB   . GLN A 1 42 ? 9.379   -3.519  -6.940  1.000 44.099 0 1821 GLN AAA CB   1 ? 
ATOM   654  C  CG   . GLN A 1 42 ? 9.258   -2.910  -8.333  1.000 48.200 0 1821 GLN AAA CG   1 ? 
ATOM   655  C  CD   . GLN A 1 42 ? 8.271   -3.695  -9.160  1.000 53.183 0 1821 GLN AAA CD   1 ? 
ATOM   656  O  OE1  . GLN A 1 42 ? 8.298   -4.923  -9.161  1.000 68.298 0 1821 GLN AAA OE1  1 ? 
ATOM   657  N  NE2  . GLN A 1 42 ? 7.366   -3.006  -9.841  1.000 56.102 0 1821 GLN AAA NE2  1 ? 
ATOM   658  H  H    . GLN A 1 42 ? 7.845   -1.715  -5.953  1.000 34.877 0 1821 GLN AAA H    1 c 
ATOM   659  H  HA   . GLN A 1 42 ? 7.490   -4.371  -6.678  1.000 38.403 0 1821 GLN AAA HA   1 c 
ATOM   660  H  HB2  . GLN A 1 42 ? 9.953   -2.943  -6.393  1.000 43.463 0 1821 GLN AAA HB2  1 c 
ATOM   661  H  HB3  . GLN A 1 42 ? 9.817   -4.392  -7.012  1.000 43.502 0 1821 GLN AAA HB3  1 c 
ATOM   662  H  HG2  . GLN A 1 42 ? 8.960   -1.978  -8.261  1.000 48.313 0 1821 GLN AAA HG2  1 c 
ATOM   663  H  HG3  . GLN A 1 42 ? 10.134  -2.919  -8.774  1.000 48.309 0 1821 GLN AAA HG3  1 c 
ATOM   664  H  HE21 . GLN A 1 42 ? 6.744   -3.432  -10.305 1.000 55.206 0 1821 GLN AAA HE21 1 c 
ATOM   665  H  HE22 . GLN A 1 42 ? 7.382   -2.123  -9.835  1.000 55.148 0 1821 GLN AAA HE22 1 c 
ATOM   666  N  N    . LYS A 1 43 ? 8.721   -5.433  -4.613  1.000 36.875 0 1822 LYS AAA N    1 ? 
ATOM   667  C  CA   . LYS A 1 43 ? 9.098   -6.041  -3.308  1.000 36.399 0 1822 LYS AAA CA   1 ? 
ATOM   668  C  C    . LYS A 1 43 ? 10.132  -5.158  -2.598  1.000 35.313 0 1822 LYS AAA C    1 ? 
ATOM   669  O  O    . LYS A 1 43 ? 10.047  -5.009  -1.342  1.000 30.283 0 1822 LYS AAA O    1 ? 
ATOM   670  C  CB   . LYS A 1 43 ? 9.630   -7.460  -3.536  1.000 33.769 0 1822 LYS AAA CB   1 ? 
ATOM   671  C  CG   . LYS A 1 43 ? 10.231  -8.150  -2.321  1.000 33.148 0 1822 LYS AAA CG   1 ? 
ATOM   672  C  CD   . LYS A 1 43 ? 10.897  -9.457  -2.695  1.000 30.894 0 1822 LYS AAA CD   1 ? 
ATOM   673  C  CE   . LYS A 1 43 ? 11.626  -10.127 -1.555  1.000 31.871 0 1822 LYS AAA CE   1 ? 
ATOM   674  N  NZ   . LYS A 1 43 ? 11.965  -11.538 -1.893  1.000 33.152 0 1822 LYS AAA NZ   1 ? 
ATOM   675  H  H    . LYS A 1 43 ? 8.805   -6.006  -5.317  1.000 36.951 0 1822 LYS AAA H    1 c 
ATOM   676  H  HA   . LYS A 1 43 ? 8.292   -6.090  -2.745  1.000 35.795 0 1822 LYS AAA HA   1 c 
ATOM   677  H  HB2  . LYS A 1 43 ? 8.895   -8.013  -3.872  1.000 34.253 0 1822 LYS AAA HB2  1 c 
ATOM   678  H  HB3  . LYS A 1 43 ? 10.314  -7.420  -4.236  1.000 34.230 0 1822 LYS AAA HB3  1 c 
ATOM   679  H  HG2  . LYS A 1 43 ? 10.894  -7.557  -1.907  1.000 32.757 0 1822 LYS AAA HG2  1 c 
ATOM   680  H  HG3  . LYS A 1 43 ? 9.522   -8.321  -1.665  1.000 32.763 0 1822 LYS AAA HG3  1 c 
ATOM   681  H  HD2  . LYS A 1 43 ? 10.214  -10.073 -3.036  1.000 31.649 0 1822 LYS AAA HD2  1 c 
ATOM   682  H  HD3  . LYS A 1 43 ? 11.537  -9.291  -3.421  1.000 31.653 0 1822 LYS AAA HD3  1 c 
ATOM   683  H  HE2  . LYS A 1 43 ? 12.448  -9.640  -1.357  1.000 31.938 0 1822 LYS AAA HE2  1 c 
ATOM   684  H  HE3  . LYS A 1 43 ? 11.066  -10.116 -0.755  1.000 31.938 0 1822 LYS AAA HE3  1 c 
ATOM   685  H  HZ1  . LYS A 1 43 ? 11.204  -12.021 -1.991  1.000 32.757 0 1822 LYS AAA HZ1  1 c 
ATOM   686  H  HZ2  . LYS A 1 43 ? 12.465  -11.899 -1.231  1.000 32.758 0 1822 LYS AAA HZ2  1 c 
ATOM   687  H  HZ3  . LYS A 1 43 ? 12.437  -11.562 -2.666  1.000 32.758 0 1822 LYS AAA HZ3  1 c 
ATOM   688  N  N    . GLU A 1 44 ? 11.081  -4.614  -3.365  1.000 32.316 0 1823 GLU AAA N    1 ? 
ATOM   689  C  CA   . GLU A 1 44 ? 12.204  -3.809  -2.828  1.000 35.325 0 1823 GLU AAA CA   1 ? 
ATOM   690  C  C    . GLU A 1 44 ? 11.655  -2.454  -2.330  1.000 32.698 0 1823 GLU AAA C    1 ? 
ATOM   691  O  O    . GLU A 1 44 ? 12.097  -1.983  -1.252  1.000 27.212 0 1823 GLU AAA O    1 ? 
ATOM   692  C  CB   . GLU A 1 44 ? 13.294  -3.788  -3.894  1.000 41.907 0 1823 GLU AAA CB   1 ? 
ATOM   693  C  CG   . GLU A 1 44 ? 14.393  -2.775  -3.675  1.000 52.792 0 1823 GLU AAA CG   1 ? 
ATOM   694  C  CD   . GLU A 1 44 ? 14.974  -2.259  -4.989  1.000 62.826 0 1823 GLU AAA CD   1 ? 
ATOM   695  O  OE1  . GLU A 1 44 ? 15.085  -3.068  -5.944  1.000 67.093 0 1823 GLU AAA OE1  1 ? 
ATOM   696  O  OE2  . GLU A 1 44 ? 15.278  -1.047  -5.074  1.000 62.645 0 1823 GLU AAA OE2  1 ? 
ATOM   697  H  H    . GLU A 1 44 ? 11.097  -4.714  -4.270  1.000 33.766 0 1823 GLU AAA H    1 c 
ATOM   698  H  HA   . GLU A 1 44 ? 12.562  -4.289  -2.046  1.000 35.355 0 1823 GLU AAA HA   1 c 
ATOM   699  H  HB2  . GLU A 1 44 ? 13.695  -4.682  -3.945  1.000 42.505 0 1823 GLU AAA HB2  1 c 
ATOM   700  H  HB3  . GLU A 1 44 ? 12.873  -3.601  -4.756  1.000 42.520 0 1823 GLU AAA HB3  1 c 
ATOM   701  H  HG2  . GLU A 1 44 ? 14.044  -2.016  -3.164  1.000 51.988 0 1823 GLU AAA HG2  1 c 
ATOM   702  H  HG3  . GLU A 1 44 ? 15.113  -3.185  -3.153  1.000 52.067 0 1823 GLU AAA HG3  1 c 
ATOM   703  N  N    . ASP A 1 45 ? 10.667  -1.878  -3.015  1.000 30.084 0 1824 ASP AAA N    1 ? 
ATOM   704  C  CA   . ASP A 1 45 ? 9.919   -0.695  -2.501  1.000 31.300 0 1824 ASP AAA CA   1 ? 
ATOM   705  C  C    . ASP A 1 45 ? 9.209   -1.033  -1.182  1.000 31.791 0 1824 ASP AAA C    1 ? 
ATOM   706  O  O    . ASP A 1 45 ? 9.273   -0.228  -0.257  1.000 29.841 0 1824 ASP AAA O    1 ? 
ATOM   707  C  CB   . ASP A 1 45 ? 8.870   -0.218  -3.502  1.000 30.056 0 1824 ASP AAA CB   1 ? 
ATOM   708  C  CG   . ASP A 1 45 ? 9.473   0.086   -4.852  1.000 29.919 0 1824 ASP AAA CG   1 ? 
ATOM   709  O  OD1  . ASP A 1 45 ? 10.512  0.727   -4.846  1.000 30.321 0 1824 ASP AAA OD1  1 ? 
ATOM   710  O  OD2  . ASP A 1 45 ? 8.909   -0.344  -5.877  1.000 27.824 0 1824 ASP AAA OD2  1 ? 
ATOM   711  H  H    . ASP A 1 45 ? 10.389  -2.176  -3.828  1.000 30.968 0 1824 ASP AAA H    1 c 
ATOM   712  H  HA   . ASP A 1 45 ? 10.561  0.036   -2.339  1.000 30.916 0 1824 ASP AAA HA   1 c 
ATOM   713  H  HB2  . ASP A 1 45 ? 8.182   -0.905  -3.610  1.000 30.324 0 1824 ASP AAA HB2  1 c 
ATOM   714  H  HB3  . ASP A 1 45 ? 8.443   0.594   -3.160  1.000 30.317 0 1824 ASP AAA HB3  1 c 
ATOM   715  N  N    . LEU A 1 46 ? 8.517   -2.167  -1.113  1.000 29.544 0 1825 LEU AAA N    1 ? 
ATOM   716  C  CA   . LEU A 1 46 ? 7.769   -2.564  0.107   1.000 31.026 0 1825 LEU AAA CA   1 ? 
ATOM   717  C  C    . LEU A 1 46 ? 8.764   -2.755  1.256   1.000 32.156 0 1825 LEU AAA C    1 ? 
ATOM   718  O  O    . LEU A 1 46 ? 8.438   -2.309  2.391   1.000 33.769 0 1825 LEU AAA O    1 ? 
ATOM   719  C  CB   . LEU A 1 46 ? 6.957   -3.838  -0.154  1.000 30.620 0 1825 LEU AAA CB   1 ? 
ATOM   720  C  CG   . LEU A 1 46 ? 5.792   -3.695  -1.131  1.000 30.113 0 1825 LEU AAA CG   1 ? 
ATOM   721  C  CD1  . LEU A 1 46 ? 5.098   -5.027  -1.335  1.000 31.908 0 1825 LEU AAA CD1  1 ? 
ATOM   722  C  CD2  . LEU A 1 46 ? 4.791   -2.674  -0.631  1.000 33.740 0 1825 LEU AAA CD2  1 ? 
ATOM   723  H  H    . LEU A 1 46 ? 8.458   -2.757  -1.805  1.000 30.410 0 1825 LEU AAA H    1 c 
ATOM   724  H  HA   . LEU A 1 46 ? 7.159   -1.830  0.345   1.000 30.889 0 1825 LEU AAA HA   1 c 
ATOM   725  H  HB2  . LEU A 1 46 ? 7.564   -4.525  -0.497  1.000 30.601 0 1825 LEU AAA HB2  1 c 
ATOM   726  H  HB3  . LEU A 1 46 ? 6.605   -4.158  0.700   1.000 30.608 0 1825 LEU AAA HB3  1 c 
ATOM   727  H  HG   . LEU A 1 46 ? 6.147   -3.388  -2.002  1.000 31.225 0 1825 LEU AAA HG   1 c 
ATOM   728  H  HD11 . LEU A 1 46 ? 5.737   -5.678  -1.671  1.000 31.385 0 1825 LEU AAA HD11 1 c 
ATOM   729  H  HD12 . LEU A 1 46 ? 4.374   -4.922  -1.977  1.000 31.358 0 1825 LEU AAA HD12 1 c 
ATOM   730  H  HD13 . LEU A 1 46 ? 4.735   -5.337  -0.487  1.000 31.358 0 1825 LEU AAA HD13 1 c 
ATOM   731  H  HD21 . LEU A 1 46 ? 4.518   -2.904  0.275   1.000 32.582 0 1825 LEU AAA HD21 1 c 
ATOM   732  H  HD22 . LEU A 1 46 ? 4.012   -2.672  -1.213  1.000 32.582 0 1825 LEU AAA HD22 1 c 
ATOM   733  H  HD23 . LEU A 1 46 ? 5.197   -1.790  -0.630  1.000 32.576 0 1825 LEU AAA HD23 1 c 
ATOM   734  N  N    . ILE A 1 47 ? 9.947   -3.312  0.983   1.000 30.422 0 1826 ILE AAA N    1 ? 
ATOM   735  C  CA   . ILE A 1 47 ? 11.043  -3.462  1.994   1.000 31.531 0 1826 ILE AAA CA   1 ? 
ATOM   736  C  C    . ILE A 1 47 ? 11.509  -2.070  2.461   1.000 33.205 0 1826 ILE AAA C    1 ? 
ATOM   737  O  O    . ILE A 1 47 ? 11.431  -1.820  3.703   1.000 31.591 0 1826 ILE AAA O    1 ? 
ATOM   738  C  CB   . ILE A 1 47 ? 12.154  -4.394  1.463   1.000 32.373 0 1826 ILE AAA CB   1 ? 
ATOM   739  C  CG1  . ILE A 1 47 ? 11.624  -5.839  1.432   1.000 32.108 0 1826 ILE AAA CG1  1 ? 
ATOM   740  C  CG2  . ILE A 1 47 ? 13.433  -4.265  2.288   1.000 34.736 0 1826 ILE AAA CG2  1 ? 
ATOM   741  C  CD1  . ILE A 1 47 ? 12.443  -6.835  0.626   1.000 32.382 0 1826 ILE AAA CD1  1 ? 
ATOM   742  H  H    . ILE A 1 47 ? 10.156  -3.644  0.162   1.000 31.088 0 1826 ILE AAA H    1 c 
ATOM   743  H  HA   . ILE A 1 47 ? 10.653  -3.905  2.770   1.000 31.788 0 1826 ILE AAA HA   1 c 
ATOM   744  H  HB   . ILE A 1 47 ? 12.360  -4.124  0.534   1.000 32.593 0 1826 ILE AAA HB   1 c 
ATOM   745  H  HG12 . ILE A 1 47 ? 11.566  -6.165  2.355   1.000 32.236 0 1826 ILE AAA HG12 1 c 
ATOM   746  H  HG13 . ILE A 1 47 ? 10.713  -5.826  1.068   1.000 32.229 0 1826 ILE AAA HG13 1 c 
ATOM   747  H  HG21 . ILE A 1 47 ? 13.804  -3.372  2.180   1.000 33.988 0 1826 ILE AAA HG21 1 c 
ATOM   748  H  HG22 . ILE A 1 47 ? 14.085  -4.920  1.983   1.000 33.984 0 1826 ILE AAA HG22 1 c 
ATOM   749  H  HG23 . ILE A 1 47 ? 13.233  -4.420  3.226   1.000 33.990 0 1826 ILE AAA HG23 1 c 
ATOM   750  H  HD11 . ILE A 1 47 ? 12.503  -6.536  -0.298  1.000 32.301 0 1826 ILE AAA HD11 1 c 
ATOM   751  H  HD12 . ILE A 1 47 ? 12.016  -7.708  0.655   1.000 32.301 0 1826 ILE AAA HD12 1 c 
ATOM   752  H  HD13 . ILE A 1 47 ? 13.338  -6.901  1.002   1.000 32.305 0 1826 ILE AAA HD13 1 c 
ATOM   753  N  N    . ASP A 1 48 ? 11.805  -1.160  1.521   1.000 29.532 0 1827 ASP AAA N    1 ? 
ATOM   754  C  CA   . ASP A 1 48 ? 12.183  0.262   1.777   1.000 30.465 0 1827 ASP AAA CA   1 ? 
ATOM   755  C  C    . ASP A 1 48 ? 11.089  0.983   2.572   1.000 31.510 0 1827 ASP AAA C    1 ? 
ATOM   756  O  O    . ASP A 1 48 ? 11.455  1.888   3.292   1.000 33.545 0 1827 ASP AAA O    1 ? 
ATOM   757  C  CB   . ASP A 1 48 ? 12.529  1.007   0.479   1.000 29.578 0 1827 ASP AAA CB   1 ? 
ATOM   758  C  CG   . ASP A 1 48 ? 13.771  0.466   -0.226  1.000 31.865 0 1827 ASP AAA CG   1 ? 
ATOM   759  O  OD1  . ASP A 1 48 ? 14.535  -0.239  0.430   1.000 32.229 0 1827 ASP AAA OD1  1 ? 
ATOM   760  O  OD2  . ASP A 1 48 ? 13.946  0.702   -1.437  1.000 34.244 0 1827 ASP AAA OD2  1 ? 
ATOM   761  H  H    . ASP A 1 48 ? 11.787  -1.367  0.634   1.000 30.583 0 1827 ASP AAA H    1 c 
ATOM   762  H  HA   . ASP A 1 48 ? 12.996  0.253   2.334   1.000 30.323 0 1827 ASP AAA HA   1 c 
ATOM   763  H  HB2  . ASP A 1 48 ? 11.772  0.943   -0.139  1.000 30.316 0 1827 ASP AAA HB2  1 c 
ATOM   764  H  HB3  . ASP A 1 48 ? 12.678  1.953   0.683   1.000 30.316 0 1827 ASP AAA HB3  1 c 
ATOM   765  N  N    . LEU A 1 49 ? 9.814   0.562   2.505   1.000 30.516 0 1828 LEU AAA N    1 ? 
ATOM   766  C  CA   . LEU A 1 49 ? 8.699   1.201   3.264   1.000 31.759 0 1828 LEU AAA CA   1 ? 
ATOM   767  C  C    . LEU A 1 49 ? 8.499   0.530   4.626   1.000 32.471 0 1828 LEU AAA C    1 ? 
ATOM   768  O  O    . LEU A 1 49 ? 7.536   0.908   5.308   1.000 34.320 0 1828 LEU AAA O    1 ? 
ATOM   769  C  CB   . LEU A 1 49 ? 7.402   1.161   2.442   1.000 29.174 0 1828 LEU AAA CB   1 ? 
ATOM   770  C  CG   . LEU A 1 49 ? 7.426   2.039   1.194   1.000 28.276 0 1828 LEU AAA CG   1 ? 
ATOM   771  C  CD1  . LEU A 1 49 ? 6.362   1.609   0.204   1.000 30.774 0 1828 LEU AAA CD1  1 ? 
ATOM   772  C  CD2  . LEU A 1 49 ? 7.265   3.498   1.555   1.000 28.390 0 1828 LEU AAA CD2  1 ? 
ATOM   773  H  H    . LEU A 1 49 ? 9.549   -0.130  1.976   1.000 31.033 0 1828 LEU AAA H    1 c 
ATOM   774  H  HA   . LEU A 1 49 ? 8.944   2.141   3.423   1.000 31.139 0 1828 LEU AAA HA   1 c 
ATOM   775  H  HB2  . LEU A 1 49 ? 7.232   0.236   2.174   1.000 29.558 0 1828 LEU AAA HB2  1 c 
ATOM   776  H  HB3  . LEU A 1 49 ? 6.661   1.447   3.012   1.000 29.563 0 1828 LEU AAA HB3  1 c 
ATOM   777  H  HG   . LEU A 1 49 ? 8.306   1.929   0.761   1.000 28.938 0 1828 LEU AAA HG   1 c 
ATOM   778  H  HD11 . LEU A 1 49 ? 6.522   0.688   -0.064  1.000 29.985 0 1828 LEU AAA HD11 1 c 
ATOM   779  H  HD12 . LEU A 1 49 ? 6.396   2.186   -0.579  1.000 29.985 0 1828 LEU AAA HD12 1 c 
ATOM   780  H  HD13 . LEU A 1 49 ? 5.485   1.678   0.619   1.000 29.985 0 1828 LEU AAA HD13 1 c 
ATOM   781  H  HD21 . LEU A 1 49 ? 6.418   3.627   2.017   1.000 28.368 0 1828 LEU AAA HD21 1 c 
ATOM   782  H  HD22 . LEU A 1 49 ? 7.278   4.037   0.746   1.000 28.366 0 1828 LEU AAA HD22 1 c 
ATOM   783  H  HD23 . LEU A 1 49 ? 7.994   3.771   2.137   1.000 28.381 0 1828 LEU AAA HD23 1 c 
ATOM   784  N  N    . GLY A 1 50 ? 9.353   -0.435  4.978   1.000 32.779 0 1829 GLY AAA N    1 ? 
ATOM   785  C  CA   . GLY A 1 50 ? 9.372   -1.098  6.292   1.000 35.703 0 1829 GLY AAA CA   1 ? 
ATOM   786  C  C    . GLY A 1 50 ? 8.489   -2.340  6.327   1.000 39.444 0 1829 GLY AAA C    1 ? 
ATOM   787  O  O    . GLY A 1 50 ? 8.183   -2.801  7.457   1.000 41.204 0 1829 GLY AAA O    1 ? 
ATOM   788  H  H    . GLY A 1 50 ? 9.984   -0.752  4.408   1.000 33.361 0 1829 GLY AAA H    1 c 
ATOM   789  H  HA2  . GLY A 1 50 ? 10.304  -1.353  6.510   1.000 35.823 0 1829 GLY AAA HA2  1 c 
ATOM   790  H  HA3  . GLY A 1 50 ? 9.062   -0.457  6.981   1.000 35.815 0 1829 GLY AAA HA3  1 c 
ATOM   791  N  N    . VAL A 1 51 ? 8.099   -2.884  5.161   1.000 36.694 0 1830 VAL AAA N    1 ? 
ATOM   792  C  CA   . VAL A 1 51 ? 7.312   -4.158  5.046   1.000 33.183 0 1830 VAL AAA CA   1 ? 
ATOM   793  C  C    . VAL A 1 51 ? 8.292   -5.319  4.816   1.000 33.500 0 1830 VAL AAA C    1 ? 
ATOM   794  O  O    . VAL A 1 51 ? 8.402   -5.820  3.655   1.000 31.011 0 1830 VAL AAA O    1 ? 
ATOM   795  C  CB   . VAL A 1 51 ? 6.219   -4.104  3.964   1.000 32.971 0 1830 VAL AAA CB   1 ? 
ATOM   796  C  CG1  . VAL A 1 51 ? 5.224   -5.257  4.125   1.000 34.199 0 1830 VAL AAA CG1  1 ? 
ATOM   797  C  CG2  . VAL A 1 51 ? 5.494   -2.757  3.942   1.000 31.777 0 1830 VAL AAA CG2  1 ? 
ATOM   798  H  H    . VAL A 1 51 ? 8.302   -2.514  4.355   1.000 36.418 0 1830 VAL AAA H    1 c 
ATOM   799  H  HA   . VAL A 1 51 ? 6.870   -4.310  5.901   1.000 33.875 0 1830 VAL AAA HA   1 c 
ATOM   800  H  HB   . VAL A 1 51 ? 6.664   -4.213  3.089   1.000 33.007 0 1830 VAL AAA HB   1 c 
ATOM   801  H  HG11 . VAL A 1 51 ? 5.695   -6.105  4.075   1.000 33.843 0 1830 VAL AAA HG11 1 c 
ATOM   802  H  HG12 . VAL A 1 51 ? 4.559   -5.215  3.416   1.000 33.840 0 1830 VAL AAA HG12 1 c 
ATOM   803  H  HG13 . VAL A 1 51 ? 4.780   -5.185  4.988   1.000 33.835 0 1830 VAL AAA HG13 1 c 
ATOM   804  H  HG21 . VAL A 1 51 ? 5.119   -2.576  4.822   1.000 32.155 0 1830 VAL AAA HG21 1 c 
ATOM   805  H  HG22 . VAL A 1 51 ? 4.777   -2.786  3.285   1.000 32.155 0 1830 VAL AAA HG22 1 c 
ATOM   806  H  HG23 . VAL A 1 51 ? 6.119   -2.052  3.706   1.000 32.172 0 1830 VAL AAA HG23 1 c 
ATOM   807  N  N    . THR A 1 52 ? 8.953   -5.716  5.910   1.000 31.708 0 1831 THR AAA N    1 ? 
ATOM   808  C  CA   . THR A 1 52 ? 10.052  -6.705  5.987   1.000 33.743 0 1831 THR AAA CA   1 ? 
ATOM   809  C  C    . THR A 1 52 ? 9.507   -8.132  6.224   1.000 35.235 0 1831 THR AAA C    1 ? 
ATOM   810  O  O    . THR A 1 52 ? 10.228  -9.089  5.924   1.000 33.144 0 1831 THR AAA O    1 ? 
ATOM   811  C  CB   . THR A 1 52 ? 11.016  -6.252  7.086   1.000 37.252 0 1831 THR AAA CB   1 ? 
ATOM   812  O  OG1  . THR A 1 52 ? 10.271  -6.197  8.306   1.000 39.957 0 1831 THR AAA OG1  1 ? 
ATOM   813  C  CG2  . THR A 1 52 ? 11.647  -4.903  6.806   1.000 38.641 0 1831 THR AAA CG2  1 ? 
ATOM   814  H  H    . THR A 1 52 ? 8.751   -5.381  6.734   1.000 32.615 0 1831 THR AAA H    1 c 
ATOM   815  H  HA   . THR A 1 52 ? 10.531  -6.693  5.126   1.000 34.264 0 1831 THR AAA HA   1 c 
ATOM   816  H  HB   . THR A 1 52 ? 11.729  -6.928  7.174   1.000 37.308 0 1831 THR AAA HB   1 c 
ATOM   817  H  HG1  . THR A 1 52 ? 10.783  -5.957  8.938   0.000 39.690 0 1831 THR AAA HG1  1 c 
ATOM   818  H  HG21 . THR A 1 52 ? 12.045  -4.908  5.917   1.000 38.279 0 1831 THR AAA HG21 1 c 
ATOM   819  H  HG22 . THR A 1 52 ? 12.337  -4.721  7.469   1.000 38.222 0 1831 THR AAA HG22 1 c 
ATOM   820  H  HG23 . THR A 1 52 ? 10.965  -4.208  6.849   1.000 38.211 0 1831 THR AAA HG23 1 c 
ATOM   821  N  N    . ARG A 1 53 ? 8.284   -8.287  6.747   1.000 33.999 0 1832 ARG AAA N    1 ? 
ATOM   822  C  CA   . ARG A 1 53 ? 7.675   -9.616  7.022   1.000 33.469 0 1832 ARG AAA CA   1 ? 
ATOM   823  C  C    . ARG A 1 53 ? 6.966   -10.103 5.760   1.000 31.971 0 1832 ARG AAA C    1 ? 
ATOM   824  O  O    . ARG A 1 53 ? 6.146   -9.354  5.220   1.000 34.127 0 1832 ARG AAA O    1 ? 
ATOM   825  C  CB   . ARG A 1 53 ? 6.782   -9.560  8.267   1.000 34.269 0 1832 ARG AAA CB   1 ? 
ATOM   826  C  CG   . ARG A 1 53 ? 7.580   -9.406  9.559   1.000 35.772 0 1832 ARG AAA CG   1 ? 
ATOM   827  C  CD   . ARG A 1 53 ? 6.732   -9.187  10.796  1.000 36.669 0 1832 ARG AAA CD   1 ? 
ATOM   828  N  NE   . ARG A 1 53 ? 5.958   -7.965  10.690  1.000 37.141 0 1832 ARG AAA NE   1 ? 
ATOM   829  C  CZ   . ARG A 1 53 ? 4.974   -7.600  11.510  1.000 39.182 0 1832 ARG AAA CZ   1 ? 
ATOM   830  N  NH1  . ARG A 1 53 ? 4.590   -8.381  12.509  1.000 36.141 0 1832 ARG AAA NH1  1 ? 
ATOM   831  N  NH2  . ARG A 1 53 ? 4.371   -6.441  11.322  1.000 40.012 0 1832 ARG AAA NH2  1 ? 
ATOM   832  H  H    . ARG A 1 53 ? 7.749   -7.584  6.968   1.000 34.157 0 1832 ARG AAA H    1 c 
ATOM   833  H  HA   . ARG A 1 53 ? 8.410   -10.240 7.214   1.000 33.425 0 1832 ARG AAA HA   1 c 
ATOM   834  H  HB2  . ARG A 1 53 ? 6.162   -8.808  8.180   1.000 34.446 0 1832 ARG AAA HB2  1 c 
ATOM   835  H  HB3  . ARG A 1 53 ? 6.255   -10.384 8.315   1.000 34.433 0 1832 ARG AAA HB3  1 c 
ATOM   836  H  HG2  . ARG A 1 53 ? 8.126   -10.211 9.693   1.000 35.620 0 1832 ARG AAA HG2  1 c 
ATOM   837  H  HG3  . ARG A 1 53 ? 8.193   -8.647  9.464   1.000 35.605 0 1832 ARG AAA HG3  1 c 
ATOM   838  H  HD2  . ARG A 1 53 ? 6.124   -9.947  10.911  1.000 36.570 0 1832 ARG AAA HD2  1 c 
ATOM   839  H  HD3  . ARG A 1 53 ? 7.313   -9.138  11.587  1.000 36.570 0 1832 ARG AAA HD3  1 c 
ATOM   840  H  HE   . ARG A 1 53 ? 6.178   -7.404  10.060  1.000 37.526 0 1832 ARG AAA HE   1 c 
ATOM   841  H  HH11 . ARG A 1 53 ? 4.989   -9.150  12.649  1.000 37.156 0 1832 ARG AAA HH11 1 c 
ATOM   842  H  HH12 . ARG A 1 53 ? 3.933   -8.125  13.036  1.000 37.157 0 1832 ARG AAA HH12 1 c 
ATOM   843  H  HH21 . ARG A 1 53 ? 4.618   -5.920  10.657  1.000 39.557 0 1832 ARG AAA HH21 1 c 
ATOM   844  H  HH22 . ARG A 1 53 ? 3.708   -6.197  11.850  1.000 39.537 0 1832 ARG AAA HH22 1 c 
ATOM   845  N  N    . VAL A 1 54 ? 7.315   -11.317 5.316   1.000 31.268 0 1833 VAL AAA N    1 ? 
ATOM   846  C  CA   . VAL A 1 54 ? 6.775   -11.994 4.097   1.000 31.928 0 1833 VAL AAA CA   1 ? 
ATOM   847  C  C    . VAL A 1 54 ? 5.242   -11.906 4.099   1.000 32.577 0 1833 VAL AAA C    1 ? 
ATOM   848  O  O    . VAL A 1 54 ? 4.650   -11.522 3.061   1.000 29.878 0 1833 VAL AAA O    1 ? 
ATOM   849  C  CB   . VAL A 1 54 ? 7.237   -13.467 4.007   1.000 31.513 0 1833 VAL AAA CB   1 ? 
ATOM   850  C  CG1  . VAL A 1 54 ? 6.439   -14.214 2.945   1.000 31.468 0 1833 VAL AAA CG1  1 ? 
ATOM   851  C  CG2  . VAL A 1 54 ? 8.735   -13.623 3.762   1.000 30.590 0 1833 VAL AAA CG2  1 ? 
ATOM   852  H  H    . VAL A 1 54 ? 7.926   -11.827 5.757   1.000 31.597 0 1833 VAL AAA H    1 c 
ATOM   853  H  HA   . VAL A 1 54 ? 7.107   -11.520 3.313   1.000 31.844 0 1833 VAL AAA HA   1 c 
ATOM   854  H  HB   . VAL A 1 54 ? 7.034   -13.887 4.879   1.000 31.408 0 1833 VAL AAA HB   1 c 
ATOM   855  H  HG11 . VAL A 1 54 ? 5.515   -14.306 3.235   1.000 31.496 0 1833 VAL AAA HG11 1 c 
ATOM   856  H  HG12 . VAL A 1 54 ? 6.823   -15.099 2.814   1.000 31.488 0 1833 VAL AAA HG12 1 c 
ATOM   857  H  HG13 . VAL A 1 54 ? 6.471   -13.721 2.107   1.000 31.488 0 1833 VAL AAA HG13 1 c 
ATOM   858  H  HG21 . VAL A 1 54 ? 8.978   -13.170 2.936   1.000 30.889 0 1833 VAL AAA HG21 1 c 
ATOM   859  H  HG22 . VAL A 1 54 ? 8.956   -14.567 3.690   1.000 30.883 0 1833 VAL AAA HG22 1 c 
ATOM   860  H  HG23 . VAL A 1 54 ? 9.229   -13.232 4.503   1.000 30.883 0 1833 VAL AAA HG23 1 c 
ATOM   861  N  N    . GLY A 1 55 ? 4.614   -12.284 5.219   1.000 34.731 0 1834 GLY AAA N    1 ? 
ATOM   862  C  CA   . GLY A 1 55 ? 3.147   -12.299 5.351   1.000 31.234 0 1834 GLY AAA CA   1 ? 
ATOM   863  C  C    . GLY A 1 55 ? 2.557   -10.949 4.997   1.000 31.977 0 1834 GLY AAA C    1 ? 
ATOM   864  O  O    . GLY A 1 55 ? 1.509   -10.918 4.326   1.000 30.765 0 1834 GLY AAA O    1 ? 
ATOM   865  H  H    . GLY A 1 55 ? 5.063   -12.561 5.961   1.000 33.359 0 1834 GLY AAA H    1 c 
ATOM   866  H  HA2  . GLY A 1 55 ? 2.772   -12.992 4.752   1.000 32.200 0 1834 GLY AAA HA2  1 c 
ATOM   867  H  HA3  . GLY A 1 55 ? 2.907   -12.530 6.283   1.000 32.203 0 1834 GLY AAA HA3  1 c 
ATOM   868  N  N    . HIS A 1 56 ? 3.190   -9.854  5.424   1.000 33.643 0 1835 HIS AAA N    1 ? 
ATOM   869  C  CA   . HIS A 1 56 ? 2.621   -8.489  5.259   1.000 35.196 0 1835 HIS AAA CA   1 ? 
ATOM   870  C  C    . HIS A 1 56 ? 2.746   -8.018  3.800   1.000 34.432 0 1835 HIS AAA C    1 ? 
ATOM   871  O  O    . HIS A 1 56 ? 1.780   -7.396  3.305   1.000 35.408 0 1835 HIS AAA O    1 ? 
ATOM   872  C  CB   . HIS A 1 56 ? 3.212   -7.541  6.305   1.000 36.236 0 1835 HIS AAA CB   1 ? 
ATOM   873  C  CG   . HIS A 1 56 ? 2.492   -7.632  7.610   1.000 37.872 0 1835 HIS AAA CG   1 ? 
ATOM   874  N  ND1  . HIS A 1 56 ? 2.408   -6.570  8.498   1.000 39.968 0 1835 HIS AAA ND1  1 ? 
ATOM   875  C  CD2  . HIS A 1 56 ? 1.775   -8.638  8.154   1.000 40.672 0 1835 HIS AAA CD2  1 ? 
ATOM   876  C  CE1  . HIS A 1 56 ? 1.697   -6.937  9.553   1.000 46.142 0 1835 HIS AAA CE1  1 ? 
ATOM   877  N  NE2  . HIS A 1 56 ? 1.303   -8.204  9.367   1.000 44.162 0 1835 HIS AAA NE2  1 ? 
ATOM   878  H  H    . HIS A 1 56 ? 4.002   -9.860  5.838   1.000 33.617 0 1835 HIS AAA H    1 c 
ATOM   879  H  HA   . HIS A 1 56 ? 1.655   -8.560  5.449   1.000 34.947 0 1835 HIS AAA HA   1 c 
ATOM   880  H  HB2  . HIS A 1 56 ? 4.161   -7.759  6.443   1.000 36.361 0 1835 HIS AAA HB2  1 c 
ATOM   881  H  HB3  . HIS A 1 56 ? 3.158   -6.618  5.972   1.000 36.359 0 1835 HIS AAA HB3  1 c 
ATOM   882  H  HD1  . HIS A 1 56 ? 2.716   -5.791  8.395   0.000 40.560 0 1835 HIS AAA HD1  1 c 
ATOM   883  H  HD2  . HIS A 1 56 ? 1.646   -9.492  7.785   1.000 40.795 0 1835 HIS AAA HD2  1 c 
ATOM   884  H  HE1  . HIS A 1 56 ? 1.504   -6.400  10.303  1.000 43.915 0 1835 HIS AAA HE1  1 c 
ATOM   885  H  HE2  . HIS A 1 56 ? 0.809   -8.717  9.918   0.000 44.300 0 1835 HIS AAA HE2  1 c 
ATOM   886  N  N    . ARG A 1 57 ? 3.856   -8.332  3.125   1.000 33.278 0 1836 ARG AAA N    1 ? 
ATOM   887  C  CA   . ARG A 1 57 ? 4.040   -8.067  1.668   1.000 33.446 0 1836 ARG AAA CA   1 ? 
ATOM   888  C  C    . ARG A 1 57 ? 3.019   -8.888  0.865   1.000 33.849 0 1836 ARG AAA C    1 ? 
ATOM   889  O  O    . ARG A 1 57 ? 2.475   -8.342  -0.112  1.000 30.294 0 1836 ARG AAA O    1 ? 
ATOM   890  C  CB   . ARG A 1 57 ? 5.468   -8.401  1.221   1.000 34.510 0 1836 ARG AAA CB   1 ? 
ATOM   891  C  CG   . ARG A 1 57 ? 6.545   -7.482  1.788   1.000 36.721 0 1836 ARG AAA CG   1 ? 
ATOM   892  C  CD   . ARG A 1 57 ? 7.839   -7.538  0.978   1.000 36.431 0 1836 ARG AAA CD   1 ? 
ATOM   893  N  NE   . ARG A 1 57 ? 8.482   -8.845  0.991   1.000 38.539 0 1836 ARG AAA NE   1 ? 
ATOM   894  C  CZ   . ARG A 1 57 ? 9.263   -9.331  1.966   1.000 40.077 0 1836 ARG AAA CZ   1 ? 
ATOM   895  N  NH1  . ARG A 1 57 ? 9.506   -8.631  3.067   1.000 39.871 0 1836 ARG AAA NH1  1 ? 
ATOM   896  N  NH2  . ARG A 1 57 ? 9.776   -10.545 1.845   1.000 42.135 0 1836 ARG AAA NH2  1 ? 
ATOM   897  H  H    . ARG A 1 57 ? 4.575   -8.727  3.521   1.000 33.591 0 1836 ARG AAA H    1 c 
ATOM   898  H  HA   . ARG A 1 57 ? 3.873   -7.110  1.505   1.000 33.684 0 1836 ARG AAA HA   1 c 
ATOM   899  H  HB2  . ARG A 1 57 ? 5.669   -9.322  1.488   1.000 34.772 0 1836 ARG AAA HB2  1 c 
ATOM   900  H  HB3  . ARG A 1 57 ? 5.504   -8.359  0.243   1.000 34.829 0 1836 ARG AAA HB3  1 c 
ATOM   901  H  HG2  . ARG A 1 57 ? 6.213   -6.559  1.794   1.000 36.110 0 1836 ARG AAA HG2  1 c 
ATOM   902  H  HG3  . ARG A 1 57 ? 6.738   -7.741  2.714   1.000 36.104 0 1836 ARG AAA HG3  1 c 
ATOM   903  H  HD2  . ARG A 1 57 ? 7.640   -7.294  0.049   1.000 36.982 0 1836 ARG AAA HD2  1 c 
ATOM   904  H  HD3  . ARG A 1 57 ? 8.465   -6.870  1.329   1.000 36.985 0 1836 ARG AAA HD3  1 c 
ATOM   905  H  HE   . ARG A 1 57 ? 8.355   -9.355  0.295   1.000 38.523 0 1836 ARG AAA HE   1 c 
ATOM   906  H  HH11 . ARG A 1 57 ? 9.169   -7.826  3.164   1.000 39.902 0 1836 ARG AAA HH11 1 c 
ATOM   907  H  HH12 . ARG A 1 57 ? 10.018  -8.971  3.693   1.000 39.901 0 1836 ARG AAA HH12 1 c 
ATOM   908  H  HH21 . ARG A 1 57 ? 9.617   -11.019 1.119   1.000 41.278 0 1836 ARG AAA HH21 1 c 
ATOM   909  H  HH22 . ARG A 1 57 ? 10.288  -10.872 2.483   1.000 41.278 0 1836 ARG AAA HH22 1 c 
ATOM   910  N  N    . MET A 1 58 ? 2.787   -10.148 1.255   1.000 31.975 0 1837 MET AAA N    1 ? 
ATOM   911  C  CA   . MET A 1 58 ? 1.829   -11.081 0.592   1.000 33.649 0 1837 MET AAA CA   1 ? 
ATOM   912  C  C    . MET A 1 58 ? 0.399   -10.570 0.804   1.000 33.179 0 1837 MET AAA C    1 ? 
ATOM   913  O  O    . MET A 1 58 ? -0.398  -10.679 -0.129  1.000 33.754 0 1837 MET AAA O    1 ? 
ATOM   914  C  CB   . MET A 1 58 ? 1.959   -12.516 1.124   1.000 33.794 0 1837 MET AAA CB   1 ? 
ATOM   915  C  CG   . MET A 1 58 ? 3.280   -13.201 0.725   1.000 34.363 0 1837 MET AAA CG   1 ? 
ATOM   916  S  SD   . MET A 1 58 ? 3.401   -14.926 1.270   1.000 36.302 0 1837 MET AAA SD   1 ? 
ATOM   917  C  CE   . MET A 1 58 ? 2.214   -15.653 0.151   1.000 37.946 0 1837 MET AAA CE   1 ? 
ATOM   918  H  H    . MET A 1 58 ? 3.218   -10.522 1.965   1.000 32.806 0 1837 MET AAA H    1 c 
ATOM   919  H  HA   . MET A 1 58 ? 2.020   -11.076 -0.374  1.000 33.265 0 1837 MET AAA HA   1 c 
ATOM   920  H  HB2  . MET A 1 58 ? 1.894   -12.496 2.100   1.000 33.897 0 1837 MET AAA HB2  1 c 
ATOM   921  H  HB3  . MET A 1 58 ? 1.210   -13.045 0.786   1.000 33.909 0 1837 MET AAA HB3  1 c 
ATOM   922  H  HG2  . MET A 1 58 ? 3.367   -13.176 -0.252  1.000 34.675 0 1837 MET AAA HG2  1 c 
ATOM   923  H  HG3  . MET A 1 58 ? 4.030   -12.698 1.104   1.000 34.666 0 1837 MET AAA HG3  1 c 
ATOM   924  H  HE1  . MET A 1 58 ? 2.202   -16.609 0.274   1.000 37.432 0 1837 MET AAA HE1  1 c 
ATOM   925  H  HE2  . MET A 1 58 ? 1.337   -15.293 0.333   1.000 37.425 0 1837 MET AAA HE2  1 c 
ATOM   926  H  HE3  . MET A 1 58 ? 2.464   -15.449 -0.758  1.000 37.432 0 1837 MET AAA HE3  1 c 
ATOM   927  N  N    . ASN A 1 59 ? 0.106   -9.976  1.960   1.000 35.268 0 1838 ASN AAA N    1 ? 
ATOM   928  C  CA   . ASN A 1 59 ? -1.205  -9.334  2.235   1.000 36.427 0 1838 ASN AAA CA   1 ? 
ATOM   929  C  C    . ASN A 1 59 ? -1.407  -8.164  1.264   1.000 39.587 0 1838 ASN AAA C    1 ? 
ATOM   930  O  O    . ASN A 1 59 ? -2.528  -8.024  0.704   1.000 37.464 0 1838 ASN AAA O    1 ? 
ATOM   931  C  CB   . ASN A 1 59 ? -1.315  -8.886  3.690   1.000 36.264 0 1838 ASN AAA CB   1 ? 
ATOM   932  C  CG   . ASN A 1 59 ? -1.473  -10.059 4.637   1.000 41.539 0 1838 ASN AAA CG   1 ? 
ATOM   933  O  OD1  . ASN A 1 59 ? -1.864  -11.154 4.214   1.000 43.756 0 1838 ASN AAA OD1  1 ? 
ATOM   934  N  ND2  . ASN A 1 59 ? -1.187  -9.841  5.913   1.000 38.533 0 1838 ASN AAA ND2  1 ? 
ATOM   935  H  H    . ASN A 1 59 ? 0.692   -9.938  2.657   1.000 35.045 0 1838 ASN AAA H    1 c 
ATOM   936  H  HA   . ASN A 1 59 ? -1.914  -9.999  2.069   1.000 36.775 0 1838 ASN AAA HA   1 c 
ATOM   937  H  HB2  . ASN A 1 59 ? -0.511  -8.383  3.932   1.000 37.481 0 1838 ASN AAA HB2  1 c 
ATOM   938  H  HB3  . ASN A 1 59 ? -2.087  -8.291  3.784   1.000 37.489 0 1838 ASN AAA HB3  1 c 
ATOM   939  H  HD21 . ASN A 1 59 ? -1.251  -10.500 6.499   1.000 39.442 0 1838 ASN AAA HD21 1 c 
ATOM   940  H  HD22 . ASN A 1 59 ? -0.933  -9.037  6.180   1.000 39.423 0 1838 ASN AAA HD22 1 c 
ATOM   941  N  N    . ILE A 1 60 ? -0.370  -7.338  1.082   1.000 40.018 0 1839 ILE AAA N    1 ? 
ATOM   942  C  CA   . ILE A 1 60 ? -0.426  -6.158  0.171   1.000 40.853 0 1839 ILE AAA CA   1 ? 
ATOM   943  C  C    . ILE A 1 60 ? -0.557  -6.667  -1.264  1.000 40.800 0 1839 ILE AAA C    1 ? 
ATOM   944  O  O    . ILE A 1 60 ? -1.482  -6.228  -1.930  1.000 41.150 0 1839 ILE AAA O    1 ? 
ATOM   945  C  CB   . ILE A 1 60 ? 0.788   -5.237  0.379   1.000 39.610 0 1839 ILE AAA CB   1 ? 
ATOM   946  C  CG1  . ILE A 1 60 ? 0.701   -4.532  1.736   1.000 41.577 0 1839 ILE AAA CG1  1 ? 
ATOM   947  C  CG2  . ILE A 1 60 ? 0.911   -4.254  -0.767  1.000 39.496 0 1839 ILE AAA CG2  1 ? 
ATOM   948  C  CD1  . ILE A 1 60 ? 1.944   -3.757  2.129   1.000 43.386 0 1839 ILE AAA CD1  1 ? 
ATOM   949  H  H    . ILE A 1 60 ? 0.429   -7.442  1.507   1.000 40.099 0 1839 ILE AAA H    1 c 
ATOM   950  H  HA   . ILE A 1 60 ? -1.229  -5.649  0.387   1.000 40.449 0 1839 ILE AAA HA   1 c 
ATOM   951  H  HB   . ILE A 1 60 ? 1.600   -5.802  0.384   1.000 40.195 0 1839 ILE AAA HB   1 c 
ATOM   952  H  HG12 . ILE A 1 60 ? -0.059  -3.912  1.717   1.000 41.520 0 1839 ILE AAA HG12 1 c 
ATOM   953  H  HG13 . ILE A 1 60 ? 0.521   -5.204  2.427   1.000 41.509 0 1839 ILE AAA HG13 1 c 
ATOM   954  H  HG21 . ILE A 1 60 ? 1.082   -4.734  -1.595  1.000 39.545 0 1839 ILE AAA HG21 1 c 
ATOM   955  H  HG22 . ILE A 1 60 ? 1.646   -3.641  -0.596  1.000 39.554 0 1839 ILE AAA HG22 1 c 
ATOM   956  H  HG23 . ILE A 1 60 ? 0.084   -3.748  -0.852  1.000 39.543 0 1839 ILE AAA HG23 1 c 
ATOM   957  H  HD11 . ILE A 1 60 ? 2.716   -4.348  2.108   1.000 42.803 0 1839 ILE AAA HD11 1 c 
ATOM   958  H  HD12 . ILE A 1 60 ? 1.835   -3.402  3.028   1.000 42.815 0 1839 ILE AAA HD12 1 c 
ATOM   959  H  HD13 . ILE A 1 60 ? 2.083   -3.022  1.507   1.000 42.803 0 1839 ILE AAA HD13 1 c 
ATOM   960  N  N    . GLU A 1 61 ? 0.315   -7.581  -1.698  1.000 45.705 0 1840 GLU AAA N    1 ? 
ATOM   961  C  CA   . GLU A 1 61 ? 0.286   -8.185  -3.064  1.000 49.488 0 1840 GLU AAA CA   1 ? 
ATOM   962  C  C    . GLU A 1 61 ? -1.126  -8.744  -3.312  1.000 46.108 0 1840 GLU AAA C    1 ? 
ATOM   963  O  O    . GLU A 1 61 ? -1.726  -8.368  -4.315  1.000 38.826 0 1840 GLU AAA O    1 ? 
ATOM   964  C  CB   . GLU A 1 61 ? 1.393   -9.234  -3.244  1.000 55.335 0 1840 GLU AAA CB   1 ? 
ATOM   965  C  CG   . GLU A 1 61 ? 2.817   -8.662  -3.202  1.000 69.028 0 1840 GLU AAA CG   1 ? 
ATOM   966  C  CD   . GLU A 1 61 ? 3.930   -9.585  -2.675  1.000 83.414 0 1840 GLU AAA CD   1 ? 
ATOM   967  O  OE1  . GLU A 1 61 ? 3.760   -10.840 -2.707  1.000 86.450 0 1840 GLU AAA OE1  1 ? 
ATOM   968  O  OE2  . GLU A 1 61 ? 4.988   -9.057  -2.226  1.000 80.368 0 1840 GLU AAA OE2  1 ? 
ATOM   969  H  H    . GLU A 1 61 ? 0.990   -7.896  -1.173  1.000 45.444 0 1840 GLU AAA H    1 c 
ATOM   970  H  HA   . GLU A 1 61 ? 0.445   -7.461  -3.713  1.000 49.103 0 1840 GLU AAA HA   1 c 
ATOM   971  H  HB2  . GLU A 1 61 ? 1.300   -9.906  -2.537  1.000 56.843 0 1840 GLU AAA HB2  1 c 
ATOM   972  H  HB3  . GLU A 1 61 ? 1.257   -9.684  -4.104  1.000 56.794 0 1840 GLU AAA HB3  1 c 
ATOM   973  H  HG2  . GLU A 1 61 ? 3.063   -8.385  -4.110  1.000 68.432 0 1840 GLU AAA HG2  1 c 
ATOM   974  H  HG3  . GLU A 1 61 ? 2.811   -7.853  -2.649  1.000 68.206 0 1840 GLU AAA HG3  1 c 
ATOM   975  N  N    . ARG A 1 62 ? -1.669  -9.548  -2.395  1.000 47.791 0 1841 ARG AAA N    1 ? 
ATOM   976  C  CA   . ARG A 1 62 ? -3.036  -10.130 -2.509  1.000 46.843 0 1841 ARG AAA CA   1 ? 
ATOM   977  C  C    . ARG A 1 62 ? -4.076  -9.010  -2.682  1.000 44.390 0 1841 ARG AAA C    1 ? 
ATOM   978  O  O    . ARG A 1 62 ? -4.879  -9.105  -3.635  1.000 46.612 0 1841 ARG AAA O    1 ? 
ATOM   979  C  CB   . ARG A 1 62 ? -3.373  -10.983 -1.283  1.000 51.001 0 1841 ARG AAA CB   1 ? 
ATOM   980  C  CG   . ARG A 1 62 ? -4.714  -11.703 -1.370  1.000 54.701 0 1841 ARG AAA CG   1 ? 
ATOM   981  C  CD   . ARG A 1 62 ? -4.797  -12.855 -0.384  1.000 59.288 0 1841 ARG AAA CD   1 ? 
ATOM   982  N  NE   . ARG A 1 62 ? -4.750  -12.382 1.000   1.000 60.192 0 1841 ARG AAA NE   1 ? 
ATOM   983  C  CZ   . ARG A 1 62 ? -4.083  -12.966 2.001   1.000 58.599 0 1841 ARG AAA CZ   1 ? 
ATOM   984  N  NH1  . ARG A 1 62 ? -3.355  -14.058 1.807   1.000 58.922 0 1841 ARG AAA NH1  1 ? 
ATOM   985  N  NH2  . ARG A 1 62 ? -4.134  -12.432 3.209   1.000 59.395 0 1841 ARG AAA NH2  1 ? 
ATOM   986  H  H    . ARG A 1 62 ? -1.228  -9.792  -1.635  1.000 47.185 0 1841 ARG AAA H    1 c 
ATOM   987  H  HA   . ARG A 1 62 ? -3.061  -10.704 -3.307  1.000 47.305 0 1841 ARG AAA HA   1 c 
ATOM   988  H  HB2  . ARG A 1 62 ? -2.665  -11.650 -1.163  1.000 50.807 0 1841 ARG AAA HB2  1 c 
ATOM   989  H  HB3  . ARG A 1 62 ? -3.377  -10.405 -0.491  1.000 50.820 0 1841 ARG AAA HB3  1 c 
ATOM   990  H  HG2  . ARG A 1 62 ? -5.439  -11.069 -1.185  1.000 54.815 0 1841 ARG AAA HG2  1 c 
ATOM   991  H  HG3  . ARG A 1 62 ? -4.837  -12.050 -2.278  1.000 54.815 0 1841 ARG AAA HG3  1 c 
ATOM   992  H  HD2  . ARG A 1 62 ? -5.633  -13.347 -0.530  1.000 58.377 0 1841 ARG AAA HD2  1 c 
ATOM   993  H  HD3  . ARG A 1 62 ? -4.053  -13.470 -0.548  1.000 58.365 0 1841 ARG AAA HD3  1 c 
ATOM   994  H  HE   . ARG A 1 62 ? -5.211  -11.667 1.193   1.000 59.565 0 1841 ARG AAA HE   1 c 
ATOM   995  H  HH11 . ARG A 1 62 ? -3.311  -14.427 1.014   1.000 58.869 0 1841 ARG AAA HH11 1 c 
ATOM   996  H  HH12 . ARG A 1 62 ? -2.925  -14.419 2.482   1.000 58.871 0 1841 ARG AAA HH12 1 c 
ATOM   997  H  HH21 . ARG A 1 62 ? -4.611  -11.704 3.348   1.000 59.156 0 1841 ARG AAA HH21 1 c 
ATOM   998  H  HH22 . ARG A 1 62 ? -3.693  -12.805 3.874   1.000 59.156 0 1841 ARG AAA HH22 1 c 
ATOM   999  N  N    . ALA A 1 63 ? -4.096  -8.005  -1.798  1.000 37.766 0 1842 ALA AAA N    1 ? 
ATOM   1000 C  CA   . ALA A 1 63 ? -5.090  -6.897  -1.821  1.000 38.756 0 1842 ALA AAA CA   1 ? 
ATOM   1001 C  C    . ALA A 1 63 ? -5.029  -6.157  -3.166  1.000 43.714 0 1842 ALA AAA C    1 ? 
ATOM   1002 O  O    . ALA A 1 63 ? -6.093  -5.815  -3.707  1.000 46.651 0 1842 ALA AAA O    1 ? 
ATOM   1003 C  CB   . ALA A 1 63 ? -4.856  -5.935  -0.682  1.000 36.830 0 1842 ALA AAA CB   1 ? 
ATOM   1004 H  H    . ALA A 1 63 ? -3.497  -7.926  -1.115  1.000 39.473 0 1842 ALA AAA H    1 c 
ATOM   1005 H  HA   . ALA A 1 63 ? -5.989  -7.286  -1.723  1.000 39.086 0 1842 ALA AAA HA   1 c 
ATOM   1006 H  HB1  . ALA A 1 63 ? -5.515  -5.222  -0.719  1.000 37.422 0 1842 ALA AAA HB1  1 c 
ATOM   1007 H  HB2  . ALA A 1 63 ? -4.938  -6.406  0.164   1.000 37.422 0 1842 ALA AAA HB2  1 c 
ATOM   1008 H  HB3  . ALA A 1 63 ? -3.965  -5.554  -0.755  1.000 37.422 0 1842 ALA AAA HB3  1 c 
ATOM   1009 N  N    . LEU A 1 64 ? -3.826  -5.907  -3.685  1.000 42.510 0 1843 LEU AAA N    1 ? 
ATOM   1010 C  CA   . LEU A 1 64 ? -3.620  -5.117  -4.926  1.000 47.227 0 1843 LEU AAA CA   1 ? 
ATOM   1011 C  C    . LEU A 1 64 ? -4.118  -5.914  -6.138  1.000 48.383 0 1843 LEU AAA C    1 ? 
ATOM   1012 O  O    . LEU A 1 64 ? -4.689  -5.281  -7.044  1.000 52.656 0 1843 LEU AAA O    1 ? 
ATOM   1013 C  CB   . LEU A 1 64 ? -2.142  -4.727  -5.062  1.000 45.016 0 1843 LEU AAA CB   1 ? 
ATOM   1014 C  CG   . LEU A 1 64 ? -1.678  -3.573  -4.168  1.000 46.288 0 1843 LEU AAA CG   1 ? 
ATOM   1015 C  CD1  . LEU A 1 64 ? -0.202  -3.304  -4.366  1.000 45.774 0 1843 LEU AAA CD1  1 ? 
ATOM   1016 C  CD2  . LEU A 1 64 ? -2.467  -2.298  -4.432  1.000 49.928 0 1843 LEU AAA CD2  1 ? 
ATOM   1017 H  H    . LEU A 1 64 ? -3.055  -6.206  -3.303  1.000 43.861 0 1843 LEU AAA H    1 c 
ATOM   1018 H  HA   . LEU A 1 64 ? -4.164  -4.300  -4.856  1.000 46.112 0 1843 LEU AAA HA   1 c 
ATOM   1019 H  HB2  . LEU A 1 64 ? -1.595  -5.514  -4.862  1.000 45.840 0 1843 LEU AAA HB2  1 c 
ATOM   1020 H  HB3  . LEU A 1 64 ? -1.973  -4.482  -5.993  1.000 45.894 0 1843 LEU AAA HB3  1 c 
ATOM   1021 H  HG   . LEU A 1 64 ? -1.821  -3.836  -3.226  1.000 46.618 0 1843 LEU AAA HG   1 c 
ATOM   1022 H  HD11 . LEU A 1 64 ? 0.306   -4.103  -4.145  1.000 45.942 0 1843 LEU AAA HD11 1 c 
ATOM   1023 H  HD12 . LEU A 1 64 ? 0.075   -2.573  -3.786  1.000 45.944 0 1843 LEU AAA HD12 1 c 
ATOM   1024 H  HD13 . LEU A 1 64 ? -0.037  -3.061  -5.294  1.000 45.942 0 1843 LEU AAA HD13 1 c 
ATOM   1025 H  HD21 . LEU A 1 64 ? -2.420  -2.076  -5.379  1.000 48.771 0 1843 LEU AAA HD21 1 c 
ATOM   1026 H  HD22 . LEU A 1 64 ? -2.088  -1.570  -3.910  1.000 48.741 0 1843 LEU AAA HD22 1 c 
ATOM   1027 H  HD23 . LEU A 1 64 ? -3.396  -2.428  -4.175  1.000 48.762 0 1843 LEU AAA HD23 1 c 
ATOM   1028 N  N    . LYS A 1 65 ? -3.926  -7.236  -6.153  1.000 50.965 0 1844 LYS AAA N    1 ? 
ATOM   1029 C  CA   . LYS A 1 65 ? -4.446  -8.146  -7.215  1.000 55.069 0 1844 LYS AAA CA   1 ? 
ATOM   1030 C  C    . LYS A 1 65 ? -5.959  -7.949  -7.365  1.000 54.208 0 1844 LYS AAA C    1 ? 
ATOM   1031 O  O    . LYS A 1 65 ? -6.436  -7.957  -8.510  1.000 56.305 0 1844 LYS AAA O    1 ? 
ATOM   1032 C  CB   . LYS A 1 65 ? -4.140  -9.621  -6.916  1.000 61.219 0 1844 LYS AAA CB   1 ? 
ATOM   1033 C  CG   . LYS A 1 65 ? -2.902  -10.178 -7.618  1.000 68.757 0 1844 LYS AAA CG   1 ? 
ATOM   1034 C  CD   . LYS A 1 65 ? -2.566  -11.621 -7.256  1.000 72.626 0 1844 LYS AAA CD   1 ? 
ATOM   1035 C  CE   . LYS A 1 65 ? -1.991  -12.409 -8.416  1.000 72.910 0 1844 LYS AAA CE   1 ? 
ATOM   1036 N  NZ   . LYS A 1 65 ? -3.063  -12.836 -9.342  1.000 74.638 0 1844 LYS AAA NZ   1 ? 
ATOM   1037 H  H    . LYS A 1 65 ? -3.448  -7.665  -5.507  1.000 51.303 0 1844 LYS AAA H    1 c 
ATOM   1038 H  HA   . LYS A 1 65 ? -4.015  -7.900  -8.066  1.000 55.230 0 1844 LYS AAA HA   1 c 
ATOM   1039 H  HB2  . LYS A 1 65 ? -4.023  -9.726  -5.950  1.000 61.287 0 1844 LYS AAA HB2  1 c 
ATOM   1040 H  HB3  . LYS A 1 65 ? -4.914  -10.160 -7.182  1.000 61.332 0 1844 LYS AAA HB3  1 c 
ATOM   1041 H  HG2  . LYS A 1 65 ? -3.038  -10.116 -8.587  1.000 67.784 0 1844 LYS AAA HG2  1 c 
ATOM   1042 H  HG3  . LYS A 1 65 ? -2.134  -9.610  -7.391  1.000 67.764 0 1844 LYS AAA HG3  1 c 
ATOM   1043 H  HD2  . LYS A 1 65 ? -1.915  -11.620 -6.524  1.000 71.750 0 1844 LYS AAA HD2  1 c 
ATOM   1044 H  HD3  . LYS A 1 65 ? -3.378  -12.068 -6.938  1.000 71.736 0 1844 LYS AAA HD3  1 c 
ATOM   1045 H  HE2  . LYS A 1 65 ? -1.349  -11.859 -8.902  1.000 73.244 0 1844 LYS AAA HE2  1 c 
ATOM   1046 H  HE3  . LYS A 1 65 ? -1.526  -13.198 -8.080  1.000 73.244 0 1844 LYS AAA HE3  1 c 
ATOM   1047 H  HZ1  . LYS A 1 65 ? -3.651  -13.371 -8.906  1.000 74.093 0 1844 LYS AAA HZ1  1 c 
ATOM   1048 H  HZ2  . LYS A 1 65 ? -2.704  -13.294 -10.037 1.000 74.097 0 1844 LYS AAA HZ2  1 c 
ATOM   1049 H  HZ3  . LYS A 1 65 ? -3.503  -12.110 -9.661  1.000 74.077 0 1844 LYS AAA HZ3  1 c 
ATOM   1050 N  N    . GLN A 1 66 ? -6.673  -7.777  -6.252  1.000 51.144 0 1845 GLN AAA N    1 ? 
ATOM   1051 C  CA   . GLN A 1 66 ? -8.152  -7.666  -6.232  1.000 56.480 0 1845 GLN AAA CA   1 ? 
ATOM   1052 C  C    . GLN A 1 66 ? -8.560  -6.235  -6.570  1.000 52.581 0 1845 GLN AAA C    1 ? 
ATOM   1053 O  O    . GLN A 1 66 ? -9.508  -6.062  -7.350  1.000 52.601 0 1845 GLN AAA O    1 ? 
ATOM   1054 C  CB   . GLN A 1 66 ? -8.705  -8.145  -4.891  1.000 64.328 0 1845 GLN AAA CB   1 ? 
ATOM   1055 C  CG   . GLN A 1 66 ? -8.991  -9.641  -4.907  1.000 75.337 0 1845 GLN AAA CG   1 ? 
ATOM   1056 C  CD   . GLN A 1 66 ? -9.460  -10.176 -3.575  1.000 84.307 0 1845 GLN AAA CD   1 ? 
ATOM   1057 O  OE1  . GLN A 1 66 ? -8.824  -11.048 -2.978  1.000 89.062 0 1845 GLN AAA OE1  1 ? 
ATOM   1058 N  NE2  . GLN A 1 66 ? -10.585 -9.657  -3.103  1.000 81.970 0 1845 GLN AAA NE2  1 ? 
ATOM   1059 H  H    . GLN A 1 66 ? -6.288  -7.719  -5.429  1.000 53.128 0 1845 GLN AAA H    1 c 
ATOM   1060 H  HA   . GLN A 1 66 ? -8.505  -8.256  -6.936  1.000 56.112 0 1845 GLN AAA HA   1 c 
ATOM   1061 H  HB2  . GLN A 1 66 ? -8.056  -7.943  -4.186  1.000 64.687 0 1845 GLN AAA HB2  1 c 
ATOM   1062 H  HB3  . GLN A 1 66 ? -9.532  -7.657  -4.696  1.000 64.750 0 1845 GLN AAA HB3  1 c 
ATOM   1063 H  HG2  . GLN A 1 66 ? -9.678  -9.827  -5.581  1.000 74.457 0 1845 GLN AAA HG2  1 c 
ATOM   1064 H  HG3  . GLN A 1 66 ? -8.179  -10.118 -5.173  1.000 74.442 0 1845 GLN AAA HG3  1 c 
ATOM   1065 H  HE21 . GLN A 1 66 ? -10.852 -9.852  -2.282  1.000 82.652 0 1845 GLN AAA HE21 1 c 
ATOM   1066 H  HE22 . GLN A 1 66 ? -11.071 -9.118  -3.608  1.000 82.545 0 1845 GLN AAA HE22 1 c 
ATOM   1067 N  N    . LEU A 1 67 ? -7.847  -5.253  -6.038  1.000 48.256 0 1846 LEU AAA N    1 ? 
ATOM   1068 C  CA   . LEU A 1 67 ? -8.062  -3.817  -6.344  1.000 48.059 0 1846 LEU AAA CA   1 ? 
ATOM   1069 C  C    . LEU A 1 67 ? -7.827  -3.529  -7.844  1.000 53.843 0 1846 LEU AAA C    1 ? 
ATOM   1070 O  O    . LEU A 1 67 ? -8.666  -2.854  -8.460  1.000 50.645 0 1846 LEU AAA O    1 ? 
ATOM   1071 C  CB   . LEU A 1 67 ? -7.094  -3.024  -5.467  1.000 50.840 0 1846 LEU AAA CB   1 ? 
ATOM   1072 C  CG   . LEU A 1 67 ? -7.514  -1.604  -5.118  1.000 54.012 0 1846 LEU AAA CG   1 ? 
ATOM   1073 C  CD1  . LEU A 1 67 ? -8.719  -1.606  -4.172  1.000 51.676 0 1846 LEU AAA CD1  1 ? 
ATOM   1074 C  CD2  . LEU A 1 67 ? -6.328  -0.849  -4.527  1.000 54.890 0 1846 LEU AAA CD2  1 ? 
ATOM   1075 H  H    . LEU A 1 67 ? -7.170  -5.409  -5.448  1.000 49.233 0 1846 LEU AAA H    1 c 
ATOM   1076 H  HA   . LEU A 1 67 ? -8.990  -3.583  -6.115  1.000 49.695 0 1846 LEU AAA HA   1 c 
ATOM   1077 H  HB2  . LEU A 1 67 ? -6.962  -3.515  -4.631  1.000 50.882 0 1846 LEU AAA HB2  1 c 
ATOM   1078 H  HB3  . LEU A 1 67 ? -6.230  -2.986  -5.923  1.000 50.917 0 1846 LEU AAA HB3  1 c 
ATOM   1079 H  HG   . LEU A 1 67 ? -7.783  -1.150  -5.954  1.000 53.070 0 1846 LEU AAA HG   1 c 
ATOM   1080 H  HD11 . LEU A 1 67 ? -9.482  -2.014  -4.617  1.000 52.372 0 1846 LEU AAA HD11 1 c 
ATOM   1081 H  HD12 . LEU A 1 67 ? -8.940  -0.691  -3.927  1.000 52.383 0 1846 LEU AAA HD12 1 c 
ATOM   1082 H  HD13 . LEU A 1 67 ? -8.501  -2.113  -3.371  1.000 52.383 0 1846 LEU AAA HD13 1 c 
ATOM   1083 H  HD21 . LEU A 1 67 ? -6.024  -1.301  -3.720  1.000 54.606 0 1846 LEU AAA HD21 1 c 
ATOM   1084 H  HD22 . LEU A 1 67 ? -6.598  0.059   -4.305  1.000 54.582 0 1846 LEU AAA HD22 1 c 
ATOM   1085 H  HD23 . LEU A 1 67 ? -5.603  -0.822  -5.175  1.000 54.599 0 1846 LEU AAA HD23 1 c 
ATOM   1086 N  N    . LEU A 1 68 ? -6.726  -4.018  -8.423  1.000 52.172 0 1847 LEU AAA N    1 ? 
ATOM   1087 C  CA   . LEU A 1 68 ? -6.242  -3.627  -9.771  1.000 52.298 0 1847 LEU AAA CA   1 ? 
ATOM   1088 C  C    . LEU A 1 68 ? -6.511  -4.754  -10.773 1.000 54.537 0 1847 LEU AAA C    1 ? 
ATOM   1089 O  O    . LEU A 1 68 ? -6.023  -4.643  -11.900 1.000 48.924 0 1847 LEU AAA O    1 ? 
ATOM   1090 C  CB   . LEU A 1 68 ? -4.738  -3.332  -9.689  1.000 53.518 0 1847 LEU AAA CB   1 ? 
ATOM   1091 C  CG   . LEU A 1 68 ? -4.262  -2.434  -8.540  1.000 51.132 0 1847 LEU AAA CG   1 ? 
ATOM   1092 C  CD1  . LEU A 1 68 ? -2.738  -2.362  -8.512  1.000 48.416 0 1847 LEU AAA CD1  1 ? 
ATOM   1093 C  CD2  . LEU A 1 68 ? -4.864  -1.034  -8.639  1.000 52.993 0 1847 LEU AAA CD2  1 ? 
ATOM   1094 H  H    . LEU A 1 68 ? -6.194  -4.634  -8.013  1.000 52.606 0 1847 LEU AAA H    1 c 
ATOM   1095 H  HA   . LEU A 1 68 ? -6.723  -2.818  -10.060 1.000 52.930 0 1847 LEU AAA HA   1 c 
ATOM   1096 H  HB2  . LEU A 1 68 ? -4.268  -4.185  -9.618  1.000 52.743 0 1847 LEU AAA HB2  1 c 
ATOM   1097 H  HB3  . LEU A 1 68 ? -4.464  -2.918  -10.531 1.000 52.675 0 1847 LEU AAA HB3  1 c 
ATOM   1098 H  HG   . LEU A 1 68 ? -4.565  -2.835  -7.688  1.000 51.403 0 1847 LEU AAA HG   1 c 
ATOM   1099 H  HD11 . LEU A 1 68 ? -2.374  -3.252  -8.369  1.000 49.300 0 1847 LEU AAA HD11 1 c 
ATOM   1100 H  HD12 . LEU A 1 68 ? -2.454  -1.776  -7.789  1.000 49.260 0 1847 LEU AAA HD12 1 c 
ATOM   1101 H  HD13 . LEU A 1 68 ? -2.413  -2.012  -9.359  1.000 49.260 0 1847 LEU AAA HD13 1 c 
ATOM   1102 H  HD21 . LEU A 1 68 ? -4.614  -0.632  -9.490  1.000 52.417 0 1847 LEU AAA HD21 1 c 
ATOM   1103 H  HD22 . LEU A 1 68 ? -4.528  -0.483  -7.911  1.000 52.417 0 1847 LEU AAA HD22 1 c 
ATOM   1104 H  HD23 . LEU A 1 68 ? -5.834  -1.090  -8.581  1.000 52.417 0 1847 LEU AAA HD23 1 c 
ATOM   1105 N  N    . ASP A 1 69 ? -7.249  -5.795  -10.369 1.000 69.085 0 1848 ASP AAA N    1 ? 
ATOM   1106 C  CA   . ASP A 1 69 ? -7.571  -7.006  -11.182 1.000 75.605 0 1848 ASP AAA CA   1 ? 
ATOM   1107 C  C    . ASP A 1 69 ? -6.359  -7.394  -12.031 1.000 76.974 0 1848 ASP AAA C    1 ? 
ATOM   1108 O  O    . ASP A 1 69 ? -6.495  -7.419  -13.266 1.000 77.541 0 1848 ASP AAA O    1 ? 
ATOM   1109 C  CB   . ASP A 1 69 ? -8.833  -6.803  -12.023 1.000 80.180 0 1848 ASP AAA CB   1 ? 
ATOM   1110 C  CG   . ASP A 1 69 ? -10.069 -6.722  -11.143 1.000 89.034 0 1848 ASP AAA CG   1 ? 
ATOM   1111 O  OD1  . ASP A 1 69 ? -10.633 -7.794  -10.826 1.000 87.194 0 1848 ASP AAA OD1  1 ? 
ATOM   1112 O  OD2  . ASP A 1 69 ? -10.418 -5.593  -10.726 1.000 86.993 0 1848 ASP AAA OD2  1 ? 
ATOM   1113 H  H    . ASP A 1 69 ? -7.617  -5.830  -9.539  1.000 66.634 0 1848 ASP AAA H    1 c 
ATOM   1114 H  HA   . ASP A 1 69 ? -7.751  -7.746  -10.558 1.000 75.384 0 1848 ASP AAA HA   1 c 
ATOM   1115 H  HB2  . ASP A 1 69 ? -8.756  -5.976  -12.539 1.000 81.046 0 1848 ASP AAA HB2  1 c 
ATOM   1116 H  HB3  . ASP A 1 69 ? -8.941  -7.550  -12.646 1.000 81.040 0 1848 ASP AAA HB3  1 c 
ATOM   1117 N  N    . ARG A 1 70 ? -5.230  -7.661  -11.367 1.000 80.064 0 1849 ARG AAA N    1 ? 
ATOM   1118 C  CA   . ARG A 1 70 ? -3.981  -8.211  -11.959 1.000 78.754 0 1849 ARG AAA CA   1 ? 
ATOM   1119 C  C    . ARG A 1 70 ? -3.893  -9.702  -11.631 1.000 79.718 0 1849 ARG AAA C    1 ? 
ATOM   1120 O  O    . ARG A 1 70 ? -2.926  -10.374 -11.983 1.000 77.975 0 1849 ARG AAA O    1 ? 
ATOM   1121 C  CB   . ARG A 1 70 ? -2.748  -7.517  -11.377 1.000 80.073 0 1849 ARG AAA CB   1 ? 
ATOM   1122 C  CG   . ARG A 1 70 ? -2.767  -6.001  -11.507 1.000 86.533 0 1849 ARG AAA CG   1 ? 
ATOM   1123 C  CD   . ARG A 1 70 ? -1.494  -5.363  -10.992 1.000 86.299 0 1849 ARG AAA CD   1 ? 
ATOM   1124 N  NE   . ARG A 1 70 ? -1.189  -5.811  -9.639  1.000 89.089 0 1849 ARG AAA NE   1 ? 
ATOM   1125 C  CZ   . ARG A 1 70 ? -0.340  -5.209  -8.811  1.000 88.909 0 1849 ARG AAA CZ   1 ? 
ATOM   1126 N  NH1  . ARG A 1 70 ? 0.309   -4.115  -9.183  1.000 80.289 0 1849 ARG AAA NH1  1 ? 
ATOM   1127 N  NH2  . ARG A 1 70 ? -0.149  -5.710  -7.602  1.000 88.666 0 1849 ARG AAA NH2  1 ? 
ATOM   1128 O  OXT  . ARG A 1 70 ? -4.785  -10.244 -10.984 1.000 79.959 0 1849 ARG AAA OXT  1 ? 
ATOM   1129 H  H    . ARG A 1 70 ? -5.158  -7.516  -10.472 1.000 78.993 0 1849 ARG AAA H    1 c 
ATOM   1130 H  HA   . ARG A 1 70 ? -4.002  -8.088  -12.937 1.000 79.432 0 1849 ARG AAA HA   1 c 
ATOM   1131 H  HB2  . ARG A 1 70 ? -2.680  -7.756  -10.431 1.000 81.269 0 1849 ARG AAA HB2  1 c 
ATOM   1132 H  HB3  . ARG A 1 70 ? -1.952  -7.862  -11.833 1.000 81.237 0 1849 ARG AAA HB3  1 c 
ATOM   1133 H  HG2  . ARG A 1 70 ? -2.885  -5.759  -12.451 1.000 84.891 0 1849 ARG AAA HG2  1 c 
ATOM   1134 H  HG3  . ARG A 1 70 ? -3.529  -5.644  -11.007 1.000 84.789 0 1849 ARG AAA HG3  1 c 
ATOM   1135 H  HD2  . ARG A 1 70 ? -0.749  -5.593  -11.588 1.000 87.002 0 1849 ARG AAA HD2  1 c 
ATOM   1136 H  HD3  . ARG A 1 70 ? -1.598  -4.387  -10.998 1.000 86.983 0 1849 ARG AAA HD3  1 c 
ATOM   1137 H  HE   . ARG A 1 70 ? -1.594  -6.523  -9.346  1.000 88.146 0 1849 ARG AAA HE   1 c 
ATOM   1138 H  HH11 . ARG A 1 70 ? 0.188   -3.778  -9.984  1.000 83.280 0 1849 ARG AAA HH11 1 c 
ATOM   1139 H  HH12 . ARG A 1 70 ? 0.869   -3.730  -8.625  1.000 83.270 0 1849 ARG AAA HH12 1 c 
ATOM   1140 H  HH21 . ARG A 1 70 ? -0.582  -6.437  -7.354  1.000 88.445 0 1849 ARG AAA HH21 1 c 
ATOM   1141 H  HH22 . ARG A 1 70 ? 0.412   -5.319  -7.047  1.000 88.445 0 1849 ARG AAA HH22 1 c 
HETATM 1142 C  C    . FMT B 2 .  ? 12.863  -10.051 3.602   0.800 37.287 0 1901 FMT AAA C    1 ? 
HETATM 1143 O  O1   . FMT B 2 .  ? 12.896  -9.022  4.260   0.800 36.992 0 1901 FMT AAA O1   1 ? 
HETATM 1144 O  O2   . FMT B 2 .  ? 11.882  -10.927 3.615   0.800 28.446 0 1901 FMT AAA O2   1 ? 
HETATM 1145 H  H    . FMT B 2 .  ? 13.602  -10.250 3.026   0.800 34.913 0 1901 FMT AAA H    1 c 
HETATM 1146 H  HO2  . FMT B 2 .  ? 11.190  -10.651 4.211   0.000 28.730 0 1901 FMT AAA HO2  1 c 
HETATM 1147 CL CL   . CL  C 3 .  ? 6.315   -6.060  8.182   1.000 37.783 0 1902 CL  AAA CL   1 ? 
HETATM 1148 ZN ZN   . ZN  D 4 .  ? 3.587   -5.275  8.704   0.300 49.379 0 1903 ZN  AAA ZN   1 ? 
HETATM 1149 O  O    . HOH E 5 .  ? 9.327   8.654   8.814   1.000 56.504 0 2001 HOH AAA O    1 ? 
HETATM 1150 O  O    . HOH E 5 .  ? 6.925   13.097  3.148   1.000 41.910 0 2002 HOH AAA O    1 ? 
HETATM 1151 O  O    . HOH E 5 .  ? 6.446   -7.692  -3.070  1.000 51.978 0 2003 HOH AAA O    1 ? 
HETATM 1152 O  O    . HOH E 5 .  ? 4.590   5.007   -9.814  1.000 30.136 0 2004 HOH AAA O    1 ? 
HETATM 1153 O  O    . HOH E 5 .  ? 2.459   11.274  -3.024  1.000 43.390 0 2005 HOH AAA O    1 ? 
HETATM 1154 O  O    . HOH E 5 .  ? 4.072   -3.452  -9.916  1.000 50.873 0 2006 HOH AAA O    1 ? 
HETATM 1155 O  O    . HOH E 5 .  ? 11.523  -11.891 5.972   1.000 41.147 0 2007 HOH AAA O    1 ? 
HETATM 1156 O  O    . HOH E 5 .  ? -8.140  12.491  -4.499  1.000 46.940 0 2008 HOH AAA O    1 ? 
HETATM 1157 O  O    . HOH E 5 .  ? -10.812 10.483  0.277   1.000 59.868 0 2009 HOH AAA O    1 ? 
HETATM 1158 O  O    . HOH E 5 .  ? 7.543   -10.085 -1.125  1.000 39.791 0 2010 HOH AAA O    1 ? 
HETATM 1159 O  O    . HOH E 5 .  ? 9.018   0.773   -8.259  1.000 43.883 0 2011 HOH AAA O    1 ? 
HETATM 1160 O  O    . HOH E 5 .  ? 6.391   0.177   7.724   1.000 30.968 0 2012 HOH AAA O    1 ? 
HETATM 1161 O  O    . HOH E 5 .  ? 12.357  1.979   -3.134  1.000 36.162 0 2013 HOH AAA O    1 ? 
HETATM 1162 O  O    . HOH E 5 .  ? -2.944  9.955   -6.488  1.000 53.095 0 2014 HOH AAA O    1 ? 
HETATM 1163 O  O    . HOH E 5 .  ? -0.238  -12.835 -1.683  1.000 41.631 0 2015 HOH AAA O    1 ? 
HETATM 1164 O  O    . HOH E 5 .  ? -4.746  -8.883  1.952   1.000 37.327 0 2016 HOH AAA O    1 ? 
HETATM 1165 O  O    . HOH E 5 .  ? 13.368  -2.598  5.400   1.000 49.437 0 2017 HOH AAA O    1 ? 
HETATM 1166 O  O    . HOH E 5 .  ? -8.993  4.332   0.799   1.000 42.686 0 2018 HOH AAA O    1 ? 
HETATM 1167 O  O    . HOH E 5 .  ? 0.311   7.168   2.338   1.000 33.537 0 2019 HOH AAA O    1 ? 
HETATM 1168 O  O    . HOH E 5 .  ? 1.885   3.683   11.006  1.000 32.117 0 2020 HOH AAA O    1 ? 
HETATM 1169 O  O    . HOH E 5 .  ? -3.730  -1.954  11.712  1.000 47.358 0 2021 HOH AAA O    1 ? 
HETATM 1170 O  O    . HOH E 5 .  ? 5.051   14.774  -2.634  1.000 40.947 0 2022 HOH AAA O    1 ? 
HETATM 1171 O  O    . HOH E 5 .  ? 4.967   3.003   9.516   1.000 31.647 0 2023 HOH AAA O    1 ? 
HETATM 1172 O  O    . HOH E 5 .  ? -6.308  -11.446 -4.196  1.000 46.817 0 2024 HOH AAA O    1 ? 
HETATM 1173 O  O    . HOH E 5 .  ? 1.966   -13.048 -2.818  1.000 50.387 0 2025 HOH AAA O    1 ? 
HETATM 1174 O  O    . HOH E 5 .  ? 15.576  -2.660  -0.657  1.000 56.496 0 2026 HOH AAA O    1 ? 
HETATM 1175 O  O    . HOH E 5 .  ? -6.971  4.010   -10.878 1.000 44.623 0 2027 HOH AAA O    1 ? 
HETATM 1176 O  O    . HOH E 5 .  ? -9.610  2.211   -9.268  1.000 44.692 0 2028 HOH AAA O    1 ? 
HETATM 1177 O  O    . HOH E 5 .  ? -2.972  4.176   -9.655  1.000 41.817 0 2029 HOH AAA O    1 ? 
HETATM 1178 O  O    . HOH E 5 .  ? -1.864  13.303  -0.986  1.000 41.062 0 2030 HOH AAA O    1 ? 
HETATM 1179 O  O    . HOH E 5 .  ? 8.475   -7.132  -7.109  1.000 43.561 0 2031 HOH AAA O    1 ? 
HETATM 1180 O  O    . HOH E 5 .  ? -11.927 6.973   -2.027  1.000 43.734 0 2032 HOH AAA O    1 ? 
HETATM 1181 O  O    . HOH E 5 .  ? 12.317  -5.238  -6.132  1.000 38.180 0 2033 HOH AAA O    1 ? 
HETATM 1182 O  O    . HOH E 5 .  ? -17.857 8.137   -2.477  1.000 50.720 0 2034 HOH AAA O    1 ? 
HETATM 1183 O  O    . HOH E 5 .  ? -2.382  1.795   13.359  1.000 49.023 0 2035 HOH AAA O    1 ? 
HETATM 1184 O  O    . HOH E 5 .  ? -0.791  -7.433  11.763  1.000 56.450 0 2036 HOH AAA O    1 ? 
HETATM 1185 O  O    A HOH E 5 .  ? -15.905 7.843   -8.949  0.600 28.458 0 2037 HOH AAA O    1 ? 
HETATM 1186 O  O    B HOH E 5 .  ? -14.930 8.024   -10.644 0.400 23.408 0 2037 HOH AAA O    1 ? 
HETATM 1187 O  O    . HOH E 5 .  ? 7.257   4.334   10.802  1.000 52.943 0 2038 HOH AAA O    1 ? 
HETATM 1188 O  O    . HOH E 5 .  ? 8.563   6.143   8.477   1.000 46.295 0 2039 HOH AAA O    1 ? 
HETATM 1189 O  O    . HOH E 5 .  ? -3.933  6.677   -14.195 1.000 49.581 0 2040 HOH AAA O    1 ? 
HETATM 1190 O  O    . HOH E 5 .  ? -11.333 -1.890  1.471   1.000 57.278 0 2041 HOH AAA O    1 ? 
HETATM 1191 O  O    . HOH E 5 .  ? -1.957  -12.816 -4.226  1.000 45.930 0 2042 HOH AAA O    1 ? 
HETATM 1192 O  O    . HOH E 5 .  ? -10.401 5.851   -0.661  1.000 45.350 0 2043 HOH AAA O    1 ? 
HETATM 1193 O  O    . HOH E 5 .  ? -1.444  7.407   10.548  1.000 49.194 0 2044 HOH AAA O    1 ? 
HETATM 1194 O  O    . HOH E 5 .  ? -4.428  2.442   -10.601 1.000 50.856 0 2045 HOH AAA O    1 ? 
HETATM 1195 O  O    . HOH E 5 .  ? -1.372  7.319   -11.581 1.000 59.212 0 2046 HOH AAA O    1 ? 
HETATM 1196 O  O    . HOH E 5 .  ? 14.467  -5.279  5.620   1.000 68.730 0 2047 HOH AAA O    1 ? 
HETATM 1197 O  O    . HOH E 5 .  ? -7.842  12.434  3.698   1.000 52.277 0 2048 HOH AAA O    1 ? 
HETATM 1198 O  O    . HOH E 5 .  ? 15.298  -5.086  -1.531  1.000 52.670 0 2049 HOH AAA O    1 ? 
HETATM 1199 O  O    . HOH E 5 .  ? -1.170  9.825   -11.798 1.000 57.663 0 2050 HOH AAA O    1 ? 
HETATM 1200 O  O    . HOH E 5 .  ? 10.552  8.946   12.162  1.000 45.287 0 2051 HOH AAA O    1 ? 
# 
